data_7TLF
#
_entry.id   7TLF
#
_cell.length_a   88.249
_cell.length_b   132.237
_cell.length_c   93.413
_cell.angle_alpha   90.000
_cell.angle_beta   116.920
_cell.angle_gamma   90.000
#
_symmetry.space_group_name_H-M   'P 1 21 1'
#
loop_
_entity.id
_entity.type
_entity.pdbx_description
1 polymer 'Phycoerythrin alpha-subunit 1'
2 polymer 'Phycoerythrin beta-subunit'
3 polymer 'Phycoerythrin alpha-subunit 2'
4 non-polymer 15,16-DIHYDROBILIVERDIN
5 non-polymer PHYCOERYTHROBILIN
6 water water
#
loop_
_entity_poly.entity_id
_entity_poly.type
_entity_poly.pdbx_seq_one_letter_code
_entity_poly.pdbx_strand_id
1 'polypeptide(L)' GMDKSAKAPAITIFDHRGCSRAPKESSAKSGSQDDEMLVKVASTKVTVSEDVAAKKLQEFIGFKEKGLDGSVIRKK A,E,I,M
2 'polypeptide(L)'
;MLDAFSRVVTNADSKAAYVGGADLQALKKFISEGNKRLDAVNSIVSNASCIVSDAVSGMICENPSLISPSGNCYTNRRMA
ACLRDAEIILRYVSYALLSGDSSVLEDRCLNGLKETYSSLGVPANGNARAVSIMKACSVAFVNNTASQKKLSTPQGDCSG
LASEVAGYFDKVTSAIS
;
B,D,F,H,J,L,N,P
3 'polypeptide(L)' AMDKSAKAPVITIFDHRGCSRAPKEYTGSKASGQDDEMMVKAQSVKIAVSDGVAESVLKDSLSVMHK C,G,K,O
#
loop_
_chem_comp.id
_chem_comp.type
_chem_comp.name
_chem_comp.formula
DBV non-polymer 15,16-DIHYDROBILIVERDIN 'C33 H36 N4 O6'
PEB non-polymer PHYCOERYTHROBILIN 'C33 H40 N4 O6'
#
# COMPACT_ATOMS: atom_id res chain seq x y z
N GLY A 1 20.36 -9.43 50.24
CA GLY A 1 20.90 -10.77 50.12
C GLY A 1 20.32 -11.59 48.97
N MET A 2 21.09 -12.57 48.50
CA MET A 2 20.55 -13.52 47.53
C MET A 2 19.38 -14.26 48.15
N ASP A 3 18.22 -14.18 47.51
CA ASP A 3 16.97 -14.63 48.11
C ASP A 3 16.50 -15.97 47.56
N LYS A 4 17.40 -16.75 46.95
CA LYS A 4 17.14 -18.08 46.44
C LYS A 4 15.97 -18.14 45.46
N SER A 5 15.55 -16.97 44.95
CA SER A 5 14.33 -16.79 44.11
C SER A 5 14.41 -17.31 42.68
N ALA A 6 15.62 -17.32 42.08
CA ALA A 6 16.04 -17.71 40.70
C ALA A 6 15.99 -16.51 39.76
N LYS A 7 15.19 -15.50 40.14
CA LYS A 7 14.97 -14.25 39.38
C LYS A 7 16.29 -13.54 39.13
N ALA A 8 16.40 -13.00 37.92
CA ALA A 8 17.53 -12.22 37.42
C ALA A 8 17.01 -11.16 36.47
N PRO A 9 17.77 -10.09 36.25
CA PRO A 9 17.32 -9.03 35.33
C PRO A 9 17.49 -9.46 33.88
N ALA A 10 16.42 -9.34 33.11
CA ALA A 10 16.39 -9.64 31.69
C ALA A 10 16.33 -8.32 30.94
N ILE A 11 17.41 -8.01 30.22
CA ILE A 11 17.58 -6.73 29.55
C ILE A 11 17.44 -6.98 28.06
N THR A 12 16.60 -6.18 27.39
CA THR A 12 16.53 -6.16 25.94
C THR A 12 16.87 -4.78 25.42
N ILE A 13 17.82 -4.70 24.50
CA ILE A 13 18.22 -3.46 23.87
C ILE A 13 17.69 -3.45 22.44
N PHE A 14 16.86 -2.46 22.12
CA PHE A 14 16.29 -2.32 20.78
C PHE A 14 16.89 -1.04 20.20
N ASP A 15 17.93 -1.19 19.39
CA ASP A 15 18.33 -0.11 18.50
C ASP A 15 17.56 -0.37 17.20
N HIS A 16 16.37 0.22 17.10
CA HIS A 16 15.43 0.01 16.01
C HIS A 16 15.20 1.29 15.22
N ARG A 17 16.25 2.06 15.01
CA ARG A 17 16.12 3.26 14.20
C ARG A 17 15.71 2.89 12.78
N GLY A 18 14.79 3.68 12.21
CA GLY A 18 14.27 3.38 10.89
C GLY A 18 13.28 2.23 10.82
N CYS A 19 12.98 1.59 11.94
CA CYS A 19 12.07 0.46 11.93
C CYS A 19 10.64 0.92 11.66
N SER A 20 9.95 0.21 10.77
CA SER A 20 8.60 0.57 10.35
C SER A 20 7.55 0.21 11.40
N ARG A 21 7.90 -0.60 12.39
CA ARG A 21 7.03 -0.86 13.54
C ARG A 21 7.13 0.31 14.52
N ALA A 22 5.98 0.92 14.83
CA ALA A 22 6.04 2.20 15.54
C ALA A 22 6.26 1.98 17.04
N PRO A 23 7.10 2.80 17.67
CA PRO A 23 7.21 2.79 19.14
C PRO A 23 5.87 3.01 19.82
N LYS A 24 5.67 2.33 20.95
CA LYS A 24 4.42 2.52 21.69
C LYS A 24 4.57 2.14 23.16
N GLU A 25 5.76 1.65 23.56
CA GLU A 25 5.97 1.20 24.93
C GLU A 25 6.54 2.27 25.86
N SER A 26 7.35 3.20 25.34
CA SER A 26 7.86 4.31 26.13
C SER A 26 7.02 5.57 25.92
N SER A 27 6.96 6.40 26.95
CA SER A 27 6.01 7.53 26.99
C SER A 27 6.72 8.84 27.36
N ALA A 28 7.70 9.25 26.55
CA ALA A 28 8.34 10.56 26.75
C ALA A 28 9.10 10.91 25.48
N LYS A 29 8.45 11.66 24.59
CA LYS A 29 9.03 11.98 23.30
C LYS A 29 10.20 12.95 23.46
N SER A 30 11.27 12.73 22.69
CA SER A 30 12.40 13.65 22.66
C SER A 30 12.62 14.29 21.29
N GLY A 31 11.84 13.91 20.28
CA GLY A 31 12.01 14.44 18.94
C GLY A 31 13.36 14.15 18.31
N SER A 32 14.08 13.14 18.78
CA SER A 32 15.33 12.72 18.18
C SER A 32 15.26 11.22 17.88
N GLN A 33 16.35 10.68 17.31
CA GLN A 33 16.39 9.24 17.06
C GLN A 33 16.31 8.41 18.33
N ASP A 34 16.51 9.02 19.49
CA ASP A 34 16.29 8.33 20.76
C ASP A 34 14.86 7.80 20.86
N ASP A 35 13.91 8.41 20.16
CA ASP A 35 12.52 7.96 20.12
C ASP A 35 12.34 6.63 19.42
N GLU A 36 13.36 6.13 18.71
CA GLU A 36 13.28 4.86 18.01
C GLU A 36 14.19 3.80 18.61
N MET A 37 14.62 4.03 19.84
CA MET A 37 15.48 3.11 20.57
C MET A 37 14.93 2.95 21.98
N LEU A 38 15.16 1.76 22.56
CA LEU A 38 14.58 1.48 23.86
C LEU A 38 15.44 0.47 24.61
N VAL A 39 15.56 0.69 25.91
CA VAL A 39 16.10 -0.30 26.83
C VAL A 39 14.94 -0.83 27.67
N LYS A 40 14.74 -2.14 27.63
CA LYS A 40 13.73 -2.81 28.44
C LYS A 40 14.45 -3.61 29.51
N VAL A 41 13.88 -3.62 30.72
CA VAL A 41 14.48 -4.33 31.84
C VAL A 41 13.35 -4.94 32.66
N ALA A 42 13.43 -6.26 32.86
CA ALA A 42 12.48 -6.97 33.72
C ALA A 42 13.24 -7.81 34.72
N SER A 43 12.54 -8.28 35.74
CA SER A 43 13.09 -9.21 36.71
C SER A 43 12.32 -10.51 36.52
N THR A 44 12.95 -11.50 35.89
CA THR A 44 12.27 -12.72 35.50
C THR A 44 12.94 -13.90 36.17
N LYS A 45 12.15 -14.92 36.51
CA LYS A 45 12.72 -16.14 37.03
C LYS A 45 13.42 -16.90 35.91
N VAL A 46 14.71 -17.18 36.08
CA VAL A 46 15.46 -17.94 35.09
C VAL A 46 15.19 -19.41 35.31
N THR A 47 14.78 -20.11 34.27
CA THR A 47 14.56 -21.54 34.35
C THR A 47 15.11 -22.21 33.11
N VAL A 48 15.75 -23.37 33.30
CA VAL A 48 16.27 -24.17 32.22
C VAL A 48 15.53 -25.51 32.22
N SER A 49 14.82 -25.81 31.14
CA SER A 49 14.00 -27.01 31.09
C SER A 49 14.91 -28.23 31.07
N GLU A 50 14.52 -29.26 31.81
CA GLU A 50 15.28 -30.51 31.83
C GLU A 50 15.42 -31.17 30.45
N ASP A 51 14.52 -30.85 29.52
CA ASP A 51 14.73 -31.24 28.12
C ASP A 51 15.97 -30.56 27.56
N VAL A 52 16.05 -29.24 27.76
CA VAL A 52 17.20 -28.47 27.30
C VAL A 52 18.47 -29.02 27.92
N ALA A 53 18.47 -29.17 29.25
CA ALA A 53 19.62 -29.73 29.95
C ALA A 53 20.02 -31.10 29.37
N ALA A 54 19.04 -31.92 28.99
CA ALA A 54 19.36 -33.21 28.39
C ALA A 54 20.05 -33.06 27.03
N LYS A 55 19.48 -32.22 26.16
CA LYS A 55 20.13 -31.94 24.88
C LYS A 55 21.51 -31.32 25.07
N LYS A 56 21.70 -30.55 26.13
CA LYS A 56 23.01 -29.96 26.36
C LYS A 56 23.98 -31.04 26.81
N LEU A 57 23.50 -32.00 27.60
CA LEU A 57 24.33 -33.11 28.02
C LEU A 57 24.76 -33.89 26.78
N GLN A 58 23.88 -33.97 25.79
CA GLN A 58 24.21 -34.70 24.57
C GLN A 58 25.27 -33.98 23.76
N GLU A 59 25.23 -32.65 23.75
CA GLU A 59 26.28 -31.87 23.09
C GLU A 59 27.61 -31.90 23.86
N PHE A 60 27.55 -31.99 25.19
CA PHE A 60 28.74 -31.86 26.04
C PHE A 60 29.53 -33.16 26.20
N ILE A 61 28.84 -34.31 26.18
CA ILE A 61 29.45 -35.56 26.62
C ILE A 61 30.55 -36.07 25.71
N GLY A 62 30.72 -35.52 24.51
CA GLY A 62 31.86 -35.91 23.70
C GLY A 62 33.19 -35.51 24.34
N PHE A 63 33.17 -34.43 25.13
CA PHE A 63 34.31 -33.90 25.88
C PHE A 63 35.46 -33.44 25.01
N LYS A 64 35.29 -33.39 23.69
CA LYS A 64 36.36 -33.02 22.79
C LYS A 64 36.10 -31.72 22.05
N GLU A 65 34.95 -31.59 21.40
CA GLU A 65 34.72 -30.51 20.47
C GLU A 65 34.18 -29.27 21.19
N LYS A 66 33.91 -28.23 20.41
CA LYS A 66 33.70 -26.89 20.94
C LYS A 66 33.21 -25.99 19.81
N GLY A 67 33.02 -24.71 20.14
CA GLY A 67 32.82 -23.67 19.15
C GLY A 67 34.15 -23.23 18.57
N LEU A 68 34.08 -22.27 17.64
CA LEU A 68 35.32 -21.76 17.05
C LEU A 68 36.21 -21.13 18.11
N ASP A 69 35.64 -20.23 18.92
CA ASP A 69 36.39 -19.57 19.98
C ASP A 69 36.78 -20.54 21.09
N GLY A 70 37.86 -20.21 21.79
CA GLY A 70 38.18 -20.91 23.02
C GLY A 70 39.40 -21.81 22.94
N SER A 71 40.19 -21.80 24.01
CA SER A 71 41.29 -22.75 24.15
C SER A 71 40.75 -24.15 24.45
N VAL A 72 41.60 -25.15 24.21
CA VAL A 72 41.24 -26.54 24.45
C VAL A 72 41.66 -27.01 25.84
N PHE B 5 15.54 2.40 36.88
CA PHE B 5 15.89 0.99 36.96
C PHE B 5 16.25 0.58 38.38
N SER B 6 15.24 0.26 39.17
CA SER B 6 15.40 -0.26 40.52
C SER B 6 14.07 -0.81 40.99
N ARG B 7 12.99 -0.30 40.39
CA ARG B 7 11.65 -0.84 40.64
C ARG B 7 11.52 -2.25 40.08
N VAL B 8 12.31 -2.56 39.06
CA VAL B 8 12.31 -3.91 38.50
C VAL B 8 12.87 -4.91 39.50
N VAL B 9 14.05 -4.63 40.03
CA VAL B 9 14.79 -5.58 40.85
C VAL B 9 14.21 -5.63 42.25
N SER B 14 5.40 -6.67 39.43
CA SER B 14 6.44 -7.22 38.56
C SER B 14 6.30 -6.68 37.14
N LYS B 15 5.94 -5.39 37.03
CA LYS B 15 5.86 -4.74 35.73
C LYS B 15 7.23 -4.38 35.17
N ALA B 16 7.39 -4.62 33.87
CA ALA B 16 8.59 -4.29 33.15
C ALA B 16 8.77 -2.77 33.07
N ALA B 17 10.03 -2.32 33.10
CA ALA B 17 10.38 -0.93 32.86
C ALA B 17 10.75 -0.71 31.39
N TYR B 18 10.13 0.30 30.76
CA TYR B 18 10.40 0.67 29.38
C TYR B 18 11.04 2.06 29.31
N VAL B 19 12.28 2.13 28.84
CA VAL B 19 13.05 3.37 28.82
C VAL B 19 13.43 3.72 27.39
N GLY B 20 12.64 4.60 26.75
CA GLY B 20 12.96 5.10 25.42
C GLY B 20 12.76 6.60 25.32
N GLY B 21 12.92 7.17 24.12
CA GLY B 21 12.64 8.59 23.91
C GLY B 21 13.42 9.49 24.86
N ALA B 22 12.70 10.45 25.46
CA ALA B 22 13.35 11.40 26.36
C ALA B 22 13.94 10.70 27.58
N ASP B 23 13.26 9.66 28.07
CA ASP B 23 13.78 8.91 29.20
C ASP B 23 15.12 8.27 28.86
N LEU B 24 15.24 7.73 27.63
CA LEU B 24 16.51 7.16 27.20
C LEU B 24 17.55 8.25 26.99
N GLN B 25 17.14 9.41 26.46
CA GLN B 25 18.09 10.51 26.29
C GLN B 25 18.68 10.93 27.63
N ALA B 26 17.84 10.99 28.66
CA ALA B 26 18.32 11.42 29.97
C ALA B 26 19.14 10.31 30.61
N LEU B 27 18.68 9.06 30.52
CA LEU B 27 19.48 7.92 30.97
C LEU B 27 20.90 8.01 30.42
N LYS B 28 21.02 8.28 29.12
CA LYS B 28 22.32 8.31 28.50
C LYS B 28 23.09 9.56 28.88
N LYS B 29 22.39 10.60 29.33
CA LYS B 29 23.09 11.73 29.93
C LYS B 29 23.53 11.46 31.37
N PHE B 30 22.95 10.46 32.03
CA PHE B 30 23.27 10.17 33.43
C PHE B 30 24.27 9.02 33.63
N ILE B 31 24.71 8.34 32.57
CA ILE B 31 25.68 7.27 32.71
C ILE B 31 26.86 7.49 31.78
N SER B 32 28.01 6.93 32.15
CA SER B 32 29.19 6.96 31.30
C SER B 32 28.93 6.28 29.96
N GLU B 33 29.26 6.98 28.86
CA GLU B 33 29.24 6.43 27.51
C GLU B 33 27.95 5.66 27.22
N GLY B 34 26.83 6.37 27.31
CA GLY B 34 25.53 5.72 27.25
C GLY B 34 25.33 4.89 26.00
N ASN B 35 25.70 5.43 24.84
CA ASN B 35 25.49 4.70 23.60
C ASN B 35 26.37 3.46 23.53
N LYS B 36 27.65 3.61 23.85
CA LYS B 36 28.53 2.45 23.83
C LYS B 36 28.13 1.46 24.91
N ARG B 37 27.67 1.97 26.06
CA ARG B 37 27.27 1.09 27.14
C ARG B 37 26.11 0.21 26.69
N LEU B 38 25.17 0.78 25.95
CA LEU B 38 24.02 -0.01 25.50
C LEU B 38 24.41 -0.96 24.38
N ASP B 39 25.37 -0.59 23.53
CA ASP B 39 25.88 -1.56 22.56
C ASP B 39 26.56 -2.74 23.22
N ALA B 40 27.39 -2.48 24.25
CA ALA B 40 28.05 -3.56 24.97
C ALA B 40 27.05 -4.49 25.65
N VAL B 41 26.04 -3.91 26.31
CA VAL B 41 25.02 -4.76 26.92
C VAL B 41 24.27 -5.55 25.85
N ASN B 42 23.95 -4.89 24.73
CA ASN B 42 23.25 -5.59 23.66
C ASN B 42 24.05 -6.79 23.16
N SER B 43 25.37 -6.62 23.00
CA SER B 43 26.18 -7.69 22.41
C SER B 43 26.40 -8.84 23.39
N ILE B 44 26.36 -8.58 24.69
CA ILE B 44 26.44 -9.66 25.66
C ILE B 44 25.09 -10.39 25.76
N VAL B 45 24.02 -9.64 26.01
CA VAL B 45 22.74 -10.25 26.30
C VAL B 45 22.20 -10.98 25.08
N SER B 46 22.38 -10.40 23.89
CA SER B 46 21.94 -11.10 22.68
C SER B 46 22.72 -12.39 22.43
N ASN B 47 23.89 -12.58 23.07
CA ASN B 47 24.63 -13.83 22.92
C ASN B 47 24.62 -14.67 24.20
N ALA B 48 23.68 -14.38 25.10
CA ALA B 48 23.75 -14.96 26.44
C ALA B 48 23.61 -16.48 26.39
N SER B 49 22.71 -17.01 25.56
CA SER B 49 22.54 -18.46 25.47
C SER B 49 23.86 -19.14 25.10
N CYS B 50 24.53 -18.64 24.07
CA CYS B 50 25.77 -19.26 23.63
C CYS B 50 26.83 -19.12 24.70
N ILE B 51 26.85 -17.98 25.40
CA ILE B 51 27.81 -17.77 26.47
C ILE B 51 27.59 -18.79 27.59
N VAL B 52 26.33 -18.96 28.00
CA VAL B 52 26.01 -19.87 29.08
C VAL B 52 26.39 -21.29 28.72
N SER B 53 25.99 -21.74 27.52
CA SER B 53 26.21 -23.13 27.17
C SER B 53 27.69 -23.39 26.91
N ASP B 54 28.39 -22.42 26.30
CA ASP B 54 29.82 -22.57 26.04
C ASP B 54 30.62 -22.61 27.34
N ALA B 55 30.22 -21.82 28.34
CA ALA B 55 30.95 -21.80 29.61
C ALA B 55 30.71 -23.07 30.39
N VAL B 56 29.47 -23.56 30.41
CA VAL B 56 29.18 -24.81 31.11
C VAL B 56 29.83 -25.99 30.41
N SER B 57 29.73 -26.04 29.07
CA SER B 57 30.41 -27.10 28.33
C SER B 57 31.92 -27.08 28.58
N GLY B 58 32.53 -25.90 28.63
CA GLY B 58 33.97 -25.87 28.85
C GLY B 58 34.34 -26.32 30.26
N MET B 59 33.58 -25.86 31.26
CA MET B 59 33.75 -26.38 32.61
C MET B 59 33.67 -27.89 32.66
N ILE B 60 32.78 -28.47 31.84
CA ILE B 60 32.57 -29.91 31.92
C ILE B 60 33.64 -30.69 31.16
N CYS B 61 33.99 -30.28 29.95
CA CYS B 61 35.02 -30.98 29.20
C CYS B 61 36.37 -30.88 29.89
N GLU B 62 36.61 -29.79 30.63
CA GLU B 62 37.82 -29.72 31.42
C GLU B 62 37.78 -30.67 32.61
N ASN B 63 36.58 -30.99 33.13
CA ASN B 63 36.45 -31.86 34.30
C ASN B 63 35.24 -32.76 34.06
N PRO B 64 35.43 -33.86 33.30
CA PRO B 64 34.26 -34.69 32.90
C PRO B 64 33.49 -35.32 34.04
N SER B 65 34.11 -35.55 35.19
CA SER B 65 33.44 -36.21 36.31
C SER B 65 32.25 -35.41 36.84
N LEU B 66 32.14 -34.14 36.46
CA LEU B 66 30.99 -33.33 36.86
C LEU B 66 29.67 -33.91 36.33
N ILE B 67 29.72 -34.72 35.26
CA ILE B 67 28.51 -35.38 34.81
C ILE B 67 28.59 -36.90 34.95
N SER B 68 29.61 -37.40 35.65
CA SER B 68 29.62 -38.76 36.15
C SER B 68 28.57 -38.91 37.25
N PRO B 69 28.23 -40.15 37.62
CA PRO B 69 27.25 -40.36 38.71
C PRO B 69 27.57 -39.65 40.01
N SER B 70 28.82 -39.25 40.23
CA SER B 70 29.21 -38.54 41.44
C SER B 70 29.36 -37.04 41.25
N GLY B 71 29.07 -36.52 40.06
CA GLY B 71 29.28 -35.11 39.79
C GLY B 71 28.04 -34.26 40.03
N ASN B 72 28.29 -32.96 40.22
CA ASN B 72 27.23 -32.05 40.62
C ASN B 72 26.37 -31.57 39.45
N CYS B 73 26.70 -31.96 38.22
CA CYS B 73 25.84 -31.69 37.07
C CYS B 73 25.11 -32.93 36.56
N TYR B 74 25.28 -34.07 37.23
CA TYR B 74 24.62 -35.29 36.83
C TYR B 74 23.12 -35.22 37.11
N THR B 75 22.33 -35.77 36.18
CA THR B 75 20.87 -35.71 36.07
C THR B 75 20.45 -34.39 35.43
N ASN B 76 19.28 -34.41 34.76
CA ASN B 76 18.78 -33.20 34.13
C ASN B 76 18.42 -32.14 35.14
N ARG B 77 17.94 -32.53 36.32
CA ARG B 77 17.61 -31.54 37.36
C ARG B 77 18.82 -30.68 37.69
N ARG B 78 19.98 -31.32 37.86
CA ARG B 78 21.19 -30.58 38.24
C ARG B 78 21.77 -29.84 37.05
N MET B 79 21.84 -30.48 35.88
CA MET B 79 22.34 -29.77 34.70
C MET B 79 21.52 -28.51 34.43
N ALA B 80 20.18 -28.64 34.49
CA ALA B 80 19.31 -27.49 34.28
C ALA B 80 19.54 -26.43 35.34
N ALA B 81 19.64 -26.82 36.61
CA ALA B 81 19.91 -25.85 37.66
C ALA B 81 21.23 -25.12 37.43
N CYS B 82 22.24 -25.83 36.93
CA CYS B 82 23.54 -25.21 36.71
C CYS B 82 23.50 -24.21 35.56
N LEU B 83 22.90 -24.62 34.43
CA LEU B 83 22.72 -23.69 33.31
C LEU B 83 21.94 -22.47 33.78
N ARG B 84 20.92 -22.70 34.63
CA ARG B 84 20.13 -21.60 35.16
C ARG B 84 21.00 -20.64 35.96
N ASP B 85 21.85 -21.18 36.85
CA ASP B 85 22.70 -20.32 37.67
C ASP B 85 23.65 -19.51 36.82
N ALA B 86 24.25 -20.15 35.81
CA ALA B 86 25.16 -19.42 34.94
C ALA B 86 24.44 -18.30 34.21
N GLU B 87 23.20 -18.55 33.79
CA GLU B 87 22.41 -17.50 33.15
C GLU B 87 22.05 -16.38 34.12
N ILE B 88 21.64 -16.72 35.34
CA ILE B 88 21.34 -15.73 36.37
C ILE B 88 22.54 -14.82 36.60
N ILE B 89 23.72 -15.41 36.78
CA ILE B 89 24.93 -14.64 37.01
C ILE B 89 25.20 -13.72 35.81
N LEU B 90 25.11 -14.27 34.60
CA LEU B 90 25.37 -13.46 33.42
C LEU B 90 24.40 -12.29 33.33
N ARG B 91 23.14 -12.51 33.70
CA ARG B 91 22.16 -11.44 33.59
C ARG B 91 22.39 -10.36 34.65
N TYR B 92 22.74 -10.76 35.87
CA TYR B 92 23.05 -9.75 36.88
C TYR B 92 24.30 -8.95 36.53
N VAL B 93 25.30 -9.61 35.93
CA VAL B 93 26.47 -8.88 35.46
C VAL B 93 26.07 -7.92 34.35
N SER B 94 25.21 -8.36 33.43
CA SER B 94 24.76 -7.50 32.35
C SER B 94 24.01 -6.29 32.90
N TYR B 95 23.25 -6.48 33.97
CA TYR B 95 22.57 -5.34 34.59
C TYR B 95 23.58 -4.42 35.28
N ALA B 96 24.64 -4.99 35.82
CA ALA B 96 25.68 -4.17 36.43
C ALA B 96 26.37 -3.30 35.36
N LEU B 97 26.56 -3.86 34.18
CA LEU B 97 27.12 -3.08 33.07
C LEU B 97 26.14 -2.02 32.60
N LEU B 98 24.85 -2.36 32.55
CA LEU B 98 23.83 -1.38 32.18
C LEU B 98 23.84 -0.20 33.14
N SER B 99 23.94 -0.47 34.44
CA SER B 99 23.79 0.59 35.43
C SER B 99 25.12 1.23 35.83
N GLY B 100 26.24 0.70 35.37
CA GLY B 100 27.53 1.30 35.64
C GLY B 100 27.98 1.16 37.07
N ASP B 101 27.54 0.12 37.76
CA ASP B 101 28.02 -0.17 39.12
C ASP B 101 27.59 -1.58 39.50
N SER B 102 28.10 -2.06 40.62
CA SER B 102 27.95 -3.46 41.02
C SER B 102 27.11 -3.65 42.28
N SER B 103 26.35 -2.64 42.70
CA SER B 103 25.63 -2.74 43.97
C SER B 103 24.53 -3.80 43.93
N VAL B 104 23.69 -3.77 42.90
CA VAL B 104 22.64 -4.79 42.80
C VAL B 104 23.26 -6.16 42.65
N LEU B 105 24.29 -6.27 41.81
CA LEU B 105 24.98 -7.54 41.61
C LEU B 105 25.49 -8.12 42.92
N GLU B 106 26.25 -7.33 43.70
CA GLU B 106 26.81 -7.84 44.94
C GLU B 106 25.74 -8.16 45.97
N ASP B 107 24.76 -7.27 46.12
CA ASP B 107 23.83 -7.47 47.21
C ASP B 107 22.83 -8.58 46.90
N ARG B 108 22.12 -8.48 45.77
CA ARG B 108 20.98 -9.35 45.45
C ARG B 108 21.40 -10.68 44.79
N CYS B 109 22.62 -10.79 44.31
CA CYS B 109 23.10 -11.98 43.62
C CYS B 109 24.18 -12.69 44.43
N LEU B 110 25.21 -11.96 44.85
CA LEU B 110 26.38 -12.59 45.44
C LEU B 110 26.30 -12.70 46.95
N ASN B 111 25.65 -11.77 47.64
CA ASN B 111 25.54 -11.80 49.09
C ASN B 111 24.84 -13.08 49.55
N GLY B 112 25.61 -14.00 50.15
CA GLY B 112 25.09 -15.26 50.64
C GLY B 112 25.17 -16.43 49.68
N LEU B 113 25.65 -16.22 48.46
CA LEU B 113 25.67 -17.28 47.46
C LEU B 113 26.71 -18.36 47.76
N LYS B 114 27.92 -17.97 48.17
CA LYS B 114 28.97 -18.95 48.36
C LYS B 114 28.61 -19.94 49.48
N GLU B 115 28.06 -19.45 50.60
CA GLU B 115 27.62 -20.35 51.65
C GLU B 115 26.51 -21.28 51.17
N THR B 116 25.63 -20.80 50.28
CA THR B 116 24.58 -21.67 49.75
C THR B 116 25.21 -22.80 48.93
N TYR B 117 26.13 -22.46 48.03
CA TYR B 117 26.79 -23.51 47.25
C TYR B 117 27.52 -24.47 48.19
N SER B 118 28.15 -23.94 49.24
CA SER B 118 28.83 -24.80 50.22
C SER B 118 27.86 -25.77 50.87
N SER B 119 26.63 -25.32 51.13
CA SER B 119 25.61 -26.20 51.70
C SER B 119 25.18 -27.27 50.70
N LEU B 120 25.08 -26.90 49.42
CA LEU B 120 24.62 -27.82 48.38
C LEU B 120 25.73 -28.73 47.87
N GLY B 121 27.01 -28.38 48.04
CA GLY B 121 28.09 -29.12 47.43
C GLY B 121 28.42 -28.76 46.00
N VAL B 122 28.06 -27.57 45.54
CA VAL B 122 28.40 -27.08 44.20
C VAL B 122 29.89 -26.76 44.16
N PRO B 123 30.68 -27.39 43.29
CA PRO B 123 32.14 -27.31 43.39
C PRO B 123 32.68 -25.94 43.01
N ALA B 124 33.55 -25.41 43.89
CA ALA B 124 34.11 -24.08 43.68
C ALA B 124 34.91 -24.00 42.39
N ASN B 125 35.71 -25.03 42.10
CA ASN B 125 36.60 -24.97 40.94
C ASN B 125 35.82 -24.95 39.63
N GLY B 126 34.77 -25.76 39.52
CA GLY B 126 33.94 -25.72 38.32
C GLY B 126 33.27 -24.38 38.12
N ASN B 127 32.70 -23.81 39.19
CA ASN B 127 32.11 -22.48 39.09
C ASN B 127 33.14 -21.44 38.67
N ALA B 128 34.36 -21.54 39.22
CA ALA B 128 35.43 -20.63 38.83
C ALA B 128 35.68 -20.68 37.34
N ARG B 129 35.79 -21.89 36.79
CA ARG B 129 36.05 -22.02 35.37
C ARG B 129 34.89 -21.49 34.54
N ALA B 130 33.66 -21.86 34.91
CA ALA B 130 32.47 -21.39 34.19
C ALA B 130 32.43 -19.86 34.15
N VAL B 131 32.64 -19.21 35.29
CA VAL B 131 32.64 -17.76 35.35
C VAL B 131 33.75 -17.20 34.49
N SER B 132 34.94 -17.81 34.55
CA SER B 132 36.05 -17.30 33.75
C SER B 132 35.74 -17.36 32.26
N ILE B 133 35.03 -18.41 31.83
CA ILE B 133 34.66 -18.51 30.42
C ILE B 133 33.62 -17.45 30.05
N MET B 134 32.62 -17.25 30.92
CA MET B 134 31.64 -16.20 30.65
C MET B 134 32.31 -14.83 30.58
N LYS B 135 33.33 -14.60 31.42
CA LYS B 135 34.08 -13.35 31.38
C LYS B 135 34.81 -13.19 30.03
N ALA B 136 35.58 -14.20 29.64
CA ALA B 136 36.27 -14.16 28.36
C ALA B 136 35.28 -13.89 27.22
N CYS B 137 34.11 -14.53 27.27
CA CYS B 137 33.08 -14.29 26.26
C CYS B 137 32.66 -12.81 26.24
N SER B 138 32.28 -12.28 27.41
CA SER B 138 31.73 -10.93 27.43
C SER B 138 32.77 -9.91 27.02
N VAL B 139 34.02 -10.08 27.47
CA VAL B 139 35.08 -9.18 27.06
C VAL B 139 35.28 -9.24 25.55
N ALA B 140 35.18 -10.45 24.97
CA ALA B 140 35.40 -10.58 23.54
C ALA B 140 34.26 -9.96 22.72
N PHE B 141 33.03 -9.99 23.26
CA PHE B 141 31.91 -9.36 22.55
C PHE B 141 31.92 -7.85 22.69
N VAL B 142 32.34 -7.34 23.86
CA VAL B 142 32.42 -5.90 24.06
C VAL B 142 33.54 -5.30 23.22
N ASN B 143 34.70 -5.95 23.22
CA ASN B 143 35.79 -5.56 22.35
C ASN B 143 35.65 -6.05 20.92
N ASN B 144 34.54 -6.73 20.60
CA ASN B 144 34.35 -7.42 19.33
C ASN B 144 35.60 -8.10 18.81
N THR B 145 35.91 -9.27 19.37
CA THR B 145 37.12 -10.01 19.00
C THR B 145 36.78 -11.44 18.61
N SER B 152 28.24 -4.80 13.62
CA SER B 152 26.90 -4.23 13.64
C SER B 152 26.91 -2.80 14.15
N THR B 153 27.97 -2.45 14.88
CA THR B 153 28.14 -1.15 15.51
C THR B 153 29.20 -0.32 14.77
N PRO B 154 29.24 0.99 14.96
CA PRO B 154 30.38 1.76 14.45
C PRO B 154 31.67 1.35 15.12
N GLN B 155 32.73 1.21 14.30
CA GLN B 155 34.03 0.81 14.82
C GLN B 155 34.63 1.89 15.72
N GLY B 156 35.27 1.45 16.80
CA GLY B 156 35.91 2.37 17.73
C GLY B 156 36.44 1.60 18.91
N ASP B 157 36.60 2.30 20.04
CA ASP B 157 37.28 1.76 21.22
C ASP B 157 36.27 1.57 22.34
N CYS B 158 36.01 0.31 22.71
CA CYS B 158 35.12 -0.01 23.83
C CYS B 158 35.85 -0.73 24.96
N SER B 159 37.17 -0.56 25.07
CA SER B 159 37.94 -1.29 26.07
C SER B 159 37.61 -0.88 27.50
N GLY B 160 37.22 0.38 27.73
CA GLY B 160 36.82 0.79 29.07
C GLY B 160 35.62 0.01 29.59
N LEU B 161 34.58 -0.09 28.77
CA LEU B 161 33.41 -0.87 29.18
C LEU B 161 33.77 -2.34 29.34
N ALA B 162 34.72 -2.82 28.54
CA ALA B 162 35.14 -4.21 28.62
C ALA B 162 35.83 -4.49 29.95
N SER B 163 36.73 -3.60 30.37
CA SER B 163 37.34 -3.74 31.68
C SER B 163 36.33 -3.60 32.81
N GLU B 164 35.30 -2.76 32.62
CA GLU B 164 34.26 -2.64 33.65
C GLU B 164 33.52 -3.96 33.84
N VAL B 165 33.09 -4.58 32.73
CA VAL B 165 32.37 -5.84 32.86
C VAL B 165 33.33 -6.93 33.34
N ALA B 166 34.60 -6.85 32.94
CA ALA B 166 35.61 -7.76 33.49
C ALA B 166 35.67 -7.64 35.00
N GLY B 167 35.57 -6.41 35.52
CA GLY B 167 35.61 -6.23 36.95
C GLY B 167 34.38 -6.80 37.65
N TYR B 168 33.22 -6.71 37.00
CA TYR B 168 32.02 -7.29 37.60
C TYR B 168 32.14 -8.82 37.68
N PHE B 169 32.67 -9.44 36.62
CA PHE B 169 32.96 -10.88 36.69
C PHE B 169 33.98 -11.18 37.79
N ASP B 170 34.99 -10.34 37.92
CA ASP B 170 36.01 -10.55 38.95
C ASP B 170 35.41 -10.46 40.35
N LYS B 171 34.40 -9.61 40.52
CA LYS B 171 33.66 -9.56 41.78
C LYS B 171 32.89 -10.85 42.03
N VAL B 172 32.25 -11.39 40.99
CA VAL B 172 31.61 -12.70 41.11
C VAL B 172 32.62 -13.76 41.54
N THR B 173 33.77 -13.79 40.85
CA THR B 173 34.82 -14.76 41.13
C THR B 173 35.31 -14.65 42.58
N SER B 174 35.54 -13.42 43.04
CA SER B 174 35.96 -13.23 44.43
C SER B 174 34.86 -13.68 45.39
N ALA B 175 33.60 -13.45 45.03
CA ALA B 175 32.53 -13.68 46.00
C ALA B 175 32.28 -15.17 46.20
N ILE B 176 32.36 -15.97 45.14
CA ILE B 176 31.94 -17.38 45.28
C ILE B 176 33.13 -18.33 45.19
N SER C 5 6.76 -38.28 12.42
CA SER C 5 6.52 -38.16 13.85
C SER C 5 7.53 -37.20 14.50
N ALA C 6 8.16 -36.37 13.67
CA ALA C 6 9.17 -35.41 14.11
C ALA C 6 10.29 -36.10 14.90
N LYS C 7 10.94 -37.06 14.24
CA LYS C 7 12.09 -37.75 14.81
C LYS C 7 13.30 -37.46 13.93
N ALA C 8 14.47 -37.43 14.55
CA ALA C 8 15.69 -37.20 13.80
C ALA C 8 16.84 -37.97 14.43
N PRO C 9 17.84 -38.34 13.64
CA PRO C 9 19.00 -39.04 14.19
C PRO C 9 19.86 -38.12 15.05
N VAL C 10 20.23 -38.61 16.22
CA VAL C 10 21.13 -37.93 17.13
C VAL C 10 22.41 -38.74 17.15
N ILE C 11 23.53 -38.08 16.86
CA ILE C 11 24.82 -38.73 16.74
C ILE C 11 25.69 -38.22 17.88
N THR C 12 26.29 -39.14 18.62
CA THR C 12 27.22 -38.81 19.68
C THR C 12 28.57 -39.44 19.36
N ILE C 13 29.59 -38.61 19.21
CA ILE C 13 30.93 -39.06 18.86
C ILE C 13 31.78 -39.05 20.11
N PHE C 14 32.30 -40.22 20.49
CA PHE C 14 33.10 -40.39 21.69
C PHE C 14 34.53 -40.67 21.23
N ASP C 15 35.36 -39.64 21.19
CA ASP C 15 36.80 -39.83 21.13
C ASP C 15 37.23 -39.76 22.60
N HIS C 16 37.29 -40.93 23.24
CA HIS C 16 37.60 -41.03 24.65
C HIS C 16 38.93 -41.72 24.88
N ARG C 17 39.87 -41.49 23.97
CA ARG C 17 41.23 -42.06 24.17
C ARG C 17 41.77 -41.45 25.46
N GLY C 18 42.27 -42.29 26.36
CA GLY C 18 42.80 -41.87 27.63
C GLY C 18 41.78 -41.64 28.71
N CYS C 19 40.51 -42.04 28.51
CA CYS C 19 39.47 -41.83 29.50
C CYS C 19 39.35 -43.01 30.45
N SER C 20 39.23 -42.71 31.74
CA SER C 20 39.16 -43.74 32.77
C SER C 20 37.79 -44.40 32.88
N ARG C 21 36.77 -43.88 32.22
CA ARG C 21 35.44 -44.47 32.26
C ARG C 21 35.39 -45.69 31.34
N ALA C 22 35.18 -46.87 31.93
CA ALA C 22 35.31 -48.10 31.17
C ALA C 22 34.17 -48.26 30.17
N PRO C 23 34.47 -48.68 28.94
CA PRO C 23 33.42 -49.01 27.98
C PRO C 23 32.54 -50.16 28.45
N LYS C 24 31.27 -50.13 28.03
CA LYS C 24 30.30 -51.12 28.48
C LYS C 24 29.14 -51.27 27.51
N GLU C 25 28.72 -50.16 26.88
CA GLU C 25 27.57 -50.20 25.99
C GLU C 25 27.82 -50.96 24.69
N TYR C 26 29.07 -51.11 24.29
CA TYR C 26 29.37 -51.88 23.08
C TYR C 26 29.69 -53.34 23.38
N SER C 29 33.13 -56.78 19.61
CA SER C 29 34.49 -57.22 19.31
C SER C 29 35.50 -56.10 19.53
N LYS C 30 36.59 -56.41 20.24
CA LYS C 30 37.63 -55.44 20.53
C LYS C 30 38.54 -55.29 19.31
N ALA C 31 39.40 -54.27 19.38
CA ALA C 31 40.26 -53.94 18.25
C ALA C 31 41.75 -54.02 18.56
N SER C 32 42.13 -54.23 19.82
CA SER C 32 43.53 -54.28 20.25
C SER C 32 44.24 -52.98 19.87
N GLY C 33 43.54 -51.87 20.09
CA GLY C 33 44.06 -50.56 19.76
C GLY C 33 43.15 -49.49 20.32
N GLN C 34 43.54 -48.24 20.09
CA GLN C 34 42.81 -47.10 20.63
C GLN C 34 41.37 -47.06 20.14
N ASP C 35 41.03 -47.81 19.09
CA ASP C 35 39.65 -47.93 18.65
C ASP C 35 38.77 -48.60 19.70
N ASP C 36 39.37 -49.17 20.74
CA ASP C 36 38.59 -49.76 21.82
C ASP C 36 38.10 -48.71 22.80
N GLU C 37 38.64 -47.49 22.77
CA GLU C 37 38.22 -46.41 23.66
C GLU C 37 37.38 -45.34 22.97
N MET C 38 36.88 -45.62 21.76
CA MET C 38 36.13 -44.64 21.01
C MET C 38 34.88 -45.29 20.44
N MET C 39 33.85 -44.48 20.24
CA MET C 39 32.57 -45.00 19.80
C MET C 39 31.78 -43.95 19.02
N VAL C 40 30.87 -44.45 18.18
CA VAL C 40 29.87 -43.65 17.51
C VAL C 40 28.51 -44.19 17.92
N LYS C 41 27.66 -43.31 18.43
CA LYS C 41 26.32 -43.68 18.87
C LYS C 41 25.32 -42.93 18.01
N ALA C 42 24.25 -43.62 17.60
CA ALA C 42 23.20 -42.97 16.85
C ALA C 42 21.85 -43.45 17.37
N GLN C 43 20.88 -42.53 17.38
CA GLN C 43 19.57 -42.86 17.93
C GLN C 43 18.50 -42.02 17.25
N SER C 44 17.31 -42.59 17.11
CA SER C 44 16.17 -41.88 16.54
C SER C 44 15.41 -41.23 17.69
N VAL C 45 15.45 -39.90 17.75
CA VAL C 45 14.96 -39.16 18.90
C VAL C 45 13.96 -38.12 18.42
N LYS C 46 12.82 -38.05 19.10
CA LYS C 46 11.84 -37.00 18.83
C LYS C 46 12.40 -35.63 19.13
N ILE C 47 12.63 -34.85 18.09
CA ILE C 47 13.17 -33.50 18.23
C ILE C 47 12.07 -32.57 18.70
N ALA C 48 12.38 -31.77 19.73
CA ALA C 48 11.39 -30.89 20.33
C ALA C 48 12.11 -29.68 20.90
N VAL C 49 11.42 -28.54 20.90
CA VAL C 49 11.96 -27.28 21.39
C VAL C 49 10.99 -26.66 22.37
N SER C 50 11.50 -26.29 23.55
CA SER C 50 10.64 -25.75 24.59
C SER C 50 10.30 -24.30 24.29
N ASP C 51 9.27 -23.80 24.98
CA ASP C 51 8.89 -22.41 24.82
C ASP C 51 9.96 -21.47 25.33
N GLY C 52 10.78 -21.90 26.29
CA GLY C 52 11.81 -21.03 26.81
C GLY C 52 12.92 -20.78 25.81
N VAL C 53 13.34 -21.81 25.08
CA VAL C 53 14.34 -21.57 24.04
C VAL C 53 13.76 -20.64 22.98
N ALA C 54 12.49 -20.85 22.62
CA ALA C 54 11.87 -19.97 21.63
C ALA C 54 11.87 -18.53 22.12
N GLU C 55 11.59 -18.31 23.42
CA GLU C 55 11.56 -16.96 23.95
C GLU C 55 12.96 -16.36 24.01
N SER C 56 13.98 -17.20 24.23
CA SER C 56 15.34 -16.70 24.25
C SER C 56 15.80 -16.32 22.85
N VAL C 57 15.51 -17.17 21.87
CA VAL C 57 15.84 -16.86 20.47
C VAL C 57 15.08 -15.61 20.03
N LEU C 58 13.85 -15.42 20.49
CA LEU C 58 13.11 -14.22 20.18
C LEU C 58 13.77 -12.98 20.79
N LYS C 59 14.05 -13.05 22.10
CA LYS C 59 14.69 -11.93 22.80
C LYS C 59 16.02 -11.58 22.15
N ASP C 60 16.78 -12.60 21.72
CA ASP C 60 18.06 -12.36 21.08
C ASP C 60 17.90 -11.84 19.65
N SER C 61 16.85 -12.25 18.94
CA SER C 61 16.65 -11.79 17.57
C SER C 61 16.22 -10.32 17.55
N LEU C 62 15.35 -9.94 18.50
CA LEU C 62 14.86 -8.56 18.54
C LEU C 62 15.97 -7.57 18.84
N SER C 63 17.00 -7.99 19.56
CA SER C 63 18.03 -7.08 20.04
C SER C 63 19.23 -6.95 19.11
N VAL C 64 19.22 -7.60 17.95
CA VAL C 64 20.28 -7.40 16.97
C VAL C 64 19.75 -6.87 15.64
N MET C 65 18.44 -6.81 15.46
CA MET C 65 17.87 -6.22 14.27
C MET C 65 17.77 -4.69 14.40
N HIS C 66 17.67 -4.03 13.25
CA HIS C 66 17.65 -2.57 13.22
C HIS C 66 16.48 -2.06 12.39
N ASP D 3 22.85 -51.40 7.59
CA ASP D 3 21.58 -51.98 7.98
C ASP D 3 21.38 -51.92 9.48
N ALA D 4 22.50 -51.95 10.22
CA ALA D 4 22.42 -51.71 11.66
C ALA D 4 21.97 -50.28 11.95
N PHE D 5 22.27 -49.35 11.03
CA PHE D 5 21.77 -47.99 11.10
C PHE D 5 20.44 -47.80 10.35
N SER D 6 20.05 -48.76 9.52
CA SER D 6 18.79 -48.64 8.78
C SER D 6 17.60 -48.62 9.73
N ARG D 7 17.52 -49.62 10.62
CA ARG D 7 16.41 -49.69 11.57
C ARG D 7 16.37 -48.46 12.46
N VAL D 8 17.52 -47.83 12.71
CA VAL D 8 17.59 -46.59 13.47
C VAL D 8 16.74 -45.52 12.78
N VAL D 9 17.21 -45.05 11.63
CA VAL D 9 16.59 -43.90 10.96
C VAL D 9 15.36 -44.33 10.18
N THR D 10 14.56 -45.21 10.77
CA THR D 10 13.26 -45.56 10.21
C THR D 10 12.19 -45.61 11.31
N ASP D 13 12.00 -47.37 15.62
CA ASP D 13 11.55 -47.56 16.99
C ASP D 13 12.14 -46.49 17.92
N SER D 14 12.58 -46.92 19.09
CA SER D 14 13.19 -46.04 20.09
C SER D 14 14.58 -46.48 20.51
N LYS D 15 14.81 -47.79 20.62
CA LYS D 15 16.12 -48.29 21.04
C LYS D 15 17.20 -47.86 20.06
N ALA D 16 18.35 -47.50 20.60
CA ALA D 16 19.43 -46.87 19.83
C ALA D 16 20.27 -47.93 19.13
N ALA D 17 21.43 -47.52 18.63
CA ALA D 17 22.41 -48.43 18.06
C ALA D 17 23.80 -47.93 18.40
N TYR D 18 24.68 -48.85 18.76
CA TYR D 18 26.00 -48.52 19.30
C TYR D 18 27.08 -49.19 18.46
N VAL D 19 27.93 -48.38 17.85
CA VAL D 19 28.96 -48.86 16.94
C VAL D 19 30.31 -48.44 17.50
N GLY D 20 31.05 -49.42 18.05
CA GLY D 20 32.38 -49.17 18.57
C GLY D 20 33.29 -50.36 18.32
N GLY D 21 34.51 -50.26 18.82
CA GLY D 21 35.43 -51.39 18.73
C GLY D 21 35.71 -51.80 17.29
N ALA D 22 35.76 -53.12 17.08
CA ALA D 22 36.08 -53.66 15.76
C ALA D 22 35.09 -53.19 14.71
N ASP D 23 33.82 -53.12 15.07
CA ASP D 23 32.81 -52.60 14.15
C ASP D 23 33.15 -51.17 13.75
N LEU D 24 33.57 -50.34 14.69
CA LEU D 24 33.96 -48.97 14.36
C LEU D 24 35.18 -48.95 13.44
N GLN D 25 36.17 -49.80 13.70
CA GLN D 25 37.34 -49.89 12.83
C GLN D 25 36.94 -50.24 11.40
N ALA D 26 36.02 -51.19 11.25
CA ALA D 26 35.66 -51.61 9.90
C ALA D 26 34.76 -50.59 9.23
N LEU D 27 33.84 -49.99 10.00
CA LEU D 27 33.04 -48.91 9.46
C LEU D 27 33.94 -47.81 8.89
N LYS D 28 35.01 -47.46 9.62
CA LYS D 28 35.89 -46.42 9.10
C LYS D 28 36.65 -46.93 7.89
N LYS D 29 36.80 -48.24 7.75
CA LYS D 29 37.40 -48.79 6.54
C LYS D 29 36.40 -48.80 5.37
N PHE D 30 35.10 -48.74 5.64
CA PHE D 30 34.11 -48.80 4.57
C PHE D 30 33.65 -47.43 4.08
N ILE D 31 33.79 -46.38 4.87
CA ILE D 31 33.40 -45.03 4.46
C ILE D 31 34.65 -44.22 4.17
N SER D 32 34.52 -43.25 3.29
CA SER D 32 35.63 -42.38 2.90
C SER D 32 36.07 -41.49 4.06
N GLU D 33 37.38 -41.48 4.33
CA GLU D 33 37.98 -40.60 5.34
C GLU D 33 37.28 -40.73 6.70
N GLY D 34 37.28 -41.96 7.22
CA GLY D 34 36.51 -42.27 8.40
C GLY D 34 36.82 -41.36 9.58
N ASN D 35 38.10 -41.20 9.91
CA ASN D 35 38.45 -40.36 11.05
C ASN D 35 38.00 -38.92 10.82
N LYS D 36 38.40 -38.33 9.68
CA LYS D 36 37.96 -36.98 9.33
C LYS D 36 36.45 -36.86 9.33
N ARG D 37 35.75 -37.86 8.76
CA ARG D 37 34.30 -37.77 8.64
C ARG D 37 33.65 -37.75 10.01
N LEU D 38 34.20 -38.53 10.94
CA LEU D 38 33.65 -38.55 12.29
C LEU D 38 33.91 -37.25 13.01
N ASP D 39 35.10 -36.67 12.82
CA ASP D 39 35.38 -35.34 13.37
C ASP D 39 34.39 -34.30 12.84
N ALA D 40 34.14 -34.30 11.54
CA ALA D 40 33.22 -33.33 10.94
C ALA D 40 31.81 -33.47 11.54
N VAL D 41 31.34 -34.72 11.64
CA VAL D 41 30.01 -34.94 12.22
C VAL D 41 30.00 -34.47 13.67
N ASN D 42 31.06 -34.78 14.43
CA ASN D 42 31.09 -34.40 15.84
C ASN D 42 31.02 -32.89 15.99
N SER D 43 31.67 -32.16 15.08
CA SER D 43 31.70 -30.71 15.22
C SER D 43 30.36 -30.09 14.85
N ILE D 44 29.63 -30.70 13.91
CA ILE D 44 28.28 -30.22 13.61
C ILE D 44 27.34 -30.53 14.77
N VAL D 45 27.29 -31.79 15.20
CA VAL D 45 26.29 -32.20 16.17
C VAL D 45 26.56 -31.60 17.54
N SER D 46 27.82 -31.36 17.89
CA SER D 46 28.09 -30.73 19.18
C SER D 46 27.77 -29.24 19.20
N ASN D 47 27.60 -28.59 18.04
CA ASN D 47 27.20 -27.18 17.98
C ASN D 47 25.79 -27.00 17.43
N ALA D 48 25.01 -28.08 17.39
CA ALA D 48 23.71 -28.04 16.73
C ALA D 48 22.83 -26.92 17.27
N SER D 49 22.84 -26.72 18.59
CA SER D 49 21.92 -25.75 19.19
C SER D 49 22.25 -24.33 18.70
N CYS D 50 23.54 -23.98 18.71
CA CYS D 50 23.92 -22.64 18.25
C CYS D 50 23.71 -22.48 16.75
N ILE D 51 23.92 -23.55 15.97
CA ILE D 51 23.71 -23.45 14.51
C ILE D 51 22.24 -23.17 14.20
N VAL D 52 21.34 -23.96 14.79
CA VAL D 52 19.91 -23.76 14.53
C VAL D 52 19.46 -22.40 15.01
N SER D 53 19.81 -22.05 16.25
CA SER D 53 19.40 -20.77 16.82
C SER D 53 19.90 -19.61 15.97
N ASP D 54 21.19 -19.62 15.62
CA ASP D 54 21.79 -18.54 14.85
C ASP D 54 21.21 -18.45 13.45
N ALA D 55 20.80 -19.57 12.86
CA ALA D 55 20.28 -19.52 11.51
C ALA D 55 18.88 -18.96 11.50
N VAL D 56 18.04 -19.39 12.44
CA VAL D 56 16.70 -18.81 12.52
C VAL D 56 16.79 -17.33 12.87
N SER D 57 17.70 -16.99 13.79
CA SER D 57 17.89 -15.59 14.17
C SER D 57 18.32 -14.75 12.97
N GLY D 58 19.23 -15.26 12.13
CA GLY D 58 19.67 -14.49 10.98
C GLY D 58 18.57 -14.35 9.93
N MET D 59 17.84 -15.42 9.69
CA MET D 59 16.62 -15.35 8.89
C MET D 59 15.71 -14.23 9.36
N ILE D 60 15.60 -14.08 10.69
CA ILE D 60 14.64 -13.11 11.22
C ILE D 60 15.21 -11.69 11.16
N CYS D 61 16.49 -11.50 11.48
CA CYS D 61 17.05 -10.16 11.44
C CYS D 61 17.15 -9.61 10.02
N GLU D 62 17.27 -10.48 9.00
CA GLU D 62 17.23 -9.98 7.63
C GLU D 62 15.81 -9.60 7.22
N ASN D 63 14.79 -10.28 7.76
CA ASN D 63 13.39 -10.03 7.42
C ASN D 63 12.57 -10.06 8.70
N PRO D 64 12.57 -8.94 9.44
CA PRO D 64 11.86 -8.91 10.74
C PRO D 64 10.37 -9.20 10.65
N SER D 65 9.72 -8.96 9.51
CA SER D 65 8.29 -9.23 9.41
C SER D 65 7.94 -10.68 9.72
N LEU D 66 8.92 -11.59 9.71
CA LEU D 66 8.65 -12.97 10.07
C LEU D 66 8.13 -13.10 11.50
N ILE D 67 8.50 -12.16 12.38
CA ILE D 67 7.98 -12.13 13.74
C ILE D 67 7.09 -10.91 13.99
N SER D 68 6.62 -10.27 12.93
CA SER D 68 5.51 -9.34 13.05
C SER D 68 4.24 -10.14 13.29
N PRO D 69 3.17 -9.50 13.75
CA PRO D 69 1.92 -10.25 13.99
C PRO D 69 1.49 -11.11 12.81
N SER D 70 1.81 -10.70 11.58
CA SER D 70 1.42 -11.43 10.39
C SER D 70 2.52 -12.35 9.86
N GLY D 71 3.66 -12.44 10.56
CA GLY D 71 4.73 -13.30 10.11
C GLY D 71 4.54 -14.75 10.51
N ASN D 72 5.20 -15.64 9.76
CA ASN D 72 5.01 -17.07 9.95
C ASN D 72 5.72 -17.62 11.18
N CYS D 73 6.64 -16.87 11.77
CA CYS D 73 7.27 -17.27 13.03
C CYS D 73 6.64 -16.58 14.23
N TYR D 74 5.54 -15.86 14.03
CA TYR D 74 4.90 -15.16 15.13
C TYR D 74 4.22 -16.17 16.07
N THR D 75 4.35 -15.90 17.38
CA THR D 75 3.92 -16.71 18.53
C THR D 75 4.94 -17.79 18.86
N ASN D 76 4.97 -18.19 20.13
CA ASN D 76 5.92 -19.20 20.58
C ASN D 76 5.70 -20.53 19.85
N ARG D 77 4.44 -20.89 19.60
CA ARG D 77 4.17 -22.15 18.92
C ARG D 77 4.84 -22.19 17.55
N ARG D 78 4.67 -21.14 16.75
CA ARG D 78 5.25 -21.14 15.40
C ARG D 78 6.77 -21.06 15.47
N MET D 79 7.31 -20.18 16.33
CA MET D 79 8.76 -20.09 16.47
C MET D 79 9.37 -21.43 16.85
N ALA D 80 8.78 -22.10 17.84
CA ALA D 80 9.28 -23.40 18.26
C ALA D 80 9.24 -24.39 17.12
N ALA D 81 8.16 -24.36 16.32
CA ALA D 81 8.08 -25.28 15.18
C ALA D 81 9.15 -24.97 14.14
N CYS D 82 9.44 -23.69 13.92
CA CYS D 82 10.50 -23.32 12.98
C CYS D 82 11.88 -23.77 13.46
N LEU D 83 12.19 -23.52 14.73
CA LEU D 83 13.45 -24.02 15.28
C LEU D 83 13.53 -25.54 15.21
N ARG D 84 12.40 -26.21 15.49
CA ARG D 84 12.36 -27.66 15.41
C ARG D 84 12.66 -28.15 14.00
N ASP D 85 12.00 -27.56 12.99
CA ASP D 85 12.24 -27.99 11.60
C ASP D 85 13.69 -27.77 11.22
N ALA D 86 14.25 -26.60 11.56
CA ALA D 86 15.65 -26.35 11.28
C ALA D 86 16.53 -27.42 11.90
N GLU D 87 16.25 -27.81 13.15
CA GLU D 87 17.06 -28.82 13.80
C GLU D 87 16.92 -30.17 13.12
N ILE D 88 15.68 -30.53 12.74
CA ILE D 88 15.44 -31.77 12.01
C ILE D 88 16.30 -31.80 10.75
N ILE D 89 16.23 -30.73 9.95
CA ILE D 89 16.99 -30.65 8.71
C ILE D 89 18.48 -30.82 8.99
N LEU D 90 19.00 -30.11 9.99
CA LEU D 90 20.44 -30.20 10.29
C LEU D 90 20.81 -31.61 10.72
N ARG D 91 19.94 -32.27 11.48
CA ARG D 91 20.24 -33.62 11.93
C ARG D 91 20.25 -34.61 10.76
N TYR D 92 19.28 -34.49 9.85
CA TYR D 92 19.29 -35.36 8.68
C TYR D 92 20.51 -35.11 7.80
N VAL D 93 20.90 -33.85 7.65
CA VAL D 93 22.13 -33.54 6.92
C VAL D 93 23.32 -34.19 7.61
N SER D 94 23.35 -34.16 8.95
CA SER D 94 24.46 -34.76 9.67
C SER D 94 24.46 -36.28 9.51
N TYR D 95 23.29 -36.90 9.40
CA TYR D 95 23.27 -38.34 9.16
C TYR D 95 23.69 -38.67 7.75
N ALA D 96 23.33 -37.83 6.78
CA ALA D 96 23.80 -38.02 5.42
C ALA D 96 25.32 -37.95 5.38
N LEU D 97 25.90 -37.02 6.14
CA LEU D 97 27.35 -36.90 6.21
C LEU D 97 27.98 -38.10 6.91
N LEU D 98 27.34 -38.60 7.96
CA LEU D 98 27.89 -39.78 8.62
C LEU D 98 27.90 -40.97 7.68
N SER D 99 26.80 -41.17 6.96
CA SER D 99 26.64 -42.29 6.06
C SER D 99 27.41 -42.11 4.76
N GLY D 100 27.70 -40.88 4.37
CA GLY D 100 28.30 -40.65 3.08
C GLY D 100 27.37 -40.74 1.90
N ASP D 101 26.07 -40.52 2.09
CA ASP D 101 25.12 -40.47 0.99
C ASP D 101 23.84 -39.80 1.47
N SER D 102 23.02 -39.41 0.51
CA SER D 102 21.81 -38.62 0.74
C SER D 102 20.52 -39.42 0.67
N SER D 103 20.60 -40.76 0.67
CA SER D 103 19.40 -41.59 0.47
C SER D 103 18.33 -41.32 1.52
N VAL D 104 18.70 -41.42 2.80
CA VAL D 104 17.72 -41.21 3.87
C VAL D 104 17.27 -39.75 3.93
N LEU D 105 18.21 -38.83 3.71
CA LEU D 105 17.86 -37.41 3.71
C LEU D 105 16.75 -37.12 2.71
N GLU D 106 16.95 -37.54 1.46
CA GLU D 106 15.95 -37.30 0.42
C GLU D 106 14.65 -38.07 0.69
N ASP D 107 14.75 -39.32 1.15
CA ASP D 107 13.55 -40.15 1.19
C ASP D 107 12.64 -39.87 2.40
N ARG D 108 13.20 -39.58 3.58
CA ARG D 108 12.40 -39.45 4.79
C ARG D 108 12.27 -38.01 5.29
N CYS D 109 12.92 -37.04 4.63
CA CYS D 109 12.88 -35.67 5.10
C CYS D 109 12.50 -34.71 3.99
N LEU D 110 13.12 -34.84 2.82
CA LEU D 110 12.89 -33.87 1.76
C LEU D 110 11.67 -34.23 0.92
N ASN D 111 11.28 -35.51 0.89
CA ASN D 111 10.15 -35.92 0.09
C ASN D 111 8.87 -35.30 0.66
N GLY D 112 8.06 -34.70 -0.20
CA GLY D 112 6.86 -34.00 0.19
C GLY D 112 7.02 -32.76 1.06
N LEU D 113 8.26 -32.40 1.39
CA LEU D 113 8.45 -31.27 2.30
C LEU D 113 8.06 -29.97 1.64
N LYS D 114 8.32 -29.84 0.34
CA LYS D 114 7.97 -28.62 -0.37
C LYS D 114 6.46 -28.46 -0.46
N GLU D 115 5.73 -29.56 -0.65
CA GLU D 115 4.28 -29.43 -0.69
C GLU D 115 3.71 -29.16 0.69
N THR D 116 4.34 -29.68 1.74
CA THR D 116 3.89 -29.39 3.10
C THR D 116 4.09 -27.92 3.42
N TYR D 117 5.25 -27.38 3.10
CA TYR D 117 5.49 -25.96 3.37
C TYR D 117 4.58 -25.10 2.50
N SER D 118 4.33 -25.51 1.25
CA SER D 118 3.40 -24.77 0.40
C SER D 118 2.01 -24.72 1.01
N SER D 119 1.57 -25.82 1.62
CA SER D 119 0.23 -25.86 2.20
C SER D 119 0.15 -25.07 3.50
N LEU D 120 1.21 -25.11 4.30
CA LEU D 120 1.25 -24.37 5.57
C LEU D 120 1.49 -22.88 5.36
N GLY D 121 1.93 -22.45 4.18
CA GLY D 121 2.34 -21.08 3.97
C GLY D 121 3.65 -20.73 4.64
N VAL D 122 4.51 -21.71 4.84
CA VAL D 122 5.89 -21.48 5.29
C VAL D 122 6.68 -20.87 4.15
N PRO D 123 7.26 -19.68 4.34
CA PRO D 123 7.81 -18.92 3.20
C PRO D 123 9.10 -19.55 2.68
N ALA D 124 9.18 -19.74 1.36
CA ALA D 124 10.34 -20.40 0.77
C ALA D 124 11.63 -19.62 0.95
N ASN D 125 11.58 -18.28 0.89
CA ASN D 125 12.84 -17.52 0.94
C ASN D 125 13.42 -17.52 2.36
N GLY D 126 12.56 -17.40 3.37
CA GLY D 126 13.04 -17.51 4.74
C GLY D 126 13.62 -18.88 5.03
N ASN D 127 12.93 -19.94 4.58
CA ASN D 127 13.47 -21.27 4.74
C ASN D 127 14.82 -21.40 4.05
N ALA D 128 14.93 -20.81 2.86
CA ALA D 128 16.18 -20.84 2.11
C ALA D 128 17.30 -20.15 2.85
N ARG D 129 17.02 -18.98 3.43
CA ARG D 129 18.05 -18.29 4.21
C ARG D 129 18.46 -19.10 5.43
N ALA D 130 17.49 -19.65 6.16
CA ALA D 130 17.81 -20.42 7.36
C ALA D 130 18.73 -21.58 7.02
N VAL D 131 18.36 -22.36 6.01
CA VAL D 131 19.18 -23.49 5.60
C VAL D 131 20.54 -23.01 5.10
N SER D 132 20.57 -21.94 4.30
CA SER D 132 21.83 -21.40 3.81
C SER D 132 22.78 -21.05 4.95
N ILE D 133 22.23 -20.46 6.01
CA ILE D 133 23.05 -20.11 7.17
C ILE D 133 23.56 -21.38 7.84
N MET D 134 22.68 -22.37 8.02
CA MET D 134 23.11 -23.64 8.59
C MET D 134 24.22 -24.28 7.75
N LYS D 135 24.12 -24.15 6.43
CA LYS D 135 25.16 -24.60 5.52
C LYS D 135 26.48 -23.90 5.78
N ALA D 136 26.44 -22.56 5.89
CA ALA D 136 27.66 -21.79 6.11
C ALA D 136 28.31 -22.16 7.44
N CYS D 137 27.49 -22.35 8.47
CA CYS D 137 27.99 -22.81 9.76
C CYS D 137 28.69 -24.15 9.62
N SER D 138 28.05 -25.10 8.94
CA SER D 138 28.59 -26.44 8.89
C SER D 138 29.91 -26.45 8.13
N VAL D 139 29.96 -25.75 6.98
CA VAL D 139 31.20 -25.64 6.22
C VAL D 139 32.28 -24.99 7.07
N ALA D 140 31.94 -23.94 7.82
CA ALA D 140 32.95 -23.27 8.63
C ALA D 140 33.50 -24.22 9.69
N PHE D 141 32.64 -25.06 10.25
CA PHE D 141 33.08 -25.98 11.30
C PHE D 141 33.94 -27.10 10.72
N VAL D 142 33.64 -27.54 9.49
CA VAL D 142 34.44 -28.60 8.88
C VAL D 142 35.79 -28.07 8.42
N ASN D 143 35.80 -26.90 7.77
CA ASN D 143 37.03 -26.23 7.33
C ASN D 143 37.71 -25.47 8.43
N ASN D 144 37.43 -25.79 9.69
CA ASN D 144 37.85 -24.97 10.82
C ASN D 144 39.33 -24.66 10.74
N THR D 145 39.65 -23.37 10.70
CA THR D 145 41.01 -22.90 10.48
C THR D 145 41.59 -22.26 11.75
N ALA D 146 41.19 -22.80 12.90
CA ALA D 146 41.61 -22.27 14.19
C ALA D 146 42.97 -22.82 14.58
N SER D 147 43.61 -22.13 15.52
CA SER D 147 44.90 -22.55 16.05
C SER D 147 44.81 -23.94 16.65
N GLN D 148 45.97 -24.63 16.71
CA GLN D 148 45.99 -25.99 17.23
C GLN D 148 45.61 -26.02 18.71
N LYS D 149 46.07 -25.03 19.49
CA LYS D 149 45.68 -24.92 20.88
C LYS D 149 44.19 -24.59 21.03
N LYS D 150 43.53 -24.16 19.95
CA LYS D 150 42.09 -23.94 19.97
C LYS D 150 41.36 -24.78 18.92
N LEU D 151 42.03 -25.76 18.33
CA LEU D 151 41.39 -26.72 17.44
C LEU D 151 41.20 -28.04 18.18
N SER D 152 40.05 -28.68 17.98
CA SER D 152 39.75 -29.92 18.65
C SER D 152 40.22 -31.15 17.88
N THR D 153 40.89 -30.98 16.75
CA THR D 153 41.28 -32.06 15.87
C THR D 153 42.70 -31.85 15.38
N PRO D 154 43.36 -32.92 14.89
CA PRO D 154 44.63 -32.76 14.20
C PRO D 154 44.49 -31.92 12.94
N GLN D 155 45.44 -31.02 12.69
CA GLN D 155 45.32 -30.10 11.58
C GLN D 155 45.61 -30.82 10.27
N GLY D 156 44.71 -30.67 9.31
CA GLY D 156 44.92 -31.23 7.99
C GLY D 156 44.04 -30.55 6.98
N ASP D 157 43.51 -31.30 6.02
CA ASP D 157 42.70 -30.75 4.95
C ASP D 157 41.36 -31.48 4.91
N CYS D 158 40.27 -30.74 5.13
CA CYS D 158 38.93 -31.33 5.09
C CYS D 158 38.03 -30.64 4.06
N SER D 159 38.61 -30.00 3.05
CA SER D 159 37.80 -29.28 2.06
C SER D 159 36.83 -30.21 1.33
N GLY D 160 37.24 -31.46 1.09
CA GLY D 160 36.37 -32.42 0.44
C GLY D 160 35.10 -32.71 1.23
N LEU D 161 35.26 -32.96 2.53
CA LEU D 161 34.10 -33.20 3.39
C LEU D 161 33.21 -31.96 3.47
N ALA D 162 33.82 -30.78 3.53
CA ALA D 162 33.03 -29.55 3.53
C ALA D 162 32.21 -29.43 2.25
N SER D 163 32.83 -29.69 1.09
CA SER D 163 32.09 -29.71 -0.17
C SER D 163 30.95 -30.74 -0.15
N GLU D 164 31.18 -31.91 0.46
CA GLU D 164 30.15 -32.93 0.49
C GLU D 164 28.96 -32.50 1.34
N VAL D 165 29.23 -31.92 2.51
CA VAL D 165 28.12 -31.49 3.35
C VAL D 165 27.42 -30.30 2.68
N ALA D 166 28.18 -29.45 1.98
CA ALA D 166 27.56 -28.36 1.25
C ALA D 166 26.62 -28.92 0.20
N GLY D 167 27.02 -30.02 -0.45
CA GLY D 167 26.14 -30.67 -1.41
C GLY D 167 24.86 -31.15 -0.77
N TYR D 168 24.95 -31.69 0.45
CA TYR D 168 23.74 -32.15 1.12
C TYR D 168 22.82 -30.97 1.42
N PHE D 169 23.39 -29.86 1.89
CA PHE D 169 22.58 -28.67 2.12
C PHE D 169 21.98 -28.14 0.82
N ASP D 170 22.73 -28.24 -0.28
CA ASP D 170 22.22 -27.83 -1.59
C ASP D 170 21.02 -28.70 -1.98
N LYS D 171 21.10 -29.99 -1.67
CA LYS D 171 19.97 -30.87 -1.91
C LYS D 171 18.77 -30.42 -1.10
N VAL D 172 19.00 -29.96 0.13
CA VAL D 172 17.90 -29.46 0.95
C VAL D 172 17.26 -28.24 0.30
N THR D 173 18.08 -27.22 0.01
CA THR D 173 17.54 -25.97 -0.51
C THR D 173 16.86 -26.19 -1.85
N SER D 174 17.41 -27.08 -2.69
CA SER D 174 16.78 -27.36 -3.97
C SER D 174 15.46 -28.07 -3.78
N ALA D 175 15.33 -28.88 -2.73
CA ALA D 175 14.10 -29.64 -2.57
C ALA D 175 12.98 -28.81 -1.95
N ILE D 176 13.31 -27.89 -1.03
CA ILE D 176 12.27 -27.23 -0.25
C ILE D 176 11.97 -25.81 -0.73
N SER D 177 12.47 -25.42 -1.90
CA SER D 177 12.17 -24.10 -2.43
C SER D 177 11.69 -24.15 -3.88
N GLY E 1 -23.16 22.43 53.10
CA GLY E 1 -22.80 21.02 52.94
C GLY E 1 -23.55 20.32 51.81
N MET E 2 -22.95 19.26 51.29
CA MET E 2 -23.62 18.41 50.31
C MET E 2 -24.87 17.79 50.93
N ASP E 3 -26.02 17.99 50.28
CA ASP E 3 -27.33 17.68 50.87
C ASP E 3 -27.95 16.39 50.32
N LYS E 4 -27.15 15.51 49.71
CA LYS E 4 -27.60 14.22 49.21
C LYS E 4 -28.79 14.30 48.27
N SER E 5 -29.15 15.49 47.78
CA SER E 5 -30.34 15.60 46.95
C SER E 5 -30.07 15.19 45.51
N ALA E 6 -28.80 15.08 45.12
CA ALA E 6 -28.35 14.82 43.76
C ALA E 6 -28.75 15.92 42.78
N LYS E 7 -29.16 17.07 43.29
CA LYS E 7 -29.50 18.22 42.45
C LYS E 7 -28.23 18.96 42.04
N ALA E 8 -28.29 19.55 40.84
CA ALA E 8 -27.13 20.24 40.30
C ALA E 8 -27.61 21.34 39.37
N PRO E 9 -26.79 22.38 39.15
CA PRO E 9 -27.17 23.45 38.22
C PRO E 9 -27.19 22.92 36.80
N ALA E 10 -28.28 23.21 36.09
CA ALA E 10 -28.40 22.93 34.67
C ALA E 10 -28.39 24.24 33.92
N ILE E 11 -27.46 24.38 33.00
CA ILE E 11 -27.23 25.62 32.27
C ILE E 11 -27.50 25.34 30.80
N THR E 12 -28.36 26.15 30.20
CA THR E 12 -28.58 26.12 28.76
C THR E 12 -28.30 27.50 28.21
N ILE E 13 -27.35 27.59 27.30
CA ILE E 13 -26.91 28.85 26.70
C ILE E 13 -27.39 28.87 25.25
N PHE E 14 -28.29 29.79 24.94
CA PHE E 14 -28.83 29.95 23.59
C PHE E 14 -28.19 31.20 23.00
N ASP E 15 -27.19 31.00 22.15
CA ASP E 15 -26.71 32.04 21.24
C ASP E 15 -27.48 31.82 19.95
N HIS E 16 -28.63 32.49 19.84
CA HIS E 16 -29.56 32.33 18.74
C HIS E 16 -29.70 33.60 17.91
N ARG E 17 -28.60 34.28 17.65
CA ARG E 17 -28.64 35.47 16.80
C ARG E 17 -29.04 35.08 15.38
N GLY E 18 -30.09 35.74 14.87
CA GLY E 18 -30.63 35.47 13.56
C GLY E 18 -31.69 34.38 13.52
N CYS E 19 -32.00 33.75 14.65
CA CYS E 19 -33.00 32.69 14.68
C CYS E 19 -34.40 33.22 14.42
N SER E 20 -35.15 32.52 13.56
CA SER E 20 -36.49 32.92 13.16
C SER E 20 -37.52 32.59 14.22
N ARG E 21 -37.16 31.77 15.21
CA ARG E 21 -38.03 31.52 16.34
C ARG E 21 -37.96 32.73 17.28
N ALA E 22 -39.09 33.38 17.47
CA ALA E 22 -39.10 34.63 18.23
C ALA E 22 -38.76 34.36 19.69
N PRO E 23 -37.88 35.15 20.30
CA PRO E 23 -37.71 35.08 21.76
C PRO E 23 -38.99 35.45 22.47
N LYS E 24 -39.35 34.67 23.49
CA LYS E 24 -40.57 34.95 24.23
C LYS E 24 -40.44 34.59 25.72
N GLU E 25 -39.24 34.41 26.23
CA GLU E 25 -39.03 33.99 27.61
C GLU E 25 -38.39 35.07 28.48
N SER E 26 -38.23 36.29 27.96
CA SER E 26 -37.73 37.39 28.78
C SER E 26 -38.14 38.70 28.11
N SER E 27 -38.79 39.56 28.87
CA SER E 27 -39.40 40.78 28.36
C SER E 27 -38.54 42.02 28.55
N ALA E 28 -37.36 41.90 29.15
CA ALA E 28 -36.48 43.05 29.34
C ALA E 28 -35.72 43.23 28.04
N LYS E 29 -36.24 44.11 27.19
CA LYS E 29 -35.73 44.28 25.84
C LYS E 29 -34.56 45.25 25.89
N SER E 30 -33.42 44.85 25.32
CA SER E 30 -32.28 45.76 25.27
C SER E 30 -32.21 46.55 23.97
N GLY E 31 -32.93 46.13 22.94
CA GLY E 31 -32.77 46.71 21.62
C GLY E 31 -31.48 46.37 20.91
N SER E 32 -30.72 45.39 21.40
CA SER E 32 -29.49 44.98 20.72
C SER E 32 -29.55 43.48 20.45
N GLN E 33 -28.47 42.94 19.89
CA GLN E 33 -28.39 41.50 19.61
C GLN E 33 -28.50 40.66 20.88
N ASP E 34 -28.27 41.25 22.05
CA ASP E 34 -28.50 40.55 23.31
C ASP E 34 -29.95 40.10 23.44
N ASP E 35 -30.88 40.73 22.73
CA ASP E 35 -32.27 40.29 22.72
C ASP E 35 -32.44 38.94 22.05
N GLU E 36 -31.42 38.41 21.37
CA GLU E 36 -31.50 37.12 20.71
C GLU E 36 -30.60 36.07 21.35
N MET E 37 -30.17 36.31 22.60
CA MET E 37 -29.33 35.39 23.33
C MET E 37 -29.87 35.29 24.75
N LEU E 38 -29.70 34.12 25.36
CA LEU E 38 -30.27 33.87 26.68
C LEU E 38 -29.48 32.80 27.41
N VAL E 39 -29.31 33.01 28.72
CA VAL E 39 -28.72 32.01 29.61
C VAL E 39 -29.82 31.54 30.56
N LYS E 40 -30.11 30.24 30.53
CA LYS E 40 -31.09 29.63 31.42
C LYS E 40 -30.36 28.82 32.47
N VAL E 41 -30.74 29.02 33.73
CA VAL E 41 -30.11 28.35 34.87
C VAL E 41 -31.18 27.77 35.77
N ALA E 42 -31.07 26.48 36.05
CA ALA E 42 -31.99 25.75 36.91
C ALA E 42 -31.19 24.91 37.89
N SER E 43 -31.82 24.52 39.00
CA SER E 43 -31.22 23.55 39.91
C SER E 43 -32.15 22.35 39.91
N THR E 44 -31.74 21.26 39.26
CA THR E 44 -32.62 20.12 39.08
C THR E 44 -31.92 18.82 39.43
N LYS E 45 -32.73 17.80 39.74
CA LYS E 45 -32.21 16.51 40.13
C LYS E 45 -31.56 15.80 38.95
N VAL E 46 -30.34 15.30 39.15
CA VAL E 46 -29.63 14.53 38.15
C VAL E 46 -29.93 13.05 38.35
N THR E 47 -30.44 12.40 37.30
CA THR E 47 -30.73 10.97 37.35
C THR E 47 -30.15 10.32 36.11
N VAL E 48 -29.67 9.09 36.28
CA VAL E 48 -29.21 8.24 35.18
C VAL E 48 -29.95 6.94 35.28
N SER E 49 -30.62 6.53 34.21
CA SER E 49 -31.43 5.34 34.29
C SER E 49 -30.54 4.10 34.24
N GLU E 50 -31.05 3.02 34.85
CA GLU E 50 -30.31 1.76 34.84
C GLU E 50 -30.14 1.20 33.43
N ASP E 51 -31.09 1.48 32.53
CA ASP E 51 -30.93 1.08 31.14
C ASP E 51 -29.69 1.73 30.53
N VAL E 52 -29.55 3.05 30.73
CA VAL E 52 -28.36 3.75 30.26
C VAL E 52 -27.12 3.17 30.90
N ALA E 53 -27.17 2.90 32.21
CA ALA E 53 -25.99 2.36 32.89
C ALA E 53 -25.58 1.03 32.27
N ALA E 54 -26.56 0.21 31.89
CA ALA E 54 -26.24 -1.06 31.26
C ALA E 54 -25.60 -0.84 29.89
N LYS E 55 -26.14 0.11 29.11
CA LYS E 55 -25.56 0.41 27.80
C LYS E 55 -24.12 0.89 27.94
N LYS E 56 -23.86 1.71 28.97
CA LYS E 56 -22.50 2.22 29.14
C LYS E 56 -21.59 1.09 29.59
N LEU E 57 -22.08 0.23 30.48
CA LEU E 57 -21.33 -0.97 30.86
C LEU E 57 -20.90 -1.73 29.62
N GLN E 58 -21.83 -1.89 28.67
CA GLN E 58 -21.51 -2.65 27.47
C GLN E 58 -20.45 -1.95 26.63
N GLU E 59 -20.46 -0.61 26.62
CA GLU E 59 -19.44 0.12 25.88
C GLU E 59 -18.10 0.13 26.60
N PHE E 60 -18.09 0.00 27.93
CA PHE E 60 -16.87 0.11 28.72
C PHE E 60 -16.15 -1.22 28.90
N ILE E 61 -16.90 -2.33 28.87
CA ILE E 61 -16.36 -3.62 29.29
C ILE E 61 -15.30 -4.17 28.34
N GLY E 62 -15.20 -3.60 27.13
CA GLY E 62 -14.12 -3.98 26.24
C GLY E 62 -12.75 -3.59 26.77
N PHE E 63 -12.70 -2.56 27.61
CA PHE E 63 -11.49 -2.03 28.24
C PHE E 63 -10.47 -1.53 27.23
N LYS E 64 -10.83 -1.48 25.96
CA LYS E 64 -9.87 -1.11 24.93
C LYS E 64 -10.14 0.19 24.20
N GLU E 65 -11.40 0.48 23.85
CA GLU E 65 -11.60 1.58 22.93
C GLU E 65 -11.87 2.90 23.64
N LYS E 66 -11.96 3.97 22.87
CA LYS E 66 -11.93 5.33 23.40
C LYS E 66 -12.30 6.28 22.27
N GLY E 67 -12.44 7.56 22.61
CA GLY E 67 -12.64 8.58 21.62
C GLY E 67 -11.32 8.92 20.97
N LEU E 68 -11.36 9.88 20.04
CA LEU E 68 -10.14 10.31 19.38
C LEU E 68 -9.13 10.90 20.37
N ASP E 69 -9.61 11.79 21.23
CA ASP E 69 -8.70 12.45 22.17
C ASP E 69 -8.27 11.50 23.28
N GLY E 70 -7.18 11.89 23.93
CA GLY E 70 -6.73 11.22 25.12
C GLY E 70 -5.61 10.24 24.90
N SER E 71 -4.66 10.23 25.82
CA SER E 71 -3.62 9.22 25.85
C SER E 71 -4.21 7.88 26.31
N VAL E 72 -3.49 6.82 26.00
CA VAL E 72 -3.89 5.49 26.44
C VAL E 72 -3.35 5.26 27.84
N ILE E 73 -4.22 4.79 28.73
CA ILE E 73 -3.83 4.34 30.07
C ILE E 73 -4.21 2.88 30.30
N ARG E 74 -4.61 2.16 29.25
CA ARG E 74 -4.99 0.76 29.34
C ARG E 74 -3.91 -0.11 29.97
N ALA F 1 -36.30 -8.24 5.12
CA ALA F 1 -37.57 -7.73 5.65
C ALA F 1 -37.37 -7.02 6.99
N MET F 2 -37.54 -5.70 6.99
CA MET F 2 -37.46 -4.91 8.22
C MET F 2 -38.70 -5.17 9.06
N ASP F 3 -38.53 -5.83 10.20
CA ASP F 3 -39.64 -6.45 10.93
C ASP F 3 -40.29 -5.53 11.97
N LYS F 4 -39.87 -4.28 12.06
CA LYS F 4 -40.46 -3.30 12.98
C LYS F 4 -40.33 -3.70 14.45
N SER F 5 -39.42 -4.62 14.77
CA SER F 5 -39.23 -5.05 16.16
C SER F 5 -38.30 -4.13 16.94
N ALA F 6 -37.61 -3.20 16.27
CA ALA F 6 -36.58 -2.35 16.85
C ALA F 6 -35.40 -3.14 17.43
N LYS F 7 -35.25 -4.41 17.07
CA LYS F 7 -34.12 -5.21 17.52
C LYS F 7 -32.93 -5.01 16.59
N ALA F 8 -31.72 -5.05 17.17
CA ALA F 8 -30.51 -4.92 16.39
C ALA F 8 -29.40 -5.73 17.05
N PRO F 9 -28.38 -6.15 16.29
CA PRO F 9 -27.27 -6.92 16.84
C PRO F 9 -26.32 -6.06 17.67
N VAL F 10 -26.19 -6.39 18.95
CA VAL F 10 -25.25 -5.74 19.86
C VAL F 10 -24.00 -6.60 19.94
N ILE F 11 -22.87 -6.03 19.52
CA ILE F 11 -21.59 -6.72 19.43
C ILE F 11 -20.73 -6.24 20.60
N THR F 12 -20.12 -7.16 21.31
CA THR F 12 -19.17 -6.83 22.36
C THR F 12 -17.82 -7.46 22.03
N ILE F 13 -16.77 -6.66 22.02
CA ILE F 13 -15.43 -7.11 21.65
C ILE F 13 -14.59 -7.12 22.93
N PHE F 14 -14.17 -8.30 23.36
CA PHE F 14 -13.37 -8.50 24.58
C PHE F 14 -11.97 -8.87 24.13
N ASP F 15 -11.12 -7.85 23.91
CA ASP F 15 -9.69 -8.09 23.80
C ASP F 15 -9.16 -8.01 25.22
N HIS F 16 -9.17 -9.14 25.90
CA HIS F 16 -8.82 -9.21 27.31
C HIS F 16 -7.53 -10.01 27.50
N ARG F 17 -6.58 -9.87 26.58
CA ARG F 17 -5.29 -10.55 26.74
C ARG F 17 -4.64 -10.12 28.04
N GLY F 18 -4.19 -11.10 28.82
CA GLY F 18 -3.59 -10.78 30.10
C GLY F 18 -4.56 -10.53 31.23
N CYS F 19 -5.87 -10.73 31.00
CA CYS F 19 -6.86 -10.43 32.03
C CYS F 19 -6.84 -11.52 33.09
N SER F 20 -6.79 -11.10 34.36
CA SER F 20 -6.78 -12.06 35.46
C SER F 20 -8.13 -12.72 35.69
N ARG F 21 -9.21 -12.19 35.11
CA ARG F 21 -10.52 -12.77 35.27
C ARG F 21 -10.64 -13.97 34.31
N ALA F 22 -10.95 -15.14 34.87
CA ALA F 22 -10.86 -16.36 34.08
C ALA F 22 -11.97 -16.45 33.03
N PRO F 23 -11.63 -16.80 31.79
CA PRO F 23 -12.66 -17.09 30.79
C PRO F 23 -13.51 -18.28 31.21
N LYS F 24 -14.78 -18.25 30.81
CA LYS F 24 -15.70 -19.32 31.16
C LYS F 24 -16.90 -19.34 30.23
N GLU F 25 -17.32 -18.17 29.73
CA GLU F 25 -18.48 -18.12 28.86
C GLU F 25 -18.26 -18.75 27.48
N TYR F 26 -17.05 -19.23 27.17
CA TYR F 26 -16.77 -19.85 25.87
C TYR F 26 -16.91 -21.36 25.98
N THR F 27 -17.63 -21.95 25.00
CA THR F 27 -17.93 -23.38 25.04
C THR F 27 -17.13 -24.22 24.06
N GLY F 28 -16.61 -23.64 22.98
CA GLY F 28 -15.87 -24.39 22.00
C GLY F 28 -14.49 -24.80 22.49
N SER F 29 -13.72 -25.42 21.58
CA SER F 29 -12.39 -25.88 21.93
C SER F 29 -11.43 -24.71 22.07
N LYS F 30 -10.42 -24.90 22.92
CA LYS F 30 -9.46 -23.85 23.16
C LYS F 30 -8.44 -23.74 22.02
N ALA F 31 -7.82 -22.57 21.92
CA ALA F 31 -6.81 -22.29 20.91
C ALA F 31 -5.40 -22.60 21.37
N SER F 32 -5.16 -22.68 22.69
CA SER F 32 -3.81 -22.78 23.25
C SER F 32 -2.98 -21.56 22.86
N GLY F 33 -3.56 -20.39 23.07
CA GLY F 33 -2.87 -19.15 22.80
C GLY F 33 -3.73 -17.97 23.19
N GLN F 34 -3.33 -16.80 22.70
CA GLN F 34 -3.99 -15.55 23.08
C GLN F 34 -5.46 -15.53 22.69
N ASP F 35 -5.86 -16.32 21.69
CA ASP F 35 -7.27 -16.37 21.34
C ASP F 35 -8.14 -16.93 22.46
N ASP F 36 -7.53 -17.64 23.43
CA ASP F 36 -8.28 -18.08 24.61
C ASP F 36 -8.59 -16.96 25.58
N GLU F 37 -8.02 -15.78 25.39
CA GLU F 37 -8.25 -14.64 26.27
C GLU F 37 -9.04 -13.53 25.60
N MET F 38 -9.63 -13.80 24.44
CA MET F 38 -10.34 -12.80 23.66
C MET F 38 -11.63 -13.43 23.17
N MET F 39 -12.62 -12.58 22.90
CA MET F 39 -13.94 -13.08 22.58
C MET F 39 -14.75 -12.03 21.83
N VAL F 40 -15.56 -12.50 20.88
CA VAL F 40 -16.59 -11.69 20.25
C VAL F 40 -17.93 -12.22 20.71
N LYS F 41 -18.77 -11.33 21.23
CA LYS F 41 -20.11 -11.69 21.65
C LYS F 41 -21.07 -10.93 20.75
N ALA F 42 -22.14 -11.58 20.31
CA ALA F 42 -23.17 -10.88 19.57
C ALA F 42 -24.53 -11.34 20.06
N GLN F 43 -25.47 -10.40 20.14
CA GLN F 43 -26.79 -10.70 20.67
C GLN F 43 -27.83 -9.77 20.04
N SER F 44 -28.96 -10.34 19.65
CA SER F 44 -30.08 -9.54 19.18
C SER F 44 -30.75 -8.91 20.38
N VAL F 45 -30.78 -7.57 20.42
CA VAL F 45 -31.30 -6.83 21.56
C VAL F 45 -32.26 -5.77 21.04
N LYS F 46 -33.40 -5.62 21.72
CA LYS F 46 -34.31 -4.55 21.39
C LYS F 46 -33.68 -3.21 21.76
N ILE F 47 -33.54 -2.32 20.79
CA ILE F 47 -32.90 -1.04 21.04
C ILE F 47 -33.95 -0.08 21.60
N ALA F 48 -33.55 0.71 22.58
CA ALA F 48 -34.47 1.62 23.25
C ALA F 48 -33.67 2.81 23.75
N VAL F 49 -34.33 3.97 23.80
CA VAL F 49 -33.69 5.19 24.29
C VAL F 49 -34.56 5.83 25.36
N SER F 50 -33.94 6.22 26.47
CA SER F 50 -34.67 6.79 27.58
C SER F 50 -34.91 8.28 27.37
N ASP F 51 -35.92 8.81 28.07
CA ASP F 51 -36.22 10.24 28.01
C ASP F 51 -35.02 11.09 28.41
N GLY F 52 -34.24 10.65 29.41
CA GLY F 52 -33.11 11.45 29.84
C GLY F 52 -32.08 11.72 28.76
N VAL F 53 -31.73 10.69 27.98
CA VAL F 53 -30.75 10.90 26.92
C VAL F 53 -31.34 11.81 25.84
N ALA F 54 -32.61 11.60 25.49
CA ALA F 54 -33.29 12.47 24.53
C ALA F 54 -33.31 13.93 24.99
N GLU F 55 -33.62 14.17 26.27
CA GLU F 55 -33.59 15.54 26.77
C GLU F 55 -32.19 16.12 26.70
N SER F 56 -31.17 15.32 27.06
CA SER F 56 -29.81 15.83 27.05
C SER F 56 -29.36 16.17 25.64
N VAL F 57 -29.72 15.34 24.66
CA VAL F 57 -29.37 15.63 23.27
C VAL F 57 -30.14 16.84 22.76
N LEU F 58 -31.39 17.01 23.20
CA LEU F 58 -32.15 18.20 22.85
C LEU F 58 -31.46 19.44 23.40
N LYS F 59 -31.07 19.39 24.66
CA LYS F 59 -30.44 20.51 25.34
C LYS F 59 -29.12 20.87 24.66
N ASP F 60 -28.32 19.86 24.34
CA ASP F 60 -27.04 20.11 23.67
C ASP F 60 -27.24 20.59 22.24
N SER F 61 -28.35 20.22 21.59
CA SER F 61 -28.62 20.76 20.26
C SER F 61 -28.98 22.23 20.32
N LEU F 62 -29.85 22.61 21.26
CA LEU F 62 -30.22 24.01 21.45
C LEU F 62 -29.02 24.90 21.73
N SER F 63 -28.07 24.42 22.53
CA SER F 63 -26.99 25.29 22.97
C SER F 63 -25.88 25.48 21.93
N VAL F 64 -25.85 24.68 20.86
CA VAL F 64 -24.87 24.87 19.80
C VAL F 64 -25.47 25.38 18.50
N MET F 65 -26.79 25.36 18.36
CA MET F 65 -27.41 25.94 17.18
C MET F 65 -27.48 27.47 17.32
N HIS F 66 -27.57 28.16 16.18
CA HIS F 66 -27.58 29.62 16.19
C HIS F 66 -28.74 30.18 15.39
N LYS F 67 -28.84 29.84 14.11
CA LYS F 67 -30.01 30.25 13.34
C LYS F 67 -30.49 29.17 12.36
N VAL G 8 -31.22 30.84 43.28
CA VAL G 8 -31.91 29.93 42.36
C VAL G 8 -31.44 28.49 42.59
N VAL G 9 -30.14 28.33 42.80
CA VAL G 9 -29.53 27.01 42.99
C VAL G 9 -29.62 26.59 44.45
N THR G 10 -30.61 27.11 45.17
CA THR G 10 -30.75 26.86 46.60
C THR G 10 -32.21 26.64 46.99
N LYS G 15 -37.38 28.17 41.14
CA LYS G 15 -37.73 28.61 39.79
C LYS G 15 -36.48 28.88 38.95
N ALA G 16 -36.52 28.42 37.70
CA ALA G 16 -35.39 28.65 36.79
C ALA G 16 -35.29 30.12 36.41
N ALA G 17 -34.04 30.59 36.25
CA ALA G 17 -33.74 31.94 35.79
C ALA G 17 -33.51 31.99 34.29
N TYR G 18 -34.16 32.94 33.62
CA TYR G 18 -33.96 33.22 32.20
C TYR G 18 -33.36 34.61 32.05
N VAL G 19 -32.09 34.66 31.69
CA VAL G 19 -31.35 35.92 31.63
C VAL G 19 -31.04 36.21 30.17
N GLY G 20 -31.87 37.03 29.54
CA GLY G 20 -31.66 37.43 28.16
C GLY G 20 -31.79 38.94 28.03
N GLY G 21 -31.61 39.42 26.80
CA GLY G 21 -31.82 40.83 26.50
C GLY G 21 -31.02 41.74 27.44
N ALA G 22 -31.71 42.73 28.01
CA ALA G 22 -31.04 43.71 28.86
C ALA G 22 -30.47 43.05 30.12
N ASP G 23 -31.19 42.08 30.66
CA ASP G 23 -30.64 41.31 31.78
C ASP G 23 -29.30 40.69 31.40
N LEU G 24 -29.19 40.13 30.20
CA LEU G 24 -27.95 39.49 29.78
C LEU G 24 -26.86 40.54 29.56
N GLN G 25 -27.20 41.68 28.96
CA GLN G 25 -26.23 42.74 28.76
C GLN G 25 -25.64 43.19 30.09
N ALA G 26 -26.51 43.40 31.09
CA ALA G 26 -26.04 43.85 32.39
C ALA G 26 -25.23 42.75 33.07
N LEU G 27 -25.68 41.49 32.96
CA LEU G 27 -24.93 40.39 33.54
C LEU G 27 -23.50 40.36 32.97
N LYS G 28 -23.37 40.54 31.67
CA LYS G 28 -22.05 40.51 31.05
C LYS G 28 -21.23 41.71 31.45
N LYS G 29 -21.91 42.82 31.80
CA LYS G 29 -21.20 43.94 32.38
C LYS G 29 -20.66 43.59 33.77
N PHE G 30 -21.42 42.82 34.55
CA PHE G 30 -21.13 42.60 35.97
C PHE G 30 -20.14 41.47 36.21
N ILE G 31 -19.81 40.66 35.21
CA ILE G 31 -18.84 39.59 35.35
C ILE G 31 -17.68 39.81 34.39
N SER G 32 -16.56 39.15 34.69
CA SER G 32 -15.33 39.38 33.93
C SER G 32 -15.36 38.54 32.66
N GLU G 33 -15.03 39.17 31.52
CA GLU G 33 -15.00 38.49 30.22
C GLU G 33 -16.30 37.75 29.92
N GLY G 34 -17.42 38.47 30.04
CA GLY G 34 -18.75 37.92 29.89
C GLY G 34 -18.95 37.01 28.69
N ASN G 35 -18.67 37.55 27.51
CA ASN G 35 -18.89 36.80 26.27
C ASN G 35 -18.00 35.55 26.22
N LYS G 36 -16.70 35.72 26.47
CA LYS G 36 -15.79 34.59 26.47
C LYS G 36 -16.21 33.57 27.52
N ARG G 37 -16.61 34.05 28.72
CA ARG G 37 -17.01 33.15 29.80
C ARG G 37 -18.17 32.28 29.36
N LEU G 38 -19.17 32.89 28.70
CA LEU G 38 -20.32 32.13 28.24
C LEU G 38 -19.94 31.14 27.14
N ASP G 39 -19.00 31.51 26.26
CA ASP G 39 -18.52 30.52 25.30
C ASP G 39 -17.85 29.34 25.98
N ALA G 40 -17.04 29.61 27.02
CA ALA G 40 -16.33 28.54 27.69
C ALA G 40 -17.31 27.58 28.38
N VAL G 41 -18.29 28.16 29.08
CA VAL G 41 -19.30 27.34 29.74
C VAL G 41 -20.09 26.55 28.71
N ASN G 42 -20.47 27.19 27.59
CA ASN G 42 -21.25 26.49 26.58
C ASN G 42 -20.46 25.36 25.95
N SER G 43 -19.14 25.53 25.78
CA SER G 43 -18.33 24.47 25.19
C SER G 43 -18.22 23.26 26.11
N ILE G 44 -18.19 23.51 27.42
CA ILE G 44 -18.13 22.37 28.35
C ILE G 44 -19.49 21.69 28.45
N VAL G 45 -20.54 22.49 28.71
CA VAL G 45 -21.86 21.94 28.98
C VAL G 45 -22.40 21.20 27.76
N SER G 46 -22.19 21.76 26.56
CA SER G 46 -22.69 21.11 25.35
C SER G 46 -21.97 19.79 25.07
N ASN G 47 -20.78 19.57 25.63
CA ASN G 47 -20.06 18.31 25.48
C ASN G 47 -20.08 17.46 26.74
N ALA G 48 -20.94 17.80 27.70
CA ALA G 48 -20.90 17.18 29.03
C ALA G 48 -21.09 15.68 28.95
N SER G 49 -21.98 15.21 28.08
CA SER G 49 -22.24 13.77 27.97
C SER G 49 -20.98 13.03 27.58
N CYS G 50 -20.25 13.55 26.59
CA CYS G 50 -18.98 12.95 26.19
C CYS G 50 -17.95 13.06 27.29
N ILE G 51 -17.92 14.18 28.00
CA ILE G 51 -16.94 14.34 29.08
C ILE G 51 -17.17 13.26 30.13
N VAL G 52 -18.44 13.06 30.52
CA VAL G 52 -18.76 12.10 31.57
C VAL G 52 -18.46 10.68 31.10
N SER G 53 -18.89 10.33 29.88
CA SER G 53 -18.67 8.98 29.38
C SER G 53 -17.18 8.68 29.29
N ASP G 54 -16.41 9.62 28.74
CA ASP G 54 -14.98 9.41 28.57
C ASP G 54 -14.24 9.33 29.90
N ALA G 55 -14.63 10.14 30.88
CA ALA G 55 -13.94 10.13 32.17
C ALA G 55 -14.22 8.86 32.94
N VAL G 56 -15.48 8.41 32.93
CA VAL G 56 -15.82 7.17 33.62
C VAL G 56 -15.21 5.97 32.90
N SER G 57 -15.29 5.95 31.57
CA SER G 57 -14.69 4.85 30.82
C SER G 57 -13.19 4.77 31.05
N GLY G 58 -12.51 5.91 31.11
CA GLY G 58 -11.07 5.86 31.37
C GLY G 58 -10.76 5.40 32.78
N MET G 59 -11.55 5.86 33.76
CA MET G 59 -11.40 5.32 35.12
C MET G 59 -11.53 3.81 35.13
N ILE G 60 -12.47 3.27 34.36
CA ILE G 60 -12.71 1.82 34.40
C ILE G 60 -11.66 1.06 33.60
N CYS G 61 -11.24 1.58 32.45
CA CYS G 61 -10.23 0.86 31.67
C CYS G 61 -8.87 0.88 32.34
N GLU G 62 -8.59 1.91 33.15
CA GLU G 62 -7.35 1.84 33.95
C GLU G 62 -7.44 0.75 35.01
N ASN G 63 -8.63 0.55 35.60
CA ASN G 63 -8.82 -0.40 36.69
C ASN G 63 -10.10 -1.19 36.43
N PRO G 64 -10.03 -2.21 35.55
CA PRO G 64 -11.24 -2.96 35.19
C PRO G 64 -11.97 -3.60 36.36
N SER G 65 -11.27 -3.89 37.47
CA SER G 65 -11.89 -4.54 38.61
C SER G 65 -13.01 -3.71 39.23
N LEU G 66 -13.13 -2.44 38.85
CA LEU G 66 -14.22 -1.60 39.34
C LEU G 66 -15.59 -2.09 38.88
N ILE G 67 -15.65 -2.90 37.82
CA ILE G 67 -16.92 -3.50 37.42
C ILE G 67 -16.88 -5.02 37.55
N SER G 68 -15.90 -5.52 38.30
CA SER G 68 -15.96 -6.88 38.81
C SER G 68 -16.97 -6.94 39.95
N PRO G 69 -17.45 -8.16 40.30
CA PRO G 69 -18.42 -8.30 41.38
C PRO G 69 -18.03 -7.62 42.69
N SER G 70 -16.74 -7.42 42.93
CA SER G 70 -16.26 -6.73 44.11
C SER G 70 -16.01 -5.25 43.89
N GLY G 71 -16.28 -4.74 42.67
CA GLY G 71 -16.00 -3.36 42.35
C GLY G 71 -17.16 -2.42 42.63
N ASN G 72 -16.83 -1.14 42.85
CA ASN G 72 -17.82 -0.18 43.27
C ASN G 72 -18.68 0.35 42.10
N CYS G 73 -18.37 -0.02 40.85
CA CYS G 73 -19.27 0.26 39.73
C CYS G 73 -20.09 -0.96 39.30
N TYR G 74 -19.98 -2.08 40.01
CA TYR G 74 -20.74 -3.26 39.63
C TYR G 74 -22.22 -3.06 39.91
N THR G 75 -23.06 -3.57 39.00
CA THR G 75 -24.51 -3.41 38.94
C THR G 75 -24.88 -2.08 38.28
N ASN G 76 -26.02 -2.07 37.59
CA ASN G 76 -26.50 -0.84 36.96
C ASN G 76 -26.79 0.23 37.99
N ARG G 77 -27.17 -0.14 39.21
CA ARG G 77 -27.45 0.85 40.23
C ARG G 77 -26.20 1.68 40.55
N ARG G 78 -25.08 0.99 40.77
CA ARG G 78 -23.86 1.71 41.12
C ARG G 78 -23.27 2.41 39.91
N MET G 79 -23.31 1.76 38.74
CA MET G 79 -22.82 2.42 37.53
C MET G 79 -23.61 3.68 37.23
N ALA G 80 -24.94 3.64 37.42
CA ALA G 80 -25.79 4.80 37.21
C ALA G 80 -25.48 5.90 38.19
N ALA G 81 -25.27 5.54 39.46
CA ALA G 81 -24.94 6.54 40.47
C ALA G 81 -23.59 7.18 40.17
N CYS G 82 -22.63 6.40 39.65
CA CYS G 82 -21.31 6.94 39.35
C CYS G 82 -21.35 7.91 38.17
N LEU G 83 -21.98 7.50 37.06
CA LEU G 83 -22.16 8.43 35.96
C LEU G 83 -22.88 9.69 36.43
N ARG G 84 -23.88 9.53 37.29
CA ARG G 84 -24.61 10.68 37.82
C ARG G 84 -23.67 11.57 38.60
N ASP G 85 -22.80 10.99 39.43
CA ASP G 85 -21.94 11.81 40.27
C ASP G 85 -20.92 12.57 39.44
N ALA G 86 -20.36 11.91 38.42
CA ALA G 86 -19.45 12.59 37.51
C ALA G 86 -20.14 13.76 36.82
N GLU G 87 -21.41 13.57 36.44
CA GLU G 87 -22.14 14.65 35.79
C GLU G 87 -22.45 15.78 36.76
N ILE G 88 -22.87 15.44 37.99
CA ILE G 88 -23.09 16.44 39.03
C ILE G 88 -21.84 17.29 39.24
N ILE G 89 -20.70 16.63 39.43
CA ILE G 89 -19.45 17.35 39.67
C ILE G 89 -19.13 18.27 38.51
N LEU G 90 -19.26 17.75 37.28
CA LEU G 90 -18.95 18.57 36.12
C LEU G 90 -19.90 19.75 36.02
N ARG G 91 -21.16 19.56 36.40
CA ARG G 91 -22.14 20.64 36.31
C ARG G 91 -21.86 21.72 37.35
N TYR G 92 -21.47 21.33 38.58
CA TYR G 92 -21.11 22.33 39.58
C TYR G 92 -19.83 23.07 39.18
N VAL G 93 -18.84 22.37 38.64
CA VAL G 93 -17.65 23.07 38.15
C VAL G 93 -18.04 24.05 37.04
N SER G 94 -18.94 23.63 36.15
CA SER G 94 -19.41 24.50 35.08
C SER G 94 -20.11 25.72 35.64
N TYR G 95 -20.88 25.54 36.72
CA TYR G 95 -21.55 26.67 37.34
C TYR G 95 -20.53 27.60 37.99
N ALA G 96 -19.48 27.03 38.57
CA ALA G 96 -18.43 27.85 39.15
C ALA G 96 -17.80 28.73 38.10
N LEU G 97 -17.60 28.19 36.89
CA LEU G 97 -17.05 29.00 35.80
C LEU G 97 -18.06 30.04 35.32
N LEU G 98 -19.34 29.66 35.21
CA LEU G 98 -20.39 30.63 34.86
C LEU G 98 -20.42 31.79 35.84
N SER G 99 -20.29 31.51 37.13
CA SER G 99 -20.40 32.51 38.19
C SER G 99 -19.10 33.24 38.50
N GLY G 100 -17.96 32.72 38.03
CA GLY G 100 -16.69 33.34 38.37
C GLY G 100 -16.35 33.24 39.84
N ASP G 101 -16.70 32.13 40.48
CA ASP G 101 -16.51 31.88 41.91
C ASP G 101 -16.70 30.41 42.21
N SER G 102 -15.98 29.92 43.22
CA SER G 102 -16.04 28.51 43.58
C SER G 102 -16.84 28.31 44.86
N SER G 103 -17.56 29.33 45.30
CA SER G 103 -18.25 29.29 46.58
C SER G 103 -19.40 28.29 46.58
N VAL G 104 -20.27 28.34 45.58
CA VAL G 104 -21.38 27.38 45.51
C VAL G 104 -20.83 25.96 45.34
N LEU G 105 -19.75 25.81 44.56
CA LEU G 105 -19.16 24.50 44.36
C LEU G 105 -18.67 23.90 45.67
N GLU G 106 -17.95 24.68 46.46
CA GLU G 106 -17.40 24.15 47.71
C GLU G 106 -18.50 23.92 48.74
N ASP G 107 -19.46 24.84 48.85
CA ASP G 107 -20.47 24.71 49.89
C ASP G 107 -21.47 23.59 49.58
N ARG G 108 -21.96 23.53 48.34
CA ARG G 108 -23.06 22.62 48.05
C ARG G 108 -22.62 21.29 47.43
N CYS G 109 -21.39 21.19 46.95
CA CYS G 109 -20.94 19.95 46.33
C CYS G 109 -19.78 19.29 47.05
N LEU G 110 -18.74 20.03 47.41
CA LEU G 110 -17.54 19.34 47.88
C LEU G 110 -17.54 19.17 49.39
N ASN G 111 -18.04 20.16 50.12
CA ASN G 111 -18.01 20.11 51.57
C ASN G 111 -18.84 18.92 52.03
N GLY G 112 -18.20 17.96 52.69
CA GLY G 112 -18.85 16.73 53.11
C GLY G 112 -18.88 15.60 52.09
N LEU G 113 -18.45 15.83 50.85
CA LEU G 113 -18.56 14.80 49.83
C LEU G 113 -17.66 13.61 50.18
N LYS G 114 -16.41 13.91 50.52
CA LYS G 114 -15.44 12.88 50.89
C LYS G 114 -15.94 12.00 52.02
N GLU G 115 -16.59 12.60 53.02
CA GLU G 115 -17.07 11.80 54.15
C GLU G 115 -18.18 10.84 53.72
N THR G 116 -19.05 11.28 52.82
CA THR G 116 -20.06 10.38 52.25
C THR G 116 -19.39 9.23 51.50
N TYR G 117 -18.42 9.55 50.65
CA TYR G 117 -17.75 8.51 49.89
C TYR G 117 -17.03 7.53 50.82
N SER G 118 -16.46 8.02 51.91
CA SER G 118 -15.83 7.15 52.89
C SER G 118 -16.85 6.23 53.54
N SER G 119 -18.02 6.76 53.87
CA SER G 119 -19.07 5.92 54.45
CA SER G 119 -19.08 5.93 54.44
C SER G 119 -19.57 4.88 53.46
N LEU G 120 -19.46 5.15 52.15
CA LEU G 120 -19.93 4.20 51.15
C LEU G 120 -18.84 3.25 50.64
N GLY G 121 -17.57 3.67 50.70
CA GLY G 121 -16.50 2.91 50.08
C GLY G 121 -16.22 3.20 48.62
N VAL G 122 -16.55 4.39 48.15
CA VAL G 122 -16.24 4.83 46.78
C VAL G 122 -14.74 5.16 46.68
N PRO G 123 -14.01 4.48 45.79
CA PRO G 123 -12.54 4.52 45.87
C PRO G 123 -11.95 5.85 45.40
N ALA G 124 -11.02 6.38 46.19
CA ALA G 124 -10.47 7.72 45.93
C ALA G 124 -9.60 7.75 44.67
N ASN G 125 -8.88 6.66 44.36
CA ASN G 125 -8.03 6.66 43.17
C ASN G 125 -8.86 6.75 41.90
N GLY G 126 -9.93 5.97 41.82
CA GLY G 126 -10.79 6.04 40.65
C GLY G 126 -11.45 7.40 40.48
N ASN G 127 -11.99 7.94 41.58
CA ASN G 127 -12.56 9.28 41.51
C ASN G 127 -11.53 10.31 41.07
N ALA G 128 -10.31 10.21 41.61
CA ALA G 128 -9.25 11.14 41.23
C ALA G 128 -8.96 11.08 39.74
N ARG G 129 -8.81 9.87 39.20
CA ARG G 129 -8.52 9.73 37.77
C ARG G 129 -9.67 10.26 36.93
N ALA G 130 -10.90 9.93 37.29
CA ALA G 130 -12.07 10.41 36.57
C ALA G 130 -12.10 11.93 36.55
N VAL G 131 -11.93 12.55 37.71
CA VAL G 131 -11.92 14.01 37.80
C VAL G 131 -10.80 14.57 36.94
N SER G 132 -9.62 13.93 36.95
CA SER G 132 -8.48 14.43 36.17
C SER G 132 -8.80 14.41 34.67
N ILE G 133 -9.50 13.36 34.21
CA ILE G 133 -9.91 13.32 32.81
C ILE G 133 -10.94 14.41 32.51
N MET G 134 -11.92 14.57 33.40
CA MET G 134 -12.89 15.66 33.21
C MET G 134 -12.17 17.01 33.15
N LYS G 135 -11.12 17.18 33.96
CA LYS G 135 -10.31 18.39 33.93
C LYS G 135 -9.63 18.59 32.58
N ALA G 136 -9.00 17.54 32.06
CA ALA G 136 -8.34 17.65 30.77
C ALA G 136 -9.35 17.98 29.68
N CYS G 137 -10.51 17.32 29.72
CA CYS G 137 -11.57 17.61 28.76
C CYS G 137 -11.97 19.07 28.84
N SER G 138 -12.24 19.57 30.05
CA SER G 138 -12.79 20.91 30.18
C SER G 138 -11.78 21.94 29.70
N VAL G 139 -10.50 21.76 30.06
CA VAL G 139 -9.46 22.67 29.59
C VAL G 139 -9.39 22.64 28.06
N ALA G 140 -9.49 21.46 27.45
CA ALA G 140 -9.37 21.37 25.99
C ALA G 140 -10.56 22.01 25.29
N PHE G 141 -11.76 21.86 25.87
CA PHE G 141 -12.94 22.47 25.27
C PHE G 141 -12.94 23.99 25.41
N VAL G 142 -12.41 24.51 26.52
CA VAL G 142 -12.30 25.96 26.65
C VAL G 142 -11.36 26.55 25.59
N ASN G 143 -10.19 25.90 25.40
CA ASN G 143 -9.21 26.31 24.41
C ASN G 143 -9.48 25.84 22.99
N ASN G 144 -10.55 25.08 22.76
CA ASN G 144 -10.90 24.55 21.44
C ASN G 144 -9.79 23.71 20.81
N THR G 145 -9.19 22.82 21.61
CA THR G 145 -8.19 21.88 21.10
C THR G 145 -8.75 20.46 21.10
N ALA G 146 -10.06 20.32 21.33
CA ALA G 146 -10.70 19.01 21.29
C ALA G 146 -10.88 18.56 19.84
N SER G 147 -11.09 17.25 19.69
CA SER G 147 -11.26 16.68 18.35
C SER G 147 -12.51 17.22 17.66
N GLN G 148 -13.54 17.55 18.43
CA GLN G 148 -14.84 17.92 17.87
C GLN G 148 -15.09 19.39 18.20
N LYS G 149 -14.92 20.24 17.19
CA LYS G 149 -15.17 21.66 17.33
C LYS G 149 -16.52 21.96 16.69
N LYS G 150 -17.58 21.77 17.48
CA LYS G 150 -18.96 22.02 17.06
C LYS G 150 -19.48 23.39 17.52
N LEU G 151 -18.68 24.18 18.22
CA LEU G 151 -19.05 25.53 18.62
C LEU G 151 -18.04 26.52 18.07
N SER G 152 -18.47 27.37 17.14
CA SER G 152 -17.55 28.34 16.56
C SER G 152 -17.62 29.67 17.32
N THR G 153 -16.46 30.27 17.51
CA THR G 153 -16.29 31.52 18.25
C THR G 153 -15.23 32.36 17.55
N PRO G 154 -15.23 33.67 17.77
CA PRO G 154 -14.10 34.49 17.30
C PRO G 154 -12.80 33.95 17.88
N GLN G 155 -11.76 33.95 17.05
CA GLN G 155 -10.45 33.45 17.45
C GLN G 155 -9.88 34.38 18.51
N GLY G 156 -9.35 33.81 19.59
CA GLY G 156 -8.77 34.62 20.66
C GLY G 156 -8.16 33.74 21.72
N ASP G 157 -7.68 34.38 22.79
CA ASP G 157 -6.99 33.67 23.87
C ASP G 157 -7.88 33.52 25.10
N CYS G 158 -8.19 32.27 25.46
CA CYS G 158 -9.03 31.96 26.62
C CYS G 158 -8.26 31.23 27.74
N SER G 159 -6.93 31.35 27.77
CA SER G 159 -6.15 30.60 28.75
C SER G 159 -6.44 31.01 30.20
N GLY G 160 -6.87 32.26 30.41
CA GLY G 160 -7.30 32.66 31.74
C GLY G 160 -8.47 31.84 32.26
N LEU G 161 -9.53 31.75 31.47
CA LEU G 161 -10.68 30.96 31.89
C LEU G 161 -10.31 29.47 31.99
N ALA G 162 -9.36 29.04 31.15
CA ALA G 162 -8.89 27.66 31.21
C ALA G 162 -8.26 27.37 32.56
N SER G 163 -7.37 28.25 33.02
CA SER G 163 -6.73 28.01 34.31
C SER G 163 -7.70 28.22 35.46
N GLU G 164 -8.71 29.06 35.28
CA GLU G 164 -9.76 29.19 36.28
C GLU G 164 -10.49 27.86 36.48
N VAL G 165 -10.94 27.25 35.37
CA VAL G 165 -11.67 26.00 35.50
C VAL G 165 -10.75 24.87 35.96
N ALA G 166 -9.47 24.91 35.55
CA ALA G 166 -8.52 23.91 36.04
C ALA G 166 -8.36 24.01 37.55
N GLY G 167 -8.29 25.24 38.07
CA GLY G 167 -8.22 25.42 39.51
C GLY G 167 -9.46 24.89 40.21
N TYR G 168 -10.62 25.00 39.55
CA TYR G 168 -11.84 24.44 40.16
C TYR G 168 -11.76 22.92 40.22
N PHE G 169 -11.29 22.27 39.14
CA PHE G 169 -11.10 20.82 39.21
C PHE G 169 -10.07 20.45 40.26
N ASP G 170 -9.03 21.28 40.43
CA ASP G 170 -8.05 20.97 41.47
C ASP G 170 -8.67 21.09 42.86
N LYS G 171 -9.66 21.97 43.02
CA LYS G 171 -10.38 22.02 44.30
C LYS G 171 -11.22 20.78 44.51
N VAL G 172 -11.86 20.29 43.45
CA VAL G 172 -12.62 19.04 43.55
C VAL G 172 -11.69 17.90 43.95
N THR G 173 -10.59 17.75 43.18
CA THR G 173 -9.58 16.73 43.46
C THR G 173 -9.11 16.79 44.90
N SER G 174 -8.80 18.01 45.37
CA SER G 174 -8.34 18.18 46.76
C SER G 174 -9.42 17.76 47.74
N ALA G 175 -10.68 18.06 47.43
CA ALA G 175 -11.74 17.83 48.40
C ALA G 175 -12.08 16.35 48.52
N ILE G 176 -11.91 15.57 47.45
CA ILE G 176 -12.34 14.18 47.49
C ILE G 176 -11.19 13.19 47.37
N SER G 177 -9.94 13.65 47.53
CA SER G 177 -8.82 12.72 47.51
C SER G 177 -8.57 12.17 48.91
N PHE H 5 -22.24 -16.13 13.10
CA PHE H 5 -23.20 -15.63 14.08
C PHE H 5 -24.61 -15.64 13.50
N SER H 6 -24.88 -16.62 12.64
CA SER H 6 -26.18 -16.69 11.97
C SER H 6 -27.33 -16.81 12.96
N ARG H 7 -27.06 -17.35 14.15
CA ARG H 7 -28.12 -17.55 15.13
C ARG H 7 -28.65 -16.23 15.68
N VAL H 8 -27.81 -15.21 15.75
CA VAL H 8 -28.21 -13.94 16.36
C VAL H 8 -29.26 -13.24 15.51
N VAL H 9 -29.01 -13.13 14.21
CA VAL H 9 -29.82 -12.29 13.35
C VAL H 9 -31.02 -13.08 12.85
N ASP H 13 -34.22 -16.09 19.07
CA ASP H 13 -34.15 -15.96 20.52
C ASP H 13 -33.29 -14.76 20.93
N SER H 14 -33.28 -14.46 22.22
CA SER H 14 -32.43 -13.40 22.76
C SER H 14 -31.09 -13.93 23.24
N LYS H 15 -30.84 -15.24 23.12
CA LYS H 15 -29.57 -15.80 23.57
C LYS H 15 -28.41 -15.31 22.72
N ALA H 16 -27.32 -14.97 23.41
CA ALA H 16 -26.13 -14.42 22.77
C ALA H 16 -25.33 -15.54 22.10
N ALA H 17 -24.51 -15.15 21.13
CA ALA H 17 -23.53 -16.04 20.53
C ALA H 17 -22.14 -15.63 20.98
N TYR H 18 -21.36 -16.59 21.47
CA TYR H 18 -20.00 -16.36 21.93
C TYR H 18 -19.02 -17.09 21.02
N VAL H 19 -17.98 -16.39 20.58
CA VAL H 19 -16.96 -16.95 19.70
C VAL H 19 -15.60 -16.60 20.29
N GLY H 20 -14.92 -17.60 20.84
CA GLY H 20 -13.58 -17.41 21.36
C GLY H 20 -12.66 -18.57 21.01
N GLY H 21 -11.45 -18.48 21.56
CA GLY H 21 -10.54 -19.61 21.46
C GLY H 21 -10.28 -19.98 20.03
N ALA H 22 -10.20 -21.29 19.80
CA ALA H 22 -9.88 -21.78 18.47
C ALA H 22 -10.94 -21.37 17.47
N ASP H 23 -12.21 -21.32 17.90
CA ASP H 23 -13.25 -20.87 16.99
C ASP H 23 -12.97 -19.45 16.52
N LEU H 24 -12.53 -18.59 17.44
CA LEU H 24 -12.16 -17.23 17.06
C LEU H 24 -10.98 -17.24 16.11
N GLN H 25 -9.99 -18.07 16.39
CA GLN H 25 -8.86 -18.18 15.47
C GLN H 25 -9.36 -18.48 14.06
N ALA H 26 -10.24 -19.46 13.95
CA ALA H 26 -10.75 -19.82 12.63
C ALA H 26 -11.54 -18.66 12.03
N LEU H 27 -12.38 -18.01 12.83
CA LEU H 27 -13.14 -16.90 12.30
C LEU H 27 -12.19 -15.88 11.69
N LYS H 28 -11.06 -15.64 12.36
CA LYS H 28 -10.14 -14.63 11.84
C LYS H 28 -9.43 -15.11 10.60
N LYS H 29 -9.30 -16.43 10.45
CA LYS H 29 -8.78 -16.93 9.18
C LYS H 29 -9.82 -16.84 8.07
N PHE H 30 -11.12 -16.79 8.39
CA PHE H 30 -12.11 -16.79 7.31
C PHE H 30 -12.46 -15.40 6.78
N ILE H 31 -12.52 -14.39 7.63
CA ILE H 31 -12.82 -13.02 7.23
C ILE H 31 -11.54 -12.27 6.91
N SER H 32 -11.65 -11.27 6.03
CA SER H 32 -10.49 -10.48 5.63
C SER H 32 -10.02 -9.62 6.79
N GLU H 33 -8.70 -9.66 7.06
CA GLU H 33 -8.04 -8.82 8.08
C GLU H 33 -8.74 -8.96 9.44
N GLY H 34 -8.82 -10.21 9.91
CA GLY H 34 -9.61 -10.50 11.09
C GLY H 34 -9.28 -9.62 12.27
N ASN H 35 -8.01 -9.48 12.58
CA ASN H 35 -7.68 -8.74 13.79
C ASN H 35 -8.05 -7.29 13.58
N LYS H 36 -7.65 -6.73 12.44
CA LYS H 36 -7.97 -5.33 12.19
C LYS H 36 -9.48 -5.15 12.09
N ARG H 37 -10.15 -6.08 11.41
CA ARG H 37 -11.60 -5.97 11.30
C ARG H 37 -12.24 -5.87 12.67
N LEU H 38 -11.78 -6.72 13.59
CA LEU H 38 -12.38 -6.75 14.91
C LEU H 38 -12.06 -5.49 15.69
N ASP H 39 -10.86 -4.93 15.49
CA ASP H 39 -10.56 -3.66 16.13
C ASP H 39 -11.47 -2.57 15.61
N ALA H 40 -11.73 -2.56 14.31
CA ALA H 40 -12.61 -1.52 13.78
C ALA H 40 -13.99 -1.67 14.37
N VAL H 41 -14.48 -2.91 14.46
CA VAL H 41 -15.79 -3.11 15.08
C VAL H 41 -15.77 -2.59 16.51
N ASN H 42 -14.73 -2.95 17.26
CA ASN H 42 -14.69 -2.53 18.65
C ASN H 42 -14.74 -1.02 18.75
N SER H 43 -14.03 -0.33 17.85
CA SER H 43 -13.97 1.12 17.93
C SER H 43 -15.31 1.74 17.64
N ILE H 44 -16.08 1.12 16.75
CA ILE H 44 -17.42 1.63 16.50
C ILE H 44 -18.32 1.35 17.72
N VAL H 45 -18.33 0.11 18.20
CA VAL H 45 -19.33 -0.23 19.20
C VAL H 45 -19.05 0.42 20.55
N SER H 46 -17.78 0.59 20.90
CA SER H 46 -17.50 1.21 22.19
C SER H 46 -17.85 2.69 22.20
N ASN H 47 -18.09 3.28 21.03
CA ASN H 47 -18.45 4.68 20.94
C ASN H 47 -19.84 4.87 20.39
N ALA H 48 -20.64 3.80 20.37
CA ALA H 48 -21.91 3.91 19.66
C ALA H 48 -22.76 5.04 20.23
N SER H 49 -22.85 5.15 21.56
CA SER H 49 -23.67 6.20 22.16
C SER H 49 -23.26 7.58 21.66
N CYS H 50 -21.96 7.85 21.60
CA CYS H 50 -21.55 9.18 21.16
C CYS H 50 -21.76 9.36 19.67
N ILE H 51 -21.54 8.31 18.88
CA ILE H 51 -21.72 8.43 17.44
C ILE H 51 -23.16 8.78 17.13
N VAL H 52 -24.08 8.09 17.77
CA VAL H 52 -25.48 8.34 17.51
C VAL H 52 -25.86 9.74 18.00
N SER H 53 -25.50 10.10 19.24
CA SER H 53 -26.01 11.39 19.74
C SER H 53 -25.41 12.56 18.97
N ASP H 54 -24.15 12.43 18.59
CA ASP H 54 -23.50 13.49 17.84
C ASP H 54 -24.06 13.58 16.43
N ALA H 55 -24.42 12.46 15.82
CA ALA H 55 -24.94 12.54 14.47
C ALA H 55 -26.33 13.16 14.45
N VAL H 56 -27.18 12.76 15.39
CA VAL H 56 -28.52 13.33 15.42
C VAL H 56 -28.46 14.80 15.77
N SER H 57 -27.64 15.16 16.77
CA SER H 57 -27.49 16.56 17.11
C SER H 57 -26.93 17.36 15.94
N GLY H 58 -26.07 16.78 15.12
CA GLY H 58 -25.58 17.54 13.98
C GLY H 58 -26.66 17.74 12.95
N MET H 59 -27.43 16.68 12.70
CA MET H 59 -28.64 16.80 11.89
C MET H 59 -29.48 17.96 12.37
N ILE H 60 -29.60 18.11 13.69
CA ILE H 60 -30.49 19.12 14.21
C ILE H 60 -29.89 20.51 14.10
N CYS H 61 -28.58 20.64 14.41
CA CYS H 61 -27.96 21.97 14.37
C CYS H 61 -27.88 22.52 12.96
N GLU H 62 -27.73 21.65 11.97
CA GLU H 62 -27.76 22.09 10.58
C GLU H 62 -29.18 22.43 10.12
N ASN H 63 -30.21 21.87 10.78
CA ASN H 63 -31.61 22.14 10.43
C ASN H 63 -32.44 22.20 11.70
N PRO H 64 -32.41 23.34 12.40
CA PRO H 64 -33.08 23.42 13.71
C PRO H 64 -34.58 23.21 13.65
N SER H 65 -35.22 23.44 12.51
CA SER H 65 -36.66 23.22 12.40
C SER H 65 -37.07 21.80 12.75
N LEU H 66 -36.15 20.83 12.67
CA LEU H 66 -36.45 19.47 13.06
C LEU H 66 -36.95 19.36 14.50
N ILE H 67 -36.55 20.27 15.38
CA ILE H 67 -37.05 20.30 16.74
C ILE H 67 -37.94 21.51 17.03
N SER H 68 -38.39 22.22 16.00
CA SER H 68 -39.45 23.19 16.20
C SER H 68 -40.75 22.42 16.43
N PRO H 69 -41.81 23.05 16.92
CA PRO H 69 -43.03 22.30 17.23
C PRO H 69 -43.62 21.57 16.04
N SER H 70 -43.16 21.85 14.83
CA SER H 70 -43.62 21.13 13.64
C SER H 70 -42.64 20.06 13.17
N GLY H 71 -41.36 20.16 13.54
CA GLY H 71 -40.38 19.18 13.10
C GLY H 71 -40.63 17.79 13.65
N ASN H 72 -40.07 16.81 12.95
CA ASN H 72 -40.29 15.39 13.18
C ASN H 72 -39.51 14.83 14.37
N CYS H 73 -38.68 15.64 15.01
CA CYS H 73 -38.02 15.27 16.25
C CYS H 73 -38.62 16.01 17.43
N TYR H 74 -39.74 16.72 17.24
CA TYR H 74 -40.37 17.42 18.35
C TYR H 74 -41.03 16.43 19.30
N THR H 75 -40.88 16.71 20.60
CA THR H 75 -41.22 15.91 21.79
C THR H 75 -40.17 14.83 22.08
N ASN H 76 -40.02 14.52 23.37
CA ASN H 76 -39.04 13.52 23.79
C ASN H 76 -39.29 12.19 23.13
N ARG H 77 -40.55 11.86 22.87
CA ARG H 77 -40.81 10.56 22.29
C ARG H 77 -40.18 10.45 20.91
N ARG H 78 -40.39 11.49 20.10
CA ARG H 78 -39.80 11.44 18.78
C ARG H 78 -38.29 11.52 18.86
N MET H 79 -37.75 12.37 19.72
CA MET H 79 -36.29 12.41 19.79
C MET H 79 -35.74 11.03 20.12
N ALA H 80 -36.33 10.38 21.11
CA ALA H 80 -35.86 9.05 21.49
C ALA H 80 -35.94 8.10 20.31
N ALA H 81 -37.09 8.06 19.65
CA ALA H 81 -37.24 7.15 18.53
C ALA H 81 -36.21 7.42 17.46
N CYS H 82 -35.89 8.69 17.21
CA CYS H 82 -34.90 8.99 16.20
C CYS H 82 -33.53 8.45 16.61
N LEU H 83 -33.13 8.75 17.84
CA LEU H 83 -31.86 8.20 18.31
C LEU H 83 -31.87 6.68 18.24
N ARG H 84 -33.01 6.06 18.54
CA ARG H 84 -33.04 4.61 18.48
C ARG H 84 -32.83 4.12 17.07
N ASP H 85 -33.51 4.72 16.10
CA ASP H 85 -33.30 4.28 14.73
C ASP H 85 -31.85 4.44 14.33
N ALA H 86 -31.24 5.57 14.71
CA ALA H 86 -29.86 5.78 14.32
C ALA H 86 -28.97 4.71 14.91
N GLU H 87 -29.22 4.37 16.17
CA GLU H 87 -28.42 3.32 16.79
C GLU H 87 -28.66 1.99 16.09
N ILE H 88 -29.91 1.68 15.79
CA ILE H 88 -30.21 0.44 15.10
C ILE H 88 -29.39 0.35 13.84
N ILE H 89 -29.40 1.43 13.05
CA ILE H 89 -28.66 1.44 11.81
C ILE H 89 -27.18 1.26 12.07
N LEU H 90 -26.66 1.96 13.07
CA LEU H 90 -25.23 1.85 13.34
C LEU H 90 -24.88 0.42 13.70
N ARG H 91 -25.77 -0.25 14.42
CA ARG H 91 -25.43 -1.59 14.87
C ARG H 91 -25.46 -2.55 13.69
N TYR H 92 -26.47 -2.43 12.84
CA TYR H 92 -26.45 -3.28 11.65
C TYR H 92 -25.23 -3.01 10.78
N VAL H 93 -24.78 -1.75 10.70
CA VAL H 93 -23.55 -1.51 9.97
C VAL H 93 -22.38 -2.19 10.64
N SER H 94 -22.32 -2.15 11.97
CA SER H 94 -21.20 -2.79 12.63
C SER H 94 -21.25 -4.29 12.44
N TYR H 95 -22.46 -4.86 12.35
CA TYR H 95 -22.54 -6.28 12.07
C TYR H 95 -22.07 -6.57 10.65
N ALA H 96 -22.44 -5.72 9.71
CA ALA H 96 -21.90 -5.85 8.36
C ALA H 96 -20.39 -5.89 8.39
N LEU H 97 -19.79 -5.00 9.18
CA LEU H 97 -18.33 -4.95 9.23
C LEU H 97 -17.78 -6.22 9.87
N LEU H 98 -18.41 -6.69 10.93
CA LEU H 98 -18.03 -7.97 11.52
C LEU H 98 -18.08 -9.10 10.49
N SER H 99 -19.13 -9.13 9.67
CA SER H 99 -19.36 -10.25 8.76
C SER H 99 -18.55 -10.17 7.49
N GLY H 100 -18.20 -8.97 7.04
CA GLY H 100 -17.52 -8.81 5.78
C GLY H 100 -18.45 -8.73 4.60
N ASP H 101 -19.75 -8.50 4.82
CA ASP H 101 -20.71 -8.35 3.76
C ASP H 101 -21.96 -7.67 4.32
N SER H 102 -22.82 -7.23 3.41
CA SER H 102 -23.99 -6.42 3.75
C SER H 102 -25.30 -7.19 3.65
N SER H 103 -25.26 -8.52 3.57
CA SER H 103 -26.48 -9.28 3.33
C SER H 103 -27.49 -9.08 4.45
N VAL H 104 -27.06 -9.28 5.70
CA VAL H 104 -28.00 -9.08 6.79
C VAL H 104 -28.37 -7.62 6.85
N LEU H 105 -27.40 -6.73 6.62
CA LEU H 105 -27.70 -5.30 6.64
C LEU H 105 -28.82 -4.99 5.67
N GLU H 106 -28.71 -5.48 4.44
CA GLU H 106 -29.75 -5.22 3.44
C GLU H 106 -31.06 -5.92 3.78
N ASP H 107 -30.97 -7.13 4.36
CA ASP H 107 -32.14 -7.99 4.49
C ASP H 107 -33.02 -7.67 5.70
N ARG H 108 -32.41 -7.46 6.86
CA ARG H 108 -33.13 -7.25 8.10
C ARG H 108 -33.27 -5.79 8.50
N CYS H 109 -32.52 -4.88 7.87
CA CYS H 109 -32.57 -3.48 8.25
C CYS H 109 -33.04 -2.56 7.13
N LEU H 110 -32.51 -2.72 5.92
CA LEU H 110 -32.76 -1.75 4.86
C LEU H 110 -33.97 -2.10 4.02
N ASN H 111 -34.25 -3.39 3.83
CA ASN H 111 -35.36 -3.82 3.00
C ASN H 111 -36.69 -3.31 3.53
N GLY H 112 -37.31 -2.37 2.81
CA GLY H 112 -38.57 -1.78 3.22
C GLY H 112 -38.47 -0.61 4.17
N LEU H 113 -37.27 -0.14 4.50
CA LEU H 113 -37.15 0.91 5.50
C LEU H 113 -37.57 2.26 4.94
N LYS H 114 -37.23 2.52 3.68
CA LYS H 114 -37.63 3.78 3.05
C LYS H 114 -39.14 3.93 3.04
N GLU H 115 -39.86 2.89 2.64
CA GLU H 115 -41.31 2.98 2.62
C GLU H 115 -41.86 3.24 4.02
N THR H 116 -41.25 2.64 5.04
CA THR H 116 -41.69 2.89 6.40
C THR H 116 -41.51 4.35 6.77
N TYR H 117 -40.34 4.91 6.46
CA TYR H 117 -40.18 6.31 6.81
C TYR H 117 -41.16 7.17 6.03
N SER H 118 -41.52 6.77 4.81
CA SER H 118 -42.51 7.55 4.08
C SER H 118 -43.82 7.52 4.84
N SER H 119 -44.24 6.32 5.26
CA SER H 119 -45.46 6.19 6.04
C SER H 119 -45.38 6.98 7.33
N LEU H 120 -44.18 7.27 7.81
CA LEU H 120 -44.04 8.00 9.05
C LEU H 120 -43.85 9.50 8.85
N GLY H 121 -43.51 9.94 7.64
CA GLY H 121 -43.22 11.34 7.45
C GLY H 121 -41.83 11.73 7.89
N VAL H 122 -40.95 10.75 8.09
CA VAL H 122 -39.56 10.98 8.46
C VAL H 122 -38.85 11.60 7.28
N PRO H 123 -38.28 12.80 7.40
CA PRO H 123 -37.76 13.47 6.22
C PRO H 123 -36.50 12.78 5.73
N ALA H 124 -36.42 12.63 4.41
CA ALA H 124 -35.33 11.86 3.82
C ALA H 124 -33.98 12.54 3.96
N ASN H 125 -33.94 13.87 3.81
CA ASN H 125 -32.64 14.54 3.82
C ASN H 125 -32.07 14.59 5.22
N GLY H 126 -32.91 14.79 6.21
CA GLY H 126 -32.42 14.67 7.57
C GLY H 126 -31.90 13.28 7.84
N ASN H 127 -32.62 12.27 7.41
CA ASN H 127 -32.10 10.92 7.60
C ASN H 127 -30.73 10.80 6.97
N ALA H 128 -30.61 11.30 5.73
CA ALA H 128 -29.36 11.20 5.00
C ALA H 128 -28.24 11.88 5.75
N ARG H 129 -28.53 13.04 6.33
CA ARG H 129 -27.49 13.76 7.04
C ARG H 129 -27.08 13.02 8.31
N ALA H 130 -28.05 12.54 9.09
CA ALA H 130 -27.68 11.79 10.29
C ALA H 130 -26.82 10.59 9.97
N VAL H 131 -27.25 9.80 8.99
CA VAL H 131 -26.46 8.64 8.60
C VAL H 131 -25.11 9.09 8.09
N SER H 132 -25.07 10.19 7.32
CA SER H 132 -23.81 10.64 6.76
C SER H 132 -22.83 11.00 7.87
N ILE H 133 -23.33 11.60 8.94
CA ILE H 133 -22.48 11.95 10.06
C ILE H 133 -21.99 10.69 10.75
N MET H 134 -22.90 9.74 10.97
CA MET H 134 -22.46 8.48 11.57
C MET H 134 -21.36 7.86 10.72
N LYS H 135 -21.50 8.00 9.40
CA LYS H 135 -20.51 7.50 8.46
C LYS H 135 -19.17 8.16 8.69
N ALA H 136 -19.18 9.49 8.80
CA ALA H 136 -17.91 10.17 9.00
C ALA H 136 -17.27 9.73 10.30
N CYS H 137 -18.08 9.62 11.35
CA CYS H 137 -17.59 9.10 12.62
C CYS H 137 -16.89 7.77 12.42
N SER H 138 -17.58 6.85 11.76
CA SER H 138 -17.01 5.51 11.69
C SER H 138 -15.72 5.54 10.89
N VAL H 139 -15.70 6.29 9.79
CA VAL H 139 -14.47 6.35 9.00
C VAL H 139 -13.33 6.90 9.84
N ALA H 140 -13.62 7.94 10.63
CA ALA H 140 -12.57 8.52 11.45
C ALA H 140 -12.09 7.54 12.48
N PHE H 141 -12.99 6.71 12.99
CA PHE H 141 -12.54 5.74 13.98
C PHE H 141 -11.75 4.61 13.34
N VAL H 142 -12.05 4.24 12.10
CA VAL H 142 -11.35 3.11 11.50
C VAL H 142 -10.02 3.55 10.91
N ASN H 143 -10.05 4.54 10.01
CA ASN H 143 -8.83 5.16 9.47
C ASN H 143 -8.39 6.32 10.36
N ASN H 144 -8.13 6.00 11.60
CA ASN H 144 -7.75 7.01 12.59
C ASN H 144 -6.28 7.34 12.43
N THR H 145 -5.97 8.62 12.14
CA THR H 145 -4.60 9.04 11.93
C THR H 145 -3.99 9.61 13.21
N ALA H 146 -4.58 9.27 14.36
CA ALA H 146 -4.06 9.68 15.65
C ALA H 146 -2.62 9.25 15.82
N SER H 147 -1.87 10.02 16.62
CA SER H 147 -0.56 9.56 17.03
C SER H 147 -0.71 8.33 17.91
N GLN H 148 0.32 7.47 17.88
CA GLN H 148 0.21 6.18 18.55
C GLN H 148 -0.07 6.33 20.05
N LYS H 149 0.44 7.40 20.66
CA LYS H 149 0.21 7.63 22.09
C LYS H 149 -1.27 7.82 22.41
N LYS H 150 -2.08 8.26 21.46
CA LYS H 150 -3.53 8.32 21.64
C LYS H 150 -4.26 7.30 20.77
N LEU H 151 -3.58 6.22 20.37
CA LEU H 151 -4.16 5.12 19.62
C LEU H 151 -4.29 3.90 20.52
N SER H 152 -5.45 3.22 20.45
CA SER H 152 -5.66 2.02 21.22
C SER H 152 -5.09 0.77 20.56
N THR H 153 -4.88 0.81 19.25
CA THR H 153 -4.42 -0.30 18.43
C THR H 153 -3.02 -0.04 17.91
N PRO H 154 -2.33 -1.07 17.40
CA PRO H 154 -1.06 -0.79 16.71
C PRO H 154 -1.32 0.03 15.47
N GLN H 155 -0.58 1.13 15.35
CA GLN H 155 -0.74 2.04 14.22
C GLN H 155 -0.46 1.30 12.92
N GLY H 156 -1.40 1.38 11.98
CA GLY H 156 -1.21 0.76 10.69
C GLY H 156 -2.28 1.23 9.72
N ASP H 157 -2.40 0.54 8.61
CA ASP H 157 -3.25 0.99 7.50
C ASP H 157 -4.56 0.21 7.53
N CYS H 158 -5.63 0.86 7.99
CA CYS H 158 -6.96 0.27 7.98
C CYS H 158 -7.88 0.97 7.01
N SER H 159 -7.32 1.67 6.02
CA SER H 159 -8.12 2.43 5.07
C SER H 159 -9.03 1.52 4.26
N GLY H 160 -8.58 0.32 3.94
CA GLY H 160 -9.43 -0.61 3.23
C GLY H 160 -10.68 -0.91 4.01
N LEU H 161 -10.53 -1.21 5.30
CA LEU H 161 -11.68 -1.45 6.14
C LEU H 161 -12.55 -0.20 6.23
N ALA H 162 -11.92 0.98 6.25
CA ALA H 162 -12.75 2.17 6.32
C ALA H 162 -13.58 2.32 5.06
N SER H 163 -13.00 2.03 3.90
CA SER H 163 -13.80 2.09 2.68
C SER H 163 -14.90 1.06 2.68
N GLU H 164 -14.63 -0.12 3.25
CA GLU H 164 -15.69 -1.13 3.29
C GLU H 164 -16.86 -0.60 4.10
N VAL H 165 -16.57 -0.05 5.28
CA VAL H 165 -17.68 0.43 6.09
C VAL H 165 -18.33 1.64 5.44
N ALA H 166 -17.55 2.43 4.70
CA ALA H 166 -18.16 3.52 3.95
C ALA H 166 -19.16 2.98 2.94
N GLY H 167 -18.81 1.89 2.27
CA GLY H 167 -19.75 1.29 1.36
C GLY H 167 -21.03 0.86 2.07
N TYR H 168 -20.89 0.35 3.28
CA TYR H 168 -22.10 -0.07 3.99
C TYR H 168 -22.97 1.14 4.32
N PHE H 169 -22.33 2.24 4.73
CA PHE H 169 -23.11 3.44 4.97
C PHE H 169 -23.76 3.92 3.69
N ASP H 170 -23.05 3.82 2.57
CA ASP H 170 -23.61 4.23 1.30
C ASP H 170 -24.82 3.38 0.96
N LYS H 171 -24.77 2.09 1.30
CA LYS H 171 -25.91 1.22 1.05
C LYS H 171 -27.10 1.70 1.86
N VAL H 172 -26.83 2.21 3.06
CA VAL H 172 -27.89 2.76 3.90
C VAL H 172 -28.47 4.01 3.23
N THR H 173 -27.60 4.95 2.86
CA THR H 173 -28.09 6.21 2.30
C THR H 173 -28.85 6.00 0.99
N SER H 174 -28.36 5.09 0.15
CA SER H 174 -29.09 4.79 -1.08
C SER H 174 -30.44 4.17 -0.76
N ALA H 175 -30.52 3.35 0.31
CA ALA H 175 -31.76 2.65 0.54
C ALA H 175 -32.84 3.54 1.13
N ILE H 176 -32.47 4.46 2.04
CA ILE H 176 -33.46 5.22 2.79
C ILE H 176 -33.62 6.66 2.28
N SER H 177 -33.05 6.99 1.14
CA SER H 177 -33.23 8.35 0.62
C SER H 177 -34.09 8.35 -0.63
N GLY I 1 18.15 -41.15 -27.79
CA GLY I 1 17.29 -40.51 -26.81
C GLY I 1 17.93 -39.37 -26.05
N MET I 2 17.10 -38.45 -25.54
CA MET I 2 17.60 -37.42 -24.64
C MET I 2 18.12 -38.07 -23.38
N ASP I 3 19.41 -37.86 -23.09
CA ASP I 3 20.11 -38.60 -22.06
C ASP I 3 20.34 -37.78 -20.80
N LYS I 4 19.58 -36.69 -20.61
CA LYS I 4 19.63 -35.88 -19.39
C LYS I 4 21.04 -35.35 -19.09
N SER I 5 21.95 -35.40 -20.06
CA SER I 5 23.33 -35.00 -19.88
C SER I 5 23.53 -33.49 -19.96
N ALA I 6 22.55 -32.74 -20.45
CA ALA I 6 22.66 -31.31 -20.75
C ALA I 6 23.76 -31.00 -21.78
N LYS I 7 24.19 -31.98 -22.55
CA LYS I 7 25.15 -31.73 -23.62
C LYS I 7 24.42 -31.28 -24.88
N ALA I 8 25.03 -30.36 -25.63
CA ALA I 8 24.43 -29.85 -26.85
C ALA I 8 25.53 -29.48 -27.83
N PRO I 9 25.20 -29.42 -29.13
CA PRO I 9 26.20 -28.99 -30.12
C PRO I 9 26.65 -27.55 -29.92
N ALA I 10 27.97 -27.34 -29.98
CA ALA I 10 28.56 -26.01 -30.01
C ALA I 10 29.17 -25.78 -31.39
N ILE I 11 28.67 -24.78 -32.10
CA ILE I 11 29.06 -24.51 -33.48
C ILE I 11 29.72 -23.14 -33.52
N THR I 12 30.96 -23.10 -34.01
CA THR I 12 31.66 -21.83 -34.22
C THR I 12 32.08 -21.74 -35.67
N ILE I 13 31.63 -20.69 -36.35
CA ILE I 13 31.89 -20.49 -37.77
C ILE I 13 32.84 -19.29 -37.88
N PHE I 14 34.06 -19.54 -38.37
CA PHE I 14 35.09 -18.52 -38.54
C PHE I 14 35.18 -18.15 -40.02
N ASP I 15 34.62 -17.00 -40.37
CA ASP I 15 34.87 -16.39 -41.67
C ASP I 15 35.93 -15.32 -41.42
N HIS I 16 37.19 -15.74 -41.49
CA HIS I 16 38.32 -14.89 -41.13
C HIS I 16 39.13 -14.54 -42.37
N ARG I 17 38.45 -14.25 -43.47
CA ARG I 17 39.13 -13.81 -44.68
C ARG I 17 39.87 -12.50 -44.43
N GLY I 18 41.18 -12.52 -44.66
CA GLY I 18 42.01 -11.35 -44.43
C GLY I 18 42.53 -11.23 -43.01
N CYS I 19 42.22 -12.19 -42.15
CA CYS I 19 42.69 -12.15 -40.77
C CYS I 19 44.17 -12.44 -40.70
N SER I 20 44.91 -11.59 -39.97
CA SER I 20 46.35 -11.74 -39.85
C SER I 20 46.76 -12.85 -38.90
N ARG I 21 45.84 -13.51 -38.21
CA ARG I 21 46.19 -14.67 -37.38
C ARG I 21 46.18 -15.90 -38.28
N ALA I 22 47.35 -16.51 -38.48
CA ALA I 22 47.46 -17.57 -39.46
C ALA I 22 46.63 -18.78 -39.05
N PRO I 23 45.90 -19.39 -39.98
CA PRO I 23 45.19 -20.63 -39.68
C PRO I 23 46.16 -21.78 -39.44
N LYS I 24 45.81 -22.67 -38.51
CA LYS I 24 46.70 -23.78 -38.18
C LYS I 24 45.96 -24.99 -37.64
N GLU I 25 44.63 -25.04 -37.74
CA GLU I 25 43.82 -26.10 -37.16
C GLU I 25 43.20 -27.03 -38.20
N SER I 26 43.57 -26.89 -39.48
CA SER I 26 43.09 -27.83 -40.50
C SER I 26 44.23 -28.38 -41.35
N SER I 27 44.91 -27.51 -42.11
CA SER I 27 46.15 -27.75 -42.86
C SER I 27 45.92 -28.43 -44.22
N ALA I 28 44.73 -28.95 -44.51
CA ALA I 28 44.42 -29.45 -45.85
C ALA I 28 44.02 -28.26 -46.72
N LYS I 29 44.92 -27.84 -47.61
CA LYS I 29 44.76 -26.57 -48.29
C LYS I 29 44.01 -26.74 -49.61
N SER I 30 43.13 -25.77 -49.89
CA SER I 30 42.37 -25.72 -51.13
C SER I 30 42.94 -24.72 -52.12
N GLY I 31 43.83 -23.83 -51.68
CA GLY I 31 44.35 -22.78 -52.52
C GLY I 31 43.35 -21.69 -52.83
N SER I 32 42.49 -21.34 -51.87
CA SER I 32 41.47 -20.34 -52.07
C SER I 32 41.16 -19.70 -50.72
N GLN I 33 40.24 -18.74 -50.73
CA GLN I 33 39.82 -18.09 -49.50
C GLN I 33 39.25 -19.09 -48.50
N ASP I 34 38.83 -20.27 -48.96
CA ASP I 34 38.40 -21.33 -48.04
C ASP I 34 39.49 -21.73 -47.05
N ASP I 35 40.77 -21.49 -47.36
CA ASP I 35 41.86 -21.71 -46.43
C ASP I 35 41.90 -20.72 -45.28
N GLU I 36 41.14 -19.62 -45.37
CA GLU I 36 41.06 -18.63 -44.29
C GLU I 36 39.74 -18.71 -43.54
N MET I 37 39.00 -19.81 -43.68
CA MET I 37 37.72 -19.99 -43.03
C MET I 37 37.64 -21.41 -42.48
N LEU I 38 36.88 -21.58 -41.39
CA LEU I 38 36.83 -22.87 -40.70
C LEU I 38 35.53 -23.02 -39.94
N VAL I 39 35.01 -24.24 -39.90
CA VAL I 39 33.83 -24.58 -39.10
C VAL I 39 34.27 -25.55 -38.01
N LYS I 40 34.08 -25.15 -36.75
CA LYS I 40 34.37 -25.99 -35.59
C LYS I 40 33.06 -26.49 -35.00
N VAL I 41 32.96 -27.81 -34.80
CA VAL I 41 31.78 -28.45 -34.23
C VAL I 41 32.19 -29.28 -33.01
N ALA I 42 31.64 -28.94 -31.84
CA ALA I 42 31.87 -29.66 -30.60
C ALA I 42 30.53 -30.10 -30.01
N SER I 43 30.60 -30.93 -28.97
CA SER I 43 29.43 -31.30 -28.19
C SER I 43 29.80 -31.07 -26.73
N THR I 44 29.23 -30.04 -26.12
CA THR I 44 29.63 -29.65 -24.78
C THR I 44 28.43 -29.43 -23.86
N LYS I 45 28.67 -29.62 -22.57
CA LYS I 45 27.61 -29.46 -21.59
C LYS I 45 27.21 -27.99 -21.51
N VAL I 46 25.91 -27.71 -21.56
CA VAL I 46 25.41 -26.37 -21.37
C VAL I 46 25.14 -26.14 -19.90
N THR I 47 25.68 -25.05 -19.35
CA THR I 47 25.48 -24.71 -17.95
C THR I 47 25.18 -23.22 -17.83
N VAL I 48 24.38 -22.87 -16.81
CA VAL I 48 24.07 -21.49 -16.49
C VAL I 48 24.22 -21.34 -14.97
N SER I 49 25.07 -20.40 -14.55
CA SER I 49 25.32 -20.24 -13.13
C SER I 49 24.13 -19.56 -12.46
N GLU I 50 23.95 -19.87 -11.17
CA GLU I 50 22.90 -19.23 -10.39
C GLU I 50 23.09 -17.72 -10.31
N ASP I 51 24.35 -17.24 -10.31
CA ASP I 51 24.60 -15.80 -10.34
C ASP I 51 24.03 -15.15 -11.60
N VAL I 52 24.27 -15.77 -12.75
CA VAL I 52 23.71 -15.30 -14.01
C VAL I 52 22.18 -15.31 -13.95
N ALA I 53 21.61 -16.38 -13.40
CA ALA I 53 20.17 -16.45 -13.27
C ALA I 53 19.65 -15.31 -12.41
N ALA I 54 20.37 -14.94 -11.35
CA ALA I 54 19.93 -13.81 -10.54
C ALA I 54 20.01 -12.51 -11.34
N LYS I 55 21.01 -12.38 -12.19
CA LYS I 55 21.11 -11.17 -13.01
C LYS I 55 19.99 -11.13 -14.04
N LYS I 56 19.60 -12.28 -14.56
CA LYS I 56 18.54 -12.30 -15.56
C LYS I 56 17.18 -12.13 -14.89
N LEU I 57 17.01 -12.66 -13.68
CA LEU I 57 15.81 -12.38 -12.93
C LEU I 57 15.66 -10.89 -12.72
N GLN I 58 16.76 -10.21 -12.39
CA GLN I 58 16.69 -8.78 -12.13
C GLN I 58 16.37 -8.00 -13.41
N GLU I 59 16.81 -8.52 -14.56
CA GLU I 59 16.44 -7.91 -15.84
C GLU I 59 15.04 -8.23 -16.30
N PHE I 60 14.47 -9.35 -15.86
CA PHE I 60 13.16 -9.82 -16.31
C PHE I 60 12.00 -9.30 -15.46
N ILE I 61 12.27 -8.97 -14.18
CA ILE I 61 11.20 -8.76 -13.22
C ILE I 61 10.41 -7.48 -13.44
N GLY I 62 10.93 -6.54 -14.22
CA GLY I 62 10.13 -5.36 -14.55
C GLY I 62 8.86 -5.70 -15.31
N PHE I 63 8.88 -6.78 -16.09
CA PHE I 63 7.75 -7.30 -16.86
C PHE I 63 7.24 -6.31 -17.90
N LYS I 64 7.98 -5.23 -18.14
CA LYS I 64 7.56 -4.18 -19.06
C LYS I 64 8.50 -4.03 -20.24
N GLU I 65 9.81 -4.02 -20.00
CA GLU I 65 10.74 -3.63 -21.05
C GLU I 65 11.17 -4.85 -21.87
N LYS I 66 11.87 -4.58 -22.96
CA LYS I 66 12.15 -5.57 -23.99
C LYS I 66 13.25 -5.01 -24.89
N GLY I 67 13.70 -5.84 -25.83
CA GLY I 67 14.60 -5.36 -26.86
C GLY I 67 13.83 -4.53 -27.87
N LEU I 68 14.56 -4.03 -28.87
CA LEU I 68 13.91 -3.25 -29.92
C LEU I 68 12.89 -4.09 -30.69
N ASP I 69 13.26 -5.32 -31.07
CA ASP I 69 12.38 -6.16 -31.86
C ASP I 69 11.24 -6.75 -31.03
N GLY I 70 10.20 -7.16 -31.72
CA GLY I 70 9.13 -7.95 -31.17
C GLY I 70 7.92 -7.14 -30.72
N SER I 71 6.74 -7.72 -30.90
CA SER I 71 5.52 -7.13 -30.37
C SER I 71 5.48 -7.24 -28.84
N VAL I 72 4.54 -6.53 -28.24
CA VAL I 72 4.31 -6.58 -26.80
C VAL I 72 3.22 -7.61 -26.53
N ILE I 73 3.56 -8.66 -25.80
CA ILE I 73 2.63 -9.73 -25.50
C ILE I 73 2.45 -9.92 -23.99
N ARG I 74 2.72 -8.87 -23.22
CA ARG I 74 2.65 -8.92 -21.76
C ARG I 74 1.39 -8.21 -21.27
N LYS I 75 0.97 -8.59 -20.06
CA LYS I 75 -0.18 -7.98 -19.42
C LYS I 75 -0.11 -8.14 -17.92
N ALA J 1 36.13 9.38 -5.01
CA ALA J 1 36.98 8.69 -5.98
C ALA J 1 36.49 7.27 -6.26
N MET J 2 36.95 6.71 -7.38
CA MET J 2 36.68 5.32 -7.71
C MET J 2 37.39 4.41 -6.70
N ASP J 3 36.61 3.64 -5.93
CA ASP J 3 37.11 3.00 -4.72
C ASP J 3 37.54 1.55 -4.92
N LYS J 4 37.58 1.05 -6.15
CA LYS J 4 38.16 -0.26 -6.47
C LYS J 4 37.45 -1.39 -5.72
N SER J 5 36.13 -1.31 -5.63
CA SER J 5 35.32 -2.31 -4.93
C SER J 5 34.46 -3.14 -5.86
N ALA J 6 34.32 -2.72 -7.12
CA ALA J 6 33.46 -3.31 -8.15
C ALA J 6 31.98 -3.30 -7.76
N LYS J 7 31.59 -2.39 -6.89
CA LYS J 7 30.18 -2.23 -6.54
C LYS J 7 29.59 -1.15 -7.44
N ALA J 8 28.32 -1.32 -7.78
CA ALA J 8 27.65 -0.36 -8.64
C ALA J 8 26.18 -0.33 -8.28
N PRO J 9 25.48 0.78 -8.56
CA PRO J 9 24.06 0.87 -8.24
C PRO J 9 23.23 0.10 -9.25
N VAL J 10 22.50 -0.90 -8.77
CA VAL J 10 21.57 -1.70 -9.56
C VAL J 10 20.17 -1.12 -9.35
N ILE J 11 19.54 -0.67 -10.43
CA ILE J 11 18.22 -0.05 -10.39
C ILE J 11 17.21 -1.03 -10.97
N THR J 12 16.08 -1.18 -10.29
CA THR J 12 14.98 -1.99 -10.77
C THR J 12 13.72 -1.14 -10.85
N ILE J 13 13.09 -1.09 -12.01
CA ILE J 13 11.87 -0.32 -12.20
C ILE J 13 10.71 -1.31 -12.27
N PHE J 14 9.78 -1.20 -11.33
CA PHE J 14 8.61 -2.07 -11.23
C PHE J 14 7.39 -1.22 -11.58
N ASP J 15 7.03 -1.20 -12.86
CA ASP J 15 5.70 -0.71 -13.24
C ASP J 15 4.78 -1.91 -13.20
N HIS J 16 4.16 -2.13 -12.05
CA HIS J 16 3.35 -3.32 -11.80
C HIS J 16 1.88 -2.96 -11.63
N ARG J 17 1.42 -1.92 -12.31
CA ARG J 17 0.00 -1.60 -12.31
C ARG J 17 -0.81 -2.78 -12.79
N GLY J 18 -1.90 -3.08 -12.10
CA GLY J 18 -2.71 -4.24 -12.42
C GLY J 18 -2.22 -5.55 -11.85
N CYS J 19 -1.07 -5.57 -11.18
CA CYS J 19 -0.47 -6.82 -10.74
C CYS J 19 -1.19 -7.31 -9.50
N SER J 20 -1.52 -8.60 -9.47
CA SER J 20 -2.24 -9.17 -8.35
C SER J 20 -1.36 -9.48 -7.14
N ARG J 21 -0.04 -9.49 -7.33
CA ARG J 21 0.87 -9.64 -6.21
C ARG J 21 0.89 -8.33 -5.41
N ALA J 22 0.50 -8.41 -4.14
CA ALA J 22 0.30 -7.21 -3.33
C ALA J 22 1.62 -6.53 -3.00
N PRO J 23 1.68 -5.20 -3.13
CA PRO J 23 2.83 -4.45 -2.60
C PRO J 23 3.06 -4.73 -1.11
N LYS J 24 4.33 -4.65 -0.71
CA LYS J 24 4.72 -4.91 0.66
C LYS J 24 6.03 -4.21 1.03
N GLU J 25 6.99 -4.13 0.09
CA GLU J 25 8.34 -3.70 0.45
C GLU J 25 8.41 -2.21 0.76
N TYR J 26 7.58 -1.39 0.10
CA TYR J 26 7.51 0.04 0.40
C TYR J 26 6.64 0.27 1.63
N THR J 27 7.22 0.89 2.66
CA THR J 27 6.56 1.06 3.94
C THR J 27 6.20 2.52 4.23
N GLY J 28 6.17 3.37 3.19
CA GLY J 28 5.78 4.74 3.33
C GLY J 28 4.30 4.96 3.11
N SER J 29 3.94 6.23 2.97
CA SER J 29 2.55 6.64 2.82
C SER J 29 2.02 6.31 1.44
N LYS J 30 0.70 6.11 1.35
CA LYS J 30 0.06 5.73 0.10
C LYS J 30 -0.32 6.96 -0.70
N ALA J 31 -0.33 6.79 -2.03
CA ALA J 31 -0.69 7.88 -2.93
C ALA J 31 -2.18 7.93 -3.20
N SER J 32 -2.91 6.86 -2.89
CA SER J 32 -4.31 6.71 -3.28
C SER J 32 -4.44 6.86 -4.80
N GLY J 33 -3.62 6.11 -5.52
CA GLY J 33 -3.57 6.17 -6.96
C GLY J 33 -2.69 5.07 -7.49
N GLN J 34 -2.46 5.11 -8.80
CA GLN J 34 -1.71 4.04 -9.45
C GLN J 34 -0.25 4.03 -9.01
N ASP J 35 0.24 5.10 -8.40
CA ASP J 35 1.58 5.09 -7.83
C ASP J 35 1.71 4.08 -6.70
N ASP J 36 0.60 3.66 -6.08
CA ASP J 36 0.66 2.58 -5.11
C ASP J 36 0.96 1.22 -5.75
N GLU J 37 0.95 1.12 -7.07
CA GLU J 37 1.26 -0.13 -7.75
C GLU J 37 2.60 -0.09 -8.46
N MET J 38 3.44 0.91 -8.19
CA MET J 38 4.69 1.10 -8.90
C MET J 38 5.81 1.43 -7.92
N MET J 39 7.03 1.08 -8.30
CA MET J 39 8.18 1.28 -7.43
C MET J 39 9.47 1.41 -8.21
N VAL J 40 10.35 2.26 -7.71
CA VAL J 40 11.75 2.31 -8.11
C VAL J 40 12.55 1.71 -6.95
N LYS J 41 13.44 0.78 -7.26
CA LYS J 41 14.30 0.16 -6.26
C LYS J 41 15.73 0.41 -6.69
N ALA J 42 16.58 0.75 -5.74
CA ALA J 42 18.01 0.90 -5.99
C ALA J 42 18.80 0.21 -4.91
N GLN J 43 19.90 -0.44 -5.29
CA GLN J 43 20.69 -1.20 -4.33
C GLN J 43 22.13 -1.25 -4.81
N SER J 44 23.07 -1.12 -3.89
CA SER J 44 24.48 -1.19 -4.24
C SER J 44 24.92 -2.65 -4.25
N VAL J 45 25.35 -3.15 -5.41
CA VAL J 45 25.66 -4.56 -5.58
C VAL J 45 27.03 -4.68 -6.21
N LYS J 46 27.83 -5.62 -5.71
CA LYS J 46 29.09 -5.94 -6.36
C LYS J 46 28.83 -6.60 -7.70
N ILE J 47 29.37 -6.01 -8.76
CA ILE J 47 29.20 -6.52 -10.12
C ILE J 47 30.21 -7.62 -10.38
N ALA J 48 29.74 -8.72 -10.95
CA ALA J 48 30.57 -9.89 -11.23
C ALA J 48 30.12 -10.52 -12.54
N VAL J 49 31.06 -11.17 -13.22
CA VAL J 49 30.80 -11.84 -14.49
C VAL J 49 31.35 -13.25 -14.42
N SER J 50 30.52 -14.24 -14.77
CA SER J 50 30.93 -15.62 -14.66
C SER J 50 31.83 -16.02 -15.82
N ASP J 51 32.58 -17.11 -15.62
CA ASP J 51 33.43 -17.65 -16.67
C ASP J 51 32.64 -18.04 -17.91
N GLY J 52 31.45 -18.62 -17.73
CA GLY J 52 30.67 -19.06 -18.87
C GLY J 52 30.26 -17.91 -19.78
N VAL J 53 29.87 -16.78 -19.19
CA VAL J 53 29.53 -15.62 -19.99
C VAL J 53 30.76 -15.11 -20.73
N ALA J 54 31.91 -15.06 -20.05
CA ALA J 54 33.12 -14.58 -20.72
C ALA J 54 33.47 -15.48 -21.90
N GLU J 55 33.27 -16.79 -21.75
CA GLU J 55 33.57 -17.71 -22.83
C GLU J 55 32.60 -17.51 -23.97
N SER J 56 31.33 -17.26 -23.67
CA SER J 56 30.35 -17.11 -24.74
C SER J 56 30.52 -15.77 -25.45
N VAL J 57 30.91 -14.72 -24.74
CA VAL J 57 31.22 -13.45 -25.39
C VAL J 57 32.45 -13.60 -26.28
N LEU J 58 33.45 -14.36 -25.82
CA LEU J 58 34.58 -14.70 -26.67
C LEU J 58 34.10 -15.40 -27.94
N LYS J 59 33.29 -16.44 -27.78
CA LYS J 59 32.81 -17.23 -28.90
C LYS J 59 32.06 -16.36 -29.90
N ASP J 60 31.08 -15.59 -29.43
CA ASP J 60 30.30 -14.75 -30.33
C ASP J 60 31.15 -13.66 -30.99
N SER J 61 32.19 -13.17 -30.32
CA SER J 61 33.11 -12.24 -30.99
C SER J 61 33.89 -12.94 -32.11
N LEU J 62 34.39 -14.15 -31.86
CA LEU J 62 35.12 -14.92 -32.86
C LEU J 62 34.30 -15.17 -34.13
N SER J 63 33.01 -15.49 -33.98
CA SER J 63 32.24 -15.90 -35.15
C SER J 63 31.73 -14.71 -35.95
N VAL J 64 31.89 -13.49 -35.43
CA VAL J 64 31.47 -12.30 -36.15
C VAL J 64 32.65 -11.48 -36.68
N MET J 65 33.86 -11.68 -36.16
CA MET J 65 35.01 -10.99 -36.72
C MET J 65 35.47 -11.66 -38.02
N HIS J 66 36.22 -10.89 -38.81
CA HIS J 66 36.70 -11.32 -40.11
C HIS J 66 38.20 -11.09 -40.24
N LYS J 67 38.65 -9.87 -40.00
CA LYS J 67 40.06 -9.53 -40.13
C LYS J 67 40.48 -8.46 -39.14
N ALA K 4 30.77 -38.25 -39.78
CA ALA K 4 31.86 -37.72 -38.97
C ALA K 4 31.37 -36.60 -38.05
N PHE K 5 30.22 -36.01 -38.40
CA PHE K 5 29.60 -34.98 -37.59
C PHE K 5 28.53 -35.53 -36.67
N SER K 6 27.68 -36.43 -37.18
CA SER K 6 26.70 -37.09 -36.33
C SER K 6 27.36 -37.89 -35.23
N ARG K 7 28.65 -38.21 -35.37
CA ARG K 7 29.39 -38.89 -34.31
C ARG K 7 29.88 -37.90 -33.25
N VAL K 8 30.32 -36.72 -33.69
CA VAL K 8 30.81 -35.71 -32.74
C VAL K 8 29.71 -35.33 -31.75
N VAL K 9 28.49 -35.14 -32.24
CA VAL K 9 27.40 -34.64 -31.42
C VAL K 9 26.67 -35.79 -30.72
N THR K 10 27.32 -36.95 -30.62
CA THR K 10 26.74 -38.09 -29.90
C THR K 10 27.75 -38.79 -29.00
N LYS K 15 35.88 -36.02 -29.85
CA LYS K 15 36.76 -35.20 -30.67
C LYS K 15 35.97 -34.14 -31.46
N ALA K 16 36.37 -32.89 -31.28
CA ALA K 16 35.76 -31.77 -32.00
C ALA K 16 36.16 -31.78 -33.47
N ALA K 17 35.21 -31.46 -34.35
CA ALA K 17 35.45 -31.44 -35.78
C ALA K 17 35.86 -30.04 -36.23
N TYR K 18 36.99 -29.94 -36.92
CA TYR K 18 37.50 -28.70 -37.50
C TYR K 18 37.49 -28.82 -39.03
N VAL K 19 36.59 -28.10 -39.67
CA VAL K 19 36.38 -28.22 -41.11
C VAL K 19 36.79 -26.89 -41.74
N GLY K 20 37.97 -26.88 -42.37
CA GLY K 20 38.38 -25.70 -43.11
C GLY K 20 39.03 -26.08 -44.42
N GLY K 21 39.57 -25.09 -45.14
CA GLY K 21 40.37 -25.37 -46.32
C GLY K 21 39.63 -26.21 -47.33
N ALA K 22 40.31 -27.24 -47.84
CA ALA K 22 39.71 -28.12 -48.85
C ALA K 22 38.56 -28.91 -48.24
N ASP K 23 38.65 -29.23 -46.95
CA ASP K 23 37.58 -29.95 -46.29
C ASP K 23 36.33 -29.09 -46.23
N LEU K 24 36.50 -27.79 -45.98
CA LEU K 24 35.37 -26.86 -46.00
C LEU K 24 34.79 -26.71 -47.40
N GLN K 25 35.66 -26.55 -48.40
CA GLN K 25 35.19 -26.43 -49.78
C GLN K 25 34.39 -27.66 -50.20
N ALA K 26 34.86 -28.84 -49.81
CA ALA K 26 34.14 -30.04 -50.17
C ALA K 26 32.83 -30.11 -49.42
N LEU K 27 32.84 -29.81 -48.12
CA LEU K 27 31.61 -29.89 -47.36
C LEU K 27 30.57 -28.97 -47.97
N LYS K 28 30.98 -27.75 -48.32
CA LYS K 28 30.04 -26.81 -48.92
C LYS K 28 29.53 -27.32 -50.25
N LYS K 29 30.32 -28.14 -50.96
CA LYS K 29 29.76 -28.76 -52.16
C LYS K 29 28.78 -29.86 -51.81
N PHE K 30 29.01 -30.55 -50.68
CA PHE K 30 28.23 -31.70 -50.25
C PHE K 30 26.96 -31.33 -49.50
N ILE K 31 26.72 -30.05 -49.22
CA ILE K 31 25.49 -29.66 -48.56
C ILE K 31 24.74 -28.65 -49.41
N SER K 32 23.44 -28.52 -49.10
CA SER K 32 22.60 -27.58 -49.82
C SER K 32 22.96 -26.15 -49.45
N GLU K 33 23.20 -25.32 -50.46
CA GLU K 33 23.41 -23.89 -50.28
C GLU K 33 24.46 -23.62 -49.20
N GLY K 34 25.64 -24.23 -49.39
CA GLY K 34 26.63 -24.28 -48.32
C GLY K 34 26.94 -22.92 -47.73
N ASN K 35 27.21 -21.94 -48.59
CA ASN K 35 27.61 -20.63 -48.10
C ASN K 35 26.44 -19.94 -47.40
N LYS K 36 25.27 -19.96 -48.02
CA LYS K 36 24.08 -19.40 -47.40
C LYS K 36 23.76 -20.12 -46.10
N ARG K 37 23.95 -21.44 -46.07
CA ARG K 37 23.60 -22.21 -44.88
C ARG K 37 24.50 -21.83 -43.71
N LEU K 38 25.80 -21.71 -43.98
CA LEU K 38 26.74 -21.29 -42.95
C LEU K 38 26.47 -19.87 -42.46
N ASP K 39 26.14 -18.94 -43.37
CA ASP K 39 25.75 -17.60 -42.93
C ASP K 39 24.52 -17.63 -42.03
N ALA K 40 23.49 -18.39 -42.41
CA ALA K 40 22.28 -18.50 -41.59
C ALA K 40 22.59 -19.03 -40.20
N VAL K 41 23.33 -20.14 -40.14
CA VAL K 41 23.70 -20.72 -38.86
C VAL K 41 24.51 -19.72 -38.04
N ASN K 42 25.43 -19.00 -38.69
CA ASN K 42 26.28 -18.07 -37.96
C ASN K 42 25.45 -16.92 -37.40
N SER K 43 24.43 -16.47 -38.14
CA SER K 43 23.62 -15.36 -37.66
C SER K 43 22.75 -15.78 -36.49
N ILE K 44 22.33 -17.04 -36.45
CA ILE K 44 21.59 -17.50 -35.28
C ILE K 44 22.51 -17.72 -34.09
N VAL K 45 23.60 -18.47 -34.29
CA VAL K 45 24.48 -18.86 -33.18
C VAL K 45 25.14 -17.63 -32.54
N SER K 46 25.57 -16.66 -33.36
CA SER K 46 26.21 -15.48 -32.79
C SER K 46 25.24 -14.59 -32.03
N ASN K 47 23.93 -14.78 -32.18
CA ASN K 47 22.92 -14.04 -31.43
C ASN K 47 22.20 -14.91 -30.43
N ALA K 48 22.65 -16.15 -30.24
CA ALA K 48 22.00 -17.09 -29.34
C ALA K 48 21.70 -16.49 -27.96
N SER K 49 22.64 -15.72 -27.40
CA SER K 49 22.42 -15.20 -26.05
C SER K 49 21.24 -14.26 -25.99
N CYS K 50 21.12 -13.35 -26.95
CA CYS K 50 19.97 -12.47 -26.99
C CYS K 50 18.69 -13.23 -27.32
N ILE K 51 18.79 -14.25 -28.17
CA ILE K 51 17.59 -15.00 -28.55
C ILE K 51 17.02 -15.73 -27.33
N VAL K 52 17.90 -16.42 -26.58
CA VAL K 52 17.47 -17.13 -25.37
C VAL K 52 16.94 -16.16 -24.33
N SER K 53 17.66 -15.05 -24.09
CA SER K 53 17.25 -14.10 -23.08
C SER K 53 15.88 -13.50 -23.42
N ASP K 54 15.73 -13.00 -24.65
CA ASP K 54 14.46 -12.42 -25.07
C ASP K 54 13.32 -13.44 -25.04
N ALA K 55 13.60 -14.70 -25.36
CA ALA K 55 12.55 -15.70 -25.37
C ALA K 55 12.06 -16.00 -23.96
N VAL K 56 12.99 -16.19 -23.03
CA VAL K 56 12.59 -16.47 -21.66
C VAL K 56 11.95 -15.25 -21.03
N SER K 57 12.50 -14.06 -21.30
CA SER K 57 11.90 -12.83 -20.82
C SER K 57 10.46 -12.67 -21.30
N GLY K 58 10.19 -12.97 -22.57
CA GLY K 58 8.83 -12.80 -23.06
C GLY K 58 7.90 -13.86 -22.50
N MET K 59 8.39 -15.09 -22.36
CA MET K 59 7.64 -16.10 -21.64
C MET K 59 7.24 -15.62 -20.26
N ILE K 60 8.16 -14.97 -19.55
CA ILE K 60 7.90 -14.56 -18.17
C ILE K 60 6.98 -13.34 -18.12
N CYS K 61 7.18 -12.36 -19.00
CA CYS K 61 6.33 -11.17 -19.00
C CYS K 61 4.90 -11.50 -19.42
N GLU K 62 4.70 -12.59 -20.18
CA GLU K 62 3.35 -13.04 -20.50
C GLU K 62 2.69 -13.72 -19.29
N ASN K 63 3.48 -14.38 -18.45
CA ASN K 63 2.98 -15.13 -17.30
C ASN K 63 3.92 -14.84 -16.14
N PRO K 64 3.77 -13.68 -15.50
CA PRO K 64 4.67 -13.31 -14.39
C PRO K 64 4.76 -14.37 -13.29
N SER K 65 3.67 -15.10 -13.04
CA SER K 65 3.63 -16.11 -11.99
C SER K 65 4.71 -17.17 -12.14
N LEU K 66 5.37 -17.25 -13.31
CA LEU K 66 6.46 -18.19 -13.46
C LEU K 66 7.63 -17.88 -12.53
N ILE K 67 7.74 -16.64 -12.05
CA ILE K 67 8.74 -16.32 -11.03
C ILE K 67 8.09 -15.86 -9.73
N SER K 68 6.81 -16.17 -9.53
CA SER K 68 6.19 -16.09 -8.22
C SER K 68 6.71 -17.24 -7.36
N PRO K 69 6.50 -17.21 -6.03
CA PRO K 69 7.02 -18.29 -5.18
C PRO K 69 6.57 -19.68 -5.60
N SER K 70 5.43 -19.79 -6.28
CA SER K 70 4.90 -21.06 -6.75
C SER K 70 5.00 -21.18 -8.28
N GLY K 71 6.03 -20.59 -8.87
CA GLY K 71 6.26 -20.68 -10.30
C GLY K 71 7.49 -21.49 -10.61
N ASN K 72 7.49 -22.13 -11.78
CA ASN K 72 8.54 -23.07 -12.13
C ASN K 72 9.89 -22.42 -12.42
N CYS K 73 9.95 -21.11 -12.61
CA CYS K 73 11.23 -20.41 -12.74
C CYS K 73 11.69 -19.76 -11.45
N TYR K 74 10.98 -19.99 -10.34
CA TYR K 74 11.38 -19.38 -9.07
C TYR K 74 12.68 -19.99 -8.57
N THR K 75 13.52 -19.14 -7.97
CA THR K 75 14.90 -19.40 -7.52
C THR K 75 15.88 -19.35 -8.68
N ASN K 76 17.13 -18.99 -8.37
CA ASN K 76 18.15 -18.92 -9.40
C ASN K 76 18.39 -20.29 -10.03
N ARG K 77 18.27 -21.36 -9.25
CA ARG K 77 18.52 -22.69 -9.79
C ARG K 77 17.55 -23.00 -10.92
N ARG K 78 16.27 -22.70 -10.69
CA ARG K 78 15.26 -22.97 -11.70
C ARG K 78 15.39 -22.02 -12.89
N MET K 79 15.53 -20.71 -12.62
CA MET K 79 15.78 -19.75 -13.68
C MET K 79 16.94 -20.18 -14.58
N ALA K 80 18.03 -20.64 -13.94
CA ALA K 80 19.21 -21.09 -14.69
C ALA K 80 18.90 -22.31 -15.53
N ALA K 81 18.18 -23.28 -14.96
CA ALA K 81 17.82 -24.48 -15.71
C ALA K 81 16.95 -24.14 -16.92
N CYS K 82 16.05 -23.17 -16.76
CA CYS K 82 15.18 -22.80 -17.88
C CYS K 82 15.96 -22.14 -19.00
N LEU K 83 16.79 -21.14 -18.67
CA LEU K 83 17.67 -20.55 -19.68
C LEU K 83 18.55 -21.61 -20.34
N ARG K 84 19.08 -22.54 -19.53
CA ARG K 84 19.90 -23.62 -20.07
C ARG K 84 19.13 -24.44 -21.10
N ASP K 85 17.92 -24.89 -20.74
CA ASP K 85 17.13 -25.71 -21.66
C ASP K 85 16.84 -24.97 -22.95
N ALA K 86 16.42 -23.70 -22.85
CA ALA K 86 16.16 -22.91 -24.05
C ALA K 86 17.40 -22.83 -24.94
N GLU K 87 18.58 -22.62 -24.34
CA GLU K 87 19.81 -22.57 -25.12
C GLU K 87 20.12 -23.92 -25.76
N ILE K 88 19.92 -25.01 -25.00
CA ILE K 88 20.15 -26.36 -25.53
C ILE K 88 19.30 -26.58 -26.79
N ILE K 89 18.01 -26.24 -26.70
CA ILE K 89 17.11 -26.47 -27.83
C ILE K 89 17.53 -25.62 -29.02
N LEU K 90 17.87 -24.34 -28.78
CA LEU K 90 18.32 -23.48 -29.87
C LEU K 90 19.62 -23.97 -30.49
N ARG K 91 20.50 -24.55 -29.69
CA ARG K 91 21.76 -25.05 -30.23
C ARG K 91 21.54 -26.31 -31.07
N TYR K 92 20.63 -27.18 -30.65
CA TYR K 92 20.31 -28.37 -31.44
C TYR K 92 19.62 -27.98 -32.74
N VAL K 93 18.75 -26.96 -32.70
CA VAL K 93 18.13 -26.51 -33.94
C VAL K 93 19.17 -25.90 -34.87
N SER K 94 20.09 -25.11 -34.32
CA SER K 94 21.16 -24.57 -35.16
C SER K 94 21.99 -25.70 -35.77
N TYR K 95 22.21 -26.78 -35.01
CA TYR K 95 22.94 -27.90 -35.59
C TYR K 95 22.12 -28.61 -36.66
N ALA K 96 20.80 -28.67 -36.47
CA ALA K 96 19.93 -29.24 -37.50
C ALA K 96 19.99 -28.43 -38.78
N LEU K 97 20.02 -27.11 -38.65
CA LEU K 97 20.17 -26.26 -39.82
C LEU K 97 21.52 -26.47 -40.48
N LEU K 98 22.59 -26.58 -39.68
CA LEU K 98 23.91 -26.84 -40.23
C LEU K 98 23.96 -28.17 -40.98
N SER K 99 23.34 -29.22 -40.42
CA SER K 99 23.41 -30.56 -40.99
C SER K 99 22.33 -30.85 -42.02
N GLY K 100 21.26 -30.05 -42.07
CA GLY K 100 20.22 -30.25 -43.06
C GLY K 100 19.21 -31.34 -42.80
N ASP K 101 18.97 -31.68 -41.54
CA ASP K 101 17.94 -32.66 -41.20
C ASP K 101 17.72 -32.55 -39.70
N SER K 102 16.64 -33.18 -39.24
CA SER K 102 16.21 -33.07 -37.86
C SER K 102 16.55 -34.33 -37.10
N SER K 103 17.37 -35.21 -37.68
CA SER K 103 17.61 -36.52 -37.11
C SER K 103 18.26 -36.41 -35.74
N VAL K 104 19.40 -35.71 -35.65
CA VAL K 104 20.06 -35.56 -34.35
C VAL K 104 19.16 -34.80 -33.37
N LEU K 105 18.45 -33.78 -33.86
CA LEU K 105 17.57 -33.01 -32.98
C LEU K 105 16.50 -33.91 -32.39
N GLU K 106 15.91 -34.78 -33.20
CA GLU K 106 14.87 -35.66 -32.72
C GLU K 106 15.43 -36.76 -31.83
N ASP K 107 16.62 -37.28 -32.17
CA ASP K 107 17.13 -38.47 -31.49
C ASP K 107 17.76 -38.12 -30.15
N ARG K 108 18.46 -36.98 -30.05
CA ARG K 108 19.21 -36.62 -28.86
C ARG K 108 18.56 -35.55 -27.99
N CYS K 109 17.67 -34.73 -28.55
CA CYS K 109 17.01 -33.63 -27.84
C CYS K 109 15.55 -33.87 -27.49
N LEU K 110 14.73 -34.32 -28.43
CA LEU K 110 13.29 -34.38 -28.25
C LEU K 110 12.85 -35.72 -27.69
N ASN K 111 13.54 -36.81 -28.01
CA ASN K 111 13.15 -38.12 -27.51
C ASN K 111 13.16 -38.13 -25.98
N GLY K 112 11.99 -38.29 -25.37
CA GLY K 112 11.88 -38.27 -23.92
C GLY K 112 11.72 -36.91 -23.29
N LEU K 113 11.82 -35.83 -24.06
CA LEU K 113 11.83 -34.50 -23.46
C LEU K 113 10.47 -34.17 -22.85
N LYS K 114 9.38 -34.45 -23.56
CA LYS K 114 8.07 -34.13 -22.99
C LYS K 114 7.83 -34.92 -21.72
N GLU K 115 8.25 -36.18 -21.69
CA GLU K 115 8.03 -37.01 -20.51
C GLU K 115 8.82 -36.49 -19.32
N THR K 116 10.05 -36.05 -19.57
CA THR K 116 10.86 -35.43 -18.51
C THR K 116 10.19 -34.17 -17.98
N TYR K 117 9.73 -33.31 -18.88
CA TYR K 117 9.11 -32.06 -18.42
C TYR K 117 7.82 -32.33 -17.65
N SER K 118 7.00 -33.25 -18.16
CA SER K 118 5.81 -33.68 -17.43
C SER K 118 6.17 -34.15 -16.03
N SER K 119 7.19 -35.01 -15.93
CA SER K 119 7.61 -35.57 -14.66
C SER K 119 8.23 -34.53 -13.73
N LEU K 120 8.72 -33.41 -14.27
CA LEU K 120 9.25 -32.33 -13.45
C LEU K 120 8.20 -31.26 -13.14
N GLY K 121 7.10 -31.21 -13.90
CA GLY K 121 6.20 -30.09 -13.79
C GLY K 121 6.62 -28.84 -14.53
N VAL K 122 7.44 -28.97 -15.57
CA VAL K 122 7.78 -27.83 -16.42
C VAL K 122 6.56 -27.48 -17.29
N PRO K 123 6.10 -26.23 -17.28
CA PRO K 123 4.79 -25.92 -17.86
C PRO K 123 4.83 -25.86 -19.39
N ALA K 124 3.91 -26.58 -20.02
CA ALA K 124 3.88 -26.67 -21.48
C ALA K 124 3.64 -25.29 -22.11
N ASN K 125 2.79 -24.46 -21.48
CA ASN K 125 2.44 -23.16 -22.04
C ASN K 125 3.67 -22.23 -22.09
N GLY K 126 4.38 -22.11 -20.97
CA GLY K 126 5.58 -21.28 -20.96
C GLY K 126 6.61 -21.76 -21.95
N ASN K 127 6.81 -23.09 -22.03
CA ASN K 127 7.75 -23.63 -23.00
C ASN K 127 7.30 -23.29 -24.42
N ALA K 128 6.00 -23.39 -24.69
CA ALA K 128 5.46 -23.06 -26.00
C ALA K 128 5.81 -21.62 -26.39
N ARG K 129 5.57 -20.69 -25.47
CA ARG K 129 5.87 -19.28 -25.76
C ARG K 129 7.36 -19.06 -25.98
N ALA K 130 8.19 -19.62 -25.10
CA ALA K 130 9.64 -19.45 -25.25
C ALA K 130 10.13 -19.98 -26.59
N VAL K 131 9.68 -21.18 -26.97
CA VAL K 131 10.09 -21.76 -28.25
C VAL K 131 9.57 -20.94 -29.42
N SER K 132 8.32 -20.47 -29.35
CA SER K 132 7.77 -19.70 -30.47
C SER K 132 8.57 -18.41 -30.67
N ILE K 133 9.01 -17.80 -29.56
CA ILE K 133 9.83 -16.60 -29.68
C ILE K 133 11.18 -16.95 -30.28
N MET K 134 11.82 -18.02 -29.78
CA MET K 134 13.07 -18.47 -30.39
C MET K 134 12.91 -18.71 -31.89
N LYS K 135 11.76 -19.24 -32.30
CA LYS K 135 11.51 -19.47 -33.73
C LYS K 135 11.42 -18.16 -34.50
N ALA K 136 10.62 -17.21 -33.98
CA ALA K 136 10.50 -15.92 -34.64
C ALA K 136 11.86 -15.23 -34.75
N CYS K 137 12.63 -15.24 -33.64
CA CYS K 137 14.00 -14.72 -33.65
C CYS K 137 14.81 -15.35 -34.77
N SER K 138 14.80 -16.68 -34.85
CA SER K 138 15.70 -17.36 -35.76
C SER K 138 15.31 -17.07 -37.21
N VAL K 139 14.01 -17.08 -37.49
CA VAL K 139 13.54 -16.75 -38.84
C VAL K 139 13.98 -15.34 -39.20
N ALA K 140 13.85 -14.39 -38.27
CA ALA K 140 14.25 -13.02 -38.54
C ALA K 140 15.76 -12.90 -38.77
N PHE K 141 16.55 -13.69 -38.04
CA PHE K 141 18.01 -13.59 -38.20
C PHE K 141 18.50 -14.23 -39.49
N VAL K 142 17.89 -15.35 -39.88
CA VAL K 142 18.22 -15.97 -41.17
C VAL K 142 18.00 -14.98 -42.29
N ASN K 143 16.85 -14.29 -42.26
CA ASN K 143 16.52 -13.32 -43.29
C ASN K 143 17.22 -11.98 -43.10
N ASN K 144 17.86 -11.76 -41.95
CA ASN K 144 18.52 -10.48 -41.62
C ASN K 144 17.53 -9.33 -41.58
N THR K 145 16.37 -9.56 -40.97
CA THR K 145 15.36 -8.52 -40.77
C THR K 145 15.27 -8.13 -39.30
N ALA K 146 16.28 -8.50 -38.52
CA ALA K 146 16.33 -8.15 -37.10
C ALA K 146 16.87 -6.74 -36.93
N SER K 147 16.76 -6.22 -35.70
CA SER K 147 17.13 -4.83 -35.46
C SER K 147 18.63 -4.64 -35.51
N GLN K 148 19.39 -5.58 -34.95
CA GLN K 148 20.84 -5.52 -34.97
C GLN K 148 21.34 -6.41 -36.11
N LYS K 149 22.01 -5.80 -37.07
CA LYS K 149 22.60 -6.52 -38.20
C LYS K 149 24.11 -6.43 -38.04
N LYS K 150 24.64 -7.21 -37.10
CA LYS K 150 26.08 -7.19 -36.83
C LYS K 150 26.88 -8.05 -37.79
N LEU K 151 26.22 -8.88 -38.60
CA LEU K 151 26.89 -9.74 -39.57
C LEU K 151 26.52 -9.29 -40.97
N SER K 152 27.54 -9.06 -41.81
CA SER K 152 27.31 -8.63 -43.18
C SER K 152 27.33 -9.85 -44.10
N THR K 153 26.50 -9.78 -45.15
CA THR K 153 26.32 -10.94 -46.00
C THR K 153 25.94 -10.49 -47.41
N PRO K 154 26.28 -11.27 -48.43
CA PRO K 154 25.93 -10.88 -49.80
C PRO K 154 24.43 -10.87 -50.05
N GLN K 155 24.02 -10.04 -51.00
CA GLN K 155 22.62 -9.94 -51.35
C GLN K 155 22.10 -11.26 -51.92
N GLY K 156 20.86 -11.59 -51.59
CA GLY K 156 20.25 -12.84 -52.04
C GLY K 156 19.04 -13.21 -51.21
N ASP K 157 18.50 -14.39 -51.52
CA ASP K 157 17.23 -14.87 -50.98
C ASP K 157 17.47 -16.11 -50.13
N CYS K 158 17.13 -16.01 -48.84
CA CYS K 158 17.28 -17.10 -47.90
C CYS K 158 15.94 -17.63 -47.37
N SER K 159 14.86 -17.47 -48.14
CA SER K 159 13.53 -17.87 -47.67
C SER K 159 13.44 -19.36 -47.40
N GLY K 160 14.10 -20.17 -48.24
CA GLY K 160 14.10 -21.61 -48.02
C GLY K 160 14.69 -22.02 -46.69
N LEU K 161 15.86 -21.47 -46.36
CA LEU K 161 16.49 -21.76 -45.07
C LEU K 161 15.64 -21.28 -43.92
N ALA K 162 14.95 -20.15 -44.10
CA ALA K 162 14.06 -19.65 -43.05
C ALA K 162 12.92 -20.63 -42.81
N SER K 163 12.28 -21.09 -43.89
CA SER K 163 11.26 -22.13 -43.79
C SER K 163 11.81 -23.43 -43.17
N GLU K 164 13.07 -23.76 -43.43
CA GLU K 164 13.64 -25.00 -42.90
C GLU K 164 13.85 -24.90 -41.39
N VAL K 165 14.42 -23.79 -40.92
CA VAL K 165 14.61 -23.65 -39.49
C VAL K 165 13.25 -23.54 -38.80
N ALA K 166 12.29 -22.90 -39.46
CA ALA K 166 10.94 -22.84 -38.92
C ALA K 166 10.37 -24.24 -38.73
N GLY K 167 10.59 -25.13 -39.71
CA GLY K 167 10.13 -26.50 -39.59
C GLY K 167 10.76 -27.23 -38.42
N TYR K 168 12.05 -26.96 -38.17
CA TYR K 168 12.70 -27.60 -37.03
C TYR K 168 12.08 -27.12 -35.71
N PHE K 169 11.83 -25.81 -35.61
CA PHE K 169 11.14 -25.29 -34.43
C PHE K 169 9.73 -25.87 -34.30
N ASP K 170 9.07 -26.09 -35.44
CA ASP K 170 7.73 -26.69 -35.40
C ASP K 170 7.80 -28.10 -34.83
N LYS K 171 8.86 -28.84 -35.17
CA LYS K 171 9.06 -30.16 -34.58
C LYS K 171 9.28 -30.06 -33.07
N VAL K 172 10.04 -29.05 -32.63
CA VAL K 172 10.24 -28.87 -31.19
C VAL K 172 8.91 -28.62 -30.49
N THR K 173 8.12 -27.69 -31.02
CA THR K 173 6.81 -27.39 -30.45
C THR K 173 5.93 -28.63 -30.40
N SER K 174 5.91 -29.42 -31.48
CA SER K 174 5.08 -30.64 -31.46
C SER K 174 5.56 -31.62 -30.41
N ALA K 175 6.88 -31.71 -30.22
CA ALA K 175 7.41 -32.72 -29.32
C ALA K 175 7.11 -32.38 -27.88
N ILE K 176 7.33 -31.12 -27.47
CA ILE K 176 7.25 -30.78 -26.05
C ILE K 176 5.95 -30.10 -25.65
N SER K 177 5.12 -29.67 -26.60
CA SER K 177 3.79 -29.17 -26.25
C SER K 177 2.84 -30.33 -26.02
N ASP L 3 19.13 13.52 -3.59
CA ASP L 3 19.10 12.62 -4.73
C ASP L 3 18.38 11.32 -4.39
N ALA L 4 17.50 11.38 -3.39
CA ALA L 4 16.64 10.26 -3.00
C ALA L 4 17.45 9.02 -2.61
N PHE L 5 18.09 8.38 -3.60
CA PHE L 5 18.82 7.14 -3.40
C PHE L 5 20.28 7.37 -3.04
N SER L 6 20.61 8.51 -2.44
CA SER L 6 22.00 8.80 -2.10
C SER L 6 22.55 7.76 -1.13
N ARG L 7 21.71 7.31 -0.19
CA ARG L 7 22.15 6.32 0.80
C ARG L 7 22.70 5.07 0.14
N VAL L 8 22.23 4.75 -1.06
CA VAL L 8 22.69 3.54 -1.74
C VAL L 8 24.15 3.68 -2.15
N VAL L 9 24.59 4.88 -2.53
CA VAL L 9 25.91 5.02 -3.14
C VAL L 9 26.94 5.41 -2.09
N ASP L 13 27.14 0.38 3.17
CA ASP L 13 26.13 -0.66 3.29
C ASP L 13 25.66 -1.16 1.92
N SER L 14 24.81 -2.18 1.94
CA SER L 14 24.25 -2.74 0.71
C SER L 14 22.72 -2.86 0.78
N LYS L 15 22.08 -2.14 1.70
CA LYS L 15 20.63 -2.17 1.80
C LYS L 15 19.98 -1.28 0.76
N ALA L 16 18.87 -1.78 0.20
CA ALA L 16 18.16 -1.14 -0.89
C ALA L 16 17.26 -0.01 -0.41
N ALA L 17 17.10 1.00 -1.27
CA ALA L 17 16.07 2.04 -1.11
C ALA L 17 14.83 1.67 -1.90
N TYR L 18 13.66 1.87 -1.29
CA TYR L 18 12.39 1.59 -1.94
C TYR L 18 11.55 2.86 -2.00
N VAL L 19 11.09 3.21 -3.20
CA VAL L 19 10.37 4.46 -3.46
C VAL L 19 9.14 4.10 -4.28
N GLY L 20 7.98 4.05 -3.62
CA GLY L 20 6.73 3.81 -4.31
C GLY L 20 5.64 4.72 -3.77
N GLY L 21 4.40 4.51 -4.18
CA GLY L 21 3.28 5.25 -3.59
C GLY L 21 3.50 6.75 -3.60
N ALA L 22 3.20 7.38 -2.46
CA ALA L 22 3.28 8.82 -2.36
C ALA L 22 4.72 9.31 -2.51
N ASP L 23 5.69 8.52 -2.07
CA ASP L 23 7.08 8.94 -2.24
C ASP L 23 7.44 8.97 -3.73
N LEU L 24 6.96 8.00 -4.50
CA LEU L 24 7.19 7.99 -5.94
C LEU L 24 6.48 9.16 -6.63
N GLN L 25 5.23 9.43 -6.22
CA GLN L 25 4.50 10.58 -6.75
C GLN L 25 5.28 11.86 -6.54
N ALA L 26 5.80 12.07 -5.33
CA ALA L 26 6.53 13.30 -5.07
C ALA L 26 7.86 13.31 -5.80
N LEU L 27 8.53 12.15 -5.88
CA LEU L 27 9.78 12.05 -6.61
C LEU L 27 9.60 12.48 -8.06
N LYS L 28 8.55 11.98 -8.69
CA LYS L 28 8.29 12.31 -10.09
C LYS L 28 7.88 13.75 -10.26
N LYS L 29 7.30 14.35 -9.20
CA LYS L 29 7.03 15.79 -9.28
C LYS L 29 8.29 16.62 -9.08
N PHE L 30 9.27 16.12 -8.33
CA PHE L 30 10.47 16.88 -8.05
C PHE L 30 11.48 16.90 -9.20
N ILE L 31 11.43 15.94 -10.12
CA ILE L 31 12.44 15.83 -11.16
C ILE L 31 11.80 16.02 -12.54
N SER L 32 12.64 16.26 -13.53
CA SER L 32 12.16 16.51 -14.88
C SER L 32 11.66 15.23 -15.53
N GLU L 33 10.45 15.30 -16.09
CA GLU L 33 9.84 14.22 -16.87
C GLU L 33 9.93 12.87 -16.17
N GLY L 34 9.44 12.84 -14.94
CA GLY L 34 9.54 11.68 -14.06
C GLY L 34 9.14 10.37 -14.70
N ASN L 35 7.91 10.29 -15.20
CA ASN L 35 7.43 9.05 -15.80
C ASN L 35 8.32 8.62 -16.96
N LYS L 36 8.57 9.54 -17.89
CA LYS L 36 9.44 9.25 -19.04
C LYS L 36 10.84 8.88 -18.59
N ARG L 37 11.37 9.59 -17.59
CA ARG L 37 12.71 9.28 -17.08
C ARG L 37 12.78 7.85 -16.56
N LEU L 38 11.73 7.41 -15.85
CA LEU L 38 11.73 6.06 -15.30
C LEU L 38 11.56 5.03 -16.41
N ASP L 39 10.82 5.37 -17.47
CA ASP L 39 10.77 4.48 -18.62
C ASP L 39 12.14 4.34 -19.28
N ALA L 40 12.86 5.44 -19.43
CA ALA L 40 14.20 5.41 -20.04
C ALA L 40 15.15 4.54 -19.21
N VAL L 41 15.16 4.76 -17.90
CA VAL L 41 16.02 3.96 -17.03
C VAL L 41 15.62 2.49 -17.13
N ASN L 42 14.31 2.19 -17.12
CA ASN L 42 13.86 0.81 -17.25
C ASN L 42 14.36 0.19 -18.56
N SER L 43 14.30 0.96 -19.65
CA SER L 43 14.77 0.45 -20.93
C SER L 43 16.25 0.09 -20.86
N ILE L 44 17.04 0.88 -20.13
CA ILE L 44 18.47 0.61 -20.11
C ILE L 44 18.78 -0.59 -19.19
N VAL L 45 18.26 -0.54 -17.96
CA VAL L 45 18.63 -1.59 -17.02
C VAL L 45 18.04 -2.94 -17.43
N SER L 46 16.83 -2.96 -18.01
CA SER L 46 16.26 -4.24 -18.42
C SER L 46 17.04 -4.88 -19.56
N ASN L 47 17.85 -4.10 -20.29
CA ASN L 47 18.64 -4.62 -21.39
C ASN L 47 20.13 -4.56 -21.13
N ALA L 48 20.52 -4.46 -19.86
CA ALA L 48 21.92 -4.20 -19.53
C ALA L 48 22.84 -5.31 -20.03
N SER L 49 22.43 -6.57 -19.87
CA SER L 49 23.27 -7.69 -20.32
C SER L 49 23.57 -7.59 -21.80
N CYS L 50 22.54 -7.30 -22.61
CA CYS L 50 22.74 -7.25 -24.05
C CYS L 50 23.57 -6.04 -24.44
N ILE L 51 23.30 -4.90 -23.82
CA ILE L 51 24.07 -3.68 -24.10
C ILE L 51 25.55 -3.90 -23.78
N VAL L 52 25.84 -4.52 -22.64
CA VAL L 52 27.23 -4.73 -22.22
C VAL L 52 27.93 -5.70 -23.15
N SER L 53 27.30 -6.86 -23.40
CA SER L 53 27.98 -7.86 -24.21
C SER L 53 28.12 -7.38 -25.66
N ASP L 54 27.11 -6.68 -26.18
CA ASP L 54 27.19 -6.15 -27.53
C ASP L 54 28.27 -5.08 -27.64
N ALA L 55 28.52 -4.31 -26.57
CA ALA L 55 29.51 -3.25 -26.63
C ALA L 55 30.93 -3.80 -26.57
N VAL L 56 31.16 -4.76 -25.67
CA VAL L 56 32.47 -5.40 -25.59
C VAL L 56 32.75 -6.18 -26.87
N SER L 57 31.74 -6.90 -27.38
CA SER L 57 31.95 -7.67 -28.60
C SER L 57 32.17 -6.76 -29.80
N GLY L 58 31.53 -5.59 -29.87
CA GLY L 58 31.81 -4.67 -30.96
C GLY L 58 33.20 -4.07 -30.86
N MET L 59 33.59 -3.66 -29.65
CA MET L 59 34.97 -3.26 -29.40
C MET L 59 35.94 -4.31 -29.92
N ILE L 60 35.64 -5.59 -29.69
CA ILE L 60 36.58 -6.65 -30.02
C ILE L 60 36.57 -6.94 -31.52
N CYS L 61 35.40 -6.99 -32.14
CA CYS L 61 35.32 -7.29 -33.55
C CYS L 61 35.87 -6.17 -34.41
N GLU L 62 35.94 -4.96 -33.89
CA GLU L 62 36.61 -3.89 -34.64
C GLU L 62 38.13 -3.94 -34.47
N ASN L 63 38.63 -4.50 -33.39
CA ASN L 63 40.06 -4.65 -33.15
C ASN L 63 40.27 -6.05 -32.57
N PRO L 64 40.29 -7.07 -33.43
CA PRO L 64 40.37 -8.45 -32.93
C PRO L 64 41.59 -8.73 -32.09
N SER L 65 42.65 -7.93 -32.23
CA SER L 65 43.85 -8.13 -31.45
C SER L 65 43.60 -8.04 -29.95
N LEU L 66 42.45 -7.51 -29.54
CA LEU L 66 42.13 -7.44 -28.12
C LEU L 66 41.95 -8.81 -27.50
N ILE L 67 41.59 -9.82 -28.29
CA ILE L 67 41.45 -11.18 -27.78
C ILE L 67 42.51 -12.12 -28.38
N SER L 68 43.56 -11.56 -28.97
CA SER L 68 44.76 -12.32 -29.29
C SER L 68 45.51 -12.59 -27.99
N PRO L 69 46.47 -13.52 -28.01
CA PRO L 69 47.19 -13.84 -26.76
C PRO L 69 47.83 -12.64 -26.09
N SER L 70 48.17 -11.60 -26.85
CA SER L 70 48.78 -10.40 -26.31
C SER L 70 47.77 -9.36 -25.86
N GLY L 71 46.48 -9.56 -26.13
CA GLY L 71 45.47 -8.55 -25.89
C GLY L 71 44.96 -8.50 -24.47
N ASN L 72 44.51 -7.32 -24.06
CA ASN L 72 44.10 -7.09 -22.68
C ASN L 72 42.74 -7.71 -22.36
N CYS L 73 42.09 -8.35 -23.34
CA CYS L 73 40.90 -9.15 -23.08
C CYS L 73 41.17 -10.64 -23.18
N TYR L 74 42.43 -11.05 -23.32
CA TYR L 74 42.76 -12.44 -23.49
C TYR L 74 42.63 -13.16 -22.15
N THR L 75 42.10 -14.39 -22.20
CA THR L 75 41.71 -15.24 -21.07
C THR L 75 40.38 -14.78 -20.46
N ASN L 76 39.63 -15.76 -19.92
CA ASN L 76 38.35 -15.45 -19.30
C ASN L 76 38.48 -14.45 -18.16
N ARG L 77 39.59 -14.47 -17.43
CA ARG L 77 39.74 -13.55 -16.31
C ARG L 77 39.66 -12.10 -16.79
N ARG L 78 40.44 -11.79 -17.83
CA ARG L 78 40.49 -10.41 -18.31
C ARG L 78 39.21 -10.05 -19.05
N MET L 79 38.68 -10.96 -19.86
CA MET L 79 37.40 -10.70 -20.52
C MET L 79 36.31 -10.40 -19.49
N ALA L 80 36.25 -11.17 -18.41
CA ALA L 80 35.24 -10.98 -17.38
C ALA L 80 35.44 -9.66 -16.65
N ALA L 81 36.70 -9.29 -16.41
CA ALA L 81 36.97 -7.98 -15.82
C ALA L 81 36.45 -6.87 -16.74
N CYS L 82 36.65 -7.02 -18.05
CA CYS L 82 36.23 -5.99 -18.99
C CYS L 82 34.71 -5.85 -19.04
N LEU L 83 34.02 -6.98 -19.16
CA LEU L 83 32.56 -6.95 -19.12
C LEU L 83 32.04 -6.36 -17.81
N ARG L 84 32.70 -6.70 -16.69
CA ARG L 84 32.35 -6.11 -15.40
C ARG L 84 32.47 -4.59 -15.45
N ASP L 85 33.60 -4.08 -15.94
CA ASP L 85 33.80 -2.63 -15.98
C ASP L 85 32.72 -1.97 -16.84
N ALA L 86 32.41 -2.57 -17.99
CA ALA L 86 31.37 -2.03 -18.85
C ALA L 86 30.02 -1.98 -18.13
N GLU L 87 29.68 -3.03 -17.39
CA GLU L 87 28.42 -3.01 -16.65
C GLU L 87 28.43 -1.97 -15.54
N ILE L 88 29.55 -1.86 -14.82
CA ILE L 88 29.69 -0.85 -13.77
C ILE L 88 29.43 0.54 -14.33
N ILE L 89 30.10 0.87 -15.44
CA ILE L 89 29.89 2.18 -16.07
C ILE L 89 28.44 2.35 -16.48
N LEU L 90 27.86 1.34 -17.15
CA LEU L 90 26.47 1.41 -17.57
C LEU L 90 25.55 1.70 -16.39
N ARG L 91 25.77 1.03 -15.26
CA ARG L 91 24.88 1.18 -14.12
C ARG L 91 25.03 2.56 -13.48
N TYR L 92 26.26 3.06 -13.38
CA TYR L 92 26.45 4.41 -12.87
C TYR L 92 25.82 5.45 -13.79
N VAL L 93 25.87 5.24 -15.11
CA VAL L 93 25.18 6.13 -16.04
C VAL L 93 23.68 6.05 -15.83
N SER L 94 23.14 4.84 -15.67
CA SER L 94 21.71 4.71 -15.42
C SER L 94 21.31 5.41 -14.13
N TYR L 95 22.19 5.40 -13.13
CA TYR L 95 21.90 6.11 -11.90
C TYR L 95 21.93 7.62 -12.11
N ALA L 96 22.86 8.09 -12.93
CA ALA L 96 22.90 9.52 -13.27
C ALA L 96 21.60 9.94 -13.94
N LEU L 97 21.12 9.12 -14.87
CA LEU L 97 19.85 9.39 -15.54
C LEU L 97 18.68 9.38 -14.56
N LEU L 98 18.70 8.44 -13.61
CA LEU L 98 17.66 8.40 -12.59
C LEU L 98 17.66 9.67 -11.74
N SER L 99 18.83 10.13 -11.33
CA SER L 99 18.92 11.27 -10.42
C SER L 99 18.87 12.61 -11.15
N GLY L 100 19.05 12.62 -12.46
CA GLY L 100 19.07 13.87 -13.19
C GLY L 100 20.35 14.63 -12.96
N ASP L 101 21.44 13.93 -12.71
CA ASP L 101 22.64 14.58 -12.18
C ASP L 101 23.83 13.68 -12.45
N SER L 102 24.99 14.29 -12.67
CA SER L 102 26.23 13.56 -12.95
C SER L 102 27.20 13.58 -11.78
N SER L 103 26.78 14.04 -10.59
CA SER L 103 27.72 14.18 -9.48
C SER L 103 28.24 12.82 -9.04
N VAL L 104 27.33 11.89 -8.75
CA VAL L 104 27.74 10.58 -8.26
C VAL L 104 28.55 9.85 -9.32
N LEU L 105 28.14 9.99 -10.59
CA LEU L 105 28.82 9.31 -11.69
C LEU L 105 30.28 9.78 -11.80
N GLU L 106 30.50 11.09 -11.76
CA GLU L 106 31.86 11.61 -11.83
C GLU L 106 32.65 11.27 -10.57
N ASP L 107 32.03 11.47 -9.40
CA ASP L 107 32.72 11.33 -8.12
C ASP L 107 33.11 9.89 -7.84
N ARG L 108 32.21 8.94 -8.10
CA ARG L 108 32.37 7.56 -7.64
C ARG L 108 32.84 6.61 -8.73
N CYS L 109 32.69 6.98 -9.99
CA CYS L 109 33.08 6.13 -11.11
C CYS L 109 34.26 6.69 -11.89
N LEU L 110 34.19 7.98 -12.27
CA LEU L 110 35.16 8.52 -13.21
C LEU L 110 36.38 9.10 -12.52
N ASN L 111 36.20 9.68 -11.34
CA ASN L 111 37.29 10.33 -10.62
C ASN L 111 38.35 9.31 -10.22
N GLY L 112 39.55 9.43 -10.80
CA GLY L 112 40.61 8.50 -10.57
C GLY L 112 40.59 7.26 -11.44
N LEU L 113 39.59 7.12 -12.32
CA LEU L 113 39.48 5.93 -13.16
C LEU L 113 40.58 5.89 -14.23
N LYS L 114 40.87 7.04 -14.85
CA LYS L 114 41.85 7.06 -15.93
C LYS L 114 43.24 6.65 -15.47
N GLU L 115 43.70 7.16 -14.33
CA GLU L 115 45.04 6.80 -13.85
C GLU L 115 45.12 5.32 -13.55
N THR L 116 44.04 4.75 -13.01
CA THR L 116 44.01 3.31 -12.73
C THR L 116 44.10 2.51 -14.03
N TYR L 117 43.30 2.90 -15.03
CA TYR L 117 43.38 2.23 -16.33
C TYR L 117 44.77 2.36 -16.94
N SER L 118 45.39 3.52 -16.80
CA SER L 118 46.75 3.70 -17.31
C SER L 118 47.72 2.72 -16.64
N SER L 119 47.74 2.71 -15.30
CA SER L 119 48.65 1.85 -14.56
C SER L 119 48.35 0.37 -14.75
N LEU L 120 47.11 0.01 -15.09
CA LEU L 120 46.78 -1.38 -15.42
C LEU L 120 47.07 -1.73 -16.88
N GLY L 121 47.17 -0.73 -17.75
CA GLY L 121 47.35 -0.97 -19.18
C GLY L 121 46.10 -1.36 -19.92
N VAL L 122 44.94 -0.91 -19.44
CA VAL L 122 43.68 -1.12 -20.14
C VAL L 122 43.60 -0.11 -21.28
N PRO L 123 43.42 -0.53 -22.53
CA PRO L 123 43.66 0.39 -23.66
C PRO L 123 42.54 1.43 -23.72
N ALA L 124 42.95 2.70 -23.89
CA ALA L 124 41.97 3.78 -23.86
C ALA L 124 41.04 3.74 -25.07
N ASN L 125 41.56 3.41 -26.25
CA ASN L 125 40.70 3.42 -27.44
C ASN L 125 39.65 2.32 -27.39
N GLY L 126 40.02 1.12 -26.93
CA GLY L 126 39.01 0.08 -26.77
C GLY L 126 37.95 0.46 -25.74
N ASN L 127 38.37 1.01 -24.61
CA ASN L 127 37.41 1.42 -23.60
C ASN L 127 36.47 2.48 -24.19
N ALA L 128 37.06 3.44 -24.91
CA ALA L 128 36.29 4.49 -25.57
C ALA L 128 35.25 3.91 -26.52
N ARG L 129 35.64 2.87 -27.27
CA ARG L 129 34.71 2.28 -28.22
C ARG L 129 33.59 1.52 -27.51
N ALA L 130 33.94 0.77 -26.46
CA ALA L 130 32.92 0.12 -25.65
C ALA L 130 31.93 1.15 -25.12
N VAL L 131 32.44 2.28 -24.62
CA VAL L 131 31.58 3.30 -24.06
C VAL L 131 30.71 3.93 -25.14
N SER L 132 31.27 4.17 -26.33
CA SER L 132 30.49 4.82 -27.37
C SER L 132 29.41 3.89 -27.92
N ILE L 133 29.67 2.58 -27.89
CA ILE L 133 28.65 1.62 -28.30
C ILE L 133 27.55 1.56 -27.26
N MET L 134 27.91 1.49 -25.98
CA MET L 134 26.90 1.55 -24.92
C MET L 134 26.04 2.80 -25.06
N LYS L 135 26.69 3.93 -25.41
CA LYS L 135 25.97 5.17 -25.68
C LYS L 135 24.96 4.99 -26.80
N ALA L 136 25.39 4.38 -27.91
CA ALA L 136 24.49 4.19 -29.04
C ALA L 136 23.30 3.33 -28.63
N CYS L 137 23.56 2.21 -27.94
CA CYS L 137 22.49 1.35 -27.44
C CYS L 137 21.48 2.14 -26.60
N SER L 138 22.00 2.96 -25.68
CA SER L 138 21.11 3.64 -24.75
C SER L 138 20.27 4.66 -25.49
N VAL L 139 20.90 5.43 -26.39
CA VAL L 139 20.16 6.39 -27.21
C VAL L 139 19.08 5.68 -28.01
N ALA L 140 19.40 4.52 -28.59
CA ALA L 140 18.42 3.80 -29.41
C ALA L 140 17.23 3.33 -28.59
N PHE L 141 17.48 2.91 -27.34
CA PHE L 141 16.38 2.46 -26.48
C PHE L 141 15.53 3.62 -25.95
N VAL L 142 16.17 4.76 -25.67
CA VAL L 142 15.47 5.90 -25.09
C VAL L 142 14.64 6.64 -26.13
N ASN L 143 15.24 6.99 -27.27
CA ASN L 143 14.49 7.58 -28.37
C ASN L 143 13.90 6.54 -29.34
N ASN L 144 13.67 5.30 -28.89
CA ASN L 144 13.23 4.22 -29.75
C ASN L 144 12.12 4.66 -30.70
N THR L 145 12.43 4.69 -32.00
CA THR L 145 11.52 5.17 -33.03
C THR L 145 10.70 4.05 -33.67
N ALA L 146 10.38 2.99 -32.93
CA ALA L 146 9.66 1.86 -33.48
C ALA L 146 8.15 2.07 -33.40
N SER L 147 7.41 1.18 -34.07
CA SER L 147 5.95 1.26 -34.10
C SER L 147 5.37 1.00 -32.71
N GLN L 148 4.08 1.28 -32.56
CA GLN L 148 3.44 1.19 -31.25
C GLN L 148 3.23 -0.25 -30.83
N LYS L 149 2.91 -1.14 -31.79
CA LYS L 149 2.75 -2.55 -31.46
C LYS L 149 4.08 -3.20 -31.04
N LYS L 150 5.20 -2.54 -31.30
CA LYS L 150 6.51 -3.01 -30.85
C LYS L 150 7.05 -2.21 -29.66
N LEU L 151 6.33 -1.20 -29.21
CA LEU L 151 6.80 -0.33 -28.14
C LEU L 151 6.10 -0.71 -26.84
N SER L 152 6.86 -0.72 -25.75
CA SER L 152 6.35 -1.05 -24.43
C SER L 152 5.78 0.15 -23.68
N THR L 153 5.96 1.36 -24.21
CA THR L 153 5.55 2.61 -23.61
C THR L 153 4.57 3.32 -24.53
N PRO L 154 3.82 4.31 -24.02
CA PRO L 154 3.05 5.16 -24.94
C PRO L 154 4.01 5.94 -25.82
N GLN L 155 3.77 5.92 -27.12
CA GLN L 155 4.63 6.60 -28.08
C GLN L 155 4.68 8.10 -27.84
N GLY L 156 5.89 8.63 -27.81
CA GLY L 156 6.09 10.07 -27.67
C GLY L 156 7.56 10.41 -27.80
N ASP L 157 7.88 11.67 -27.52
CA ASP L 157 9.23 12.22 -27.76
C ASP L 157 10.03 12.16 -26.45
N CYS L 158 11.08 11.33 -26.46
CA CYS L 158 12.05 11.24 -25.38
C CYS L 158 13.44 11.68 -25.80
N SER L 159 13.53 12.54 -26.81
CA SER L 159 14.85 12.94 -27.30
C SER L 159 15.63 13.76 -26.28
N GLY L 160 14.97 14.58 -25.47
CA GLY L 160 15.67 15.27 -24.41
C GLY L 160 16.36 14.34 -23.43
N LEU L 161 15.65 13.30 -22.99
CA LEU L 161 16.26 12.28 -22.14
C LEU L 161 17.37 11.53 -22.86
N ALA L 162 17.26 11.37 -24.19
CA ALA L 162 18.31 10.67 -24.90
C ALA L 162 19.56 11.53 -25.01
N SER L 163 19.39 12.84 -25.19
CA SER L 163 20.52 13.76 -25.17
C SER L 163 21.16 13.78 -23.80
N GLU L 164 20.35 13.76 -22.73
CA GLU L 164 20.90 13.77 -21.37
C GLU L 164 21.77 12.53 -21.15
N VAL L 165 21.26 11.34 -21.49
CA VAL L 165 22.04 10.14 -21.24
C VAL L 165 23.25 10.08 -22.16
N ALA L 166 23.13 10.62 -23.38
CA ALA L 166 24.29 10.74 -24.25
C ALA L 166 25.35 11.62 -23.61
N GLY L 167 24.93 12.70 -22.95
CA GLY L 167 25.90 13.57 -22.31
C GLY L 167 26.60 12.86 -21.16
N TYR L 168 25.87 12.00 -20.45
CA TYR L 168 26.52 11.23 -19.39
C TYR L 168 27.57 10.28 -19.98
N PHE L 169 27.24 9.62 -21.09
CA PHE L 169 28.24 8.78 -21.75
C PHE L 169 29.41 9.62 -22.22
N ASP L 170 29.14 10.83 -22.71
CA ASP L 170 30.22 11.72 -23.15
C ASP L 170 31.11 12.15 -22.00
N LYS L 171 30.54 12.26 -20.80
CA LYS L 171 31.36 12.52 -19.64
C LYS L 171 32.25 11.33 -19.32
N VAL L 172 31.73 10.12 -19.56
CA VAL L 172 32.54 8.92 -19.40
C VAL L 172 33.66 8.89 -20.43
N THR L 173 33.33 9.23 -21.68
CA THR L 173 34.32 9.22 -22.76
C THR L 173 35.42 10.23 -22.49
N SER L 174 35.05 11.44 -22.08
CA SER L 174 36.05 12.47 -21.81
C SER L 174 36.95 12.07 -20.63
N ALA L 175 36.38 11.36 -19.64
CA ALA L 175 37.17 11.07 -18.44
C ALA L 175 38.23 10.00 -18.69
N ILE L 176 37.90 8.96 -19.46
CA ILE L 176 38.75 7.77 -19.48
C ILE L 176 39.37 7.52 -20.85
N SER L 177 39.58 8.59 -21.62
CA SER L 177 40.27 8.45 -22.90
C SER L 177 40.85 9.78 -23.32
N GLY M 1 -27.49 -9.05 -24.62
CA GLY M 1 -28.30 -8.39 -23.62
C GLY M 1 -27.58 -7.25 -22.92
N MET M 2 -28.35 -6.31 -22.39
CA MET M 2 -27.79 -5.26 -21.54
C MET M 2 -27.20 -5.88 -20.27
N ASP M 3 -25.90 -5.62 -20.04
CA ASP M 3 -25.14 -6.32 -19.01
C ASP M 3 -24.89 -5.46 -17.76
N LYS M 4 -25.65 -4.39 -17.56
CA LYS M 4 -25.56 -3.53 -16.39
C LYS M 4 -24.15 -2.98 -16.16
N SER M 5 -23.27 -3.11 -17.16
CA SER M 5 -21.89 -2.69 -16.99
C SER M 5 -21.71 -1.18 -17.13
N ALA M 6 -22.73 -0.49 -17.62
CA ALA M 6 -22.71 0.95 -17.91
C ALA M 6 -21.61 1.33 -18.91
N LYS M 7 -21.14 0.37 -19.72
CA LYS M 7 -20.20 0.67 -20.77
C LYS M 7 -20.92 1.08 -22.05
N ALA M 8 -20.35 2.06 -22.75
CA ALA M 8 -20.94 2.53 -23.99
C ALA M 8 -19.83 2.82 -24.99
N PRO M 9 -20.12 2.71 -26.28
CA PRO M 9 -19.15 3.15 -27.30
C PRO M 9 -18.83 4.63 -27.17
N ALA M 10 -17.55 4.95 -27.27
CA ALA M 10 -17.04 6.31 -27.25
C ALA M 10 -16.40 6.59 -28.59
N ILE M 11 -16.89 7.61 -29.29
CA ILE M 11 -16.51 7.91 -30.67
C ILE M 11 -15.83 9.27 -30.68
N THR M 12 -14.61 9.33 -31.19
CA THR M 12 -13.91 10.59 -31.43
C THR M 12 -13.53 10.66 -32.90
N ILE M 13 -14.06 11.68 -33.59
CA ILE M 13 -13.82 11.89 -35.01
C ILE M 13 -12.88 13.06 -35.16
N PHE M 14 -11.66 12.79 -35.63
CA PHE M 14 -10.62 13.79 -35.84
C PHE M 14 -10.60 14.16 -37.33
N ASP M 15 -11.21 15.29 -37.68
CA ASP M 15 -10.99 15.93 -38.97
C ASP M 15 -9.93 16.97 -38.70
N HIS M 16 -8.66 16.58 -38.80
CA HIS M 16 -7.54 17.44 -38.47
C HIS M 16 -6.74 17.81 -39.71
N ARG M 17 -7.47 18.10 -40.78
CA ARG M 17 -6.83 18.55 -42.02
C ARG M 17 -6.08 19.85 -41.78
N GLY M 18 -4.77 19.84 -42.07
CA GLY M 18 -3.92 20.99 -41.88
C GLY M 18 -3.28 21.08 -40.52
N CYS M 19 -3.64 20.19 -39.59
CA CYS M 19 -3.09 20.22 -38.25
C CYS M 19 -1.61 19.82 -38.29
N SER M 20 -0.78 20.54 -37.54
CA SER M 20 0.64 20.29 -37.55
C SER M 20 1.07 19.15 -36.63
N ARG M 21 0.19 18.64 -35.77
CA ARG M 21 0.54 17.47 -34.98
C ARG M 21 0.54 16.22 -35.86
N ALA M 22 1.70 15.57 -35.93
CA ALA M 22 1.90 14.47 -36.87
C ALA M 22 1.03 13.28 -36.48
N PRO M 23 0.31 12.69 -37.43
CA PRO M 23 -0.46 11.46 -37.17
C PRO M 23 0.46 10.29 -36.89
N LYS M 24 0.30 9.67 -35.71
CA LYS M 24 1.13 8.53 -35.34
C LYS M 24 0.33 7.34 -34.86
N GLU M 25 -1.00 7.36 -34.98
CA GLU M 25 -1.81 6.29 -34.44
C GLU M 25 -2.31 5.31 -35.49
N SER M 26 -2.37 5.70 -36.76
CA SER M 26 -2.59 4.75 -37.85
C SER M 26 -1.58 5.07 -38.94
N SER M 27 -0.76 4.08 -39.30
CA SER M 27 0.35 4.29 -40.21
C SER M 27 0.05 3.92 -41.67
N ALA M 28 -1.07 3.25 -41.94
CA ALA M 28 -1.36 2.84 -43.31
C ALA M 28 -1.76 4.08 -44.11
N LYS M 29 -0.81 4.59 -44.89
CA LYS M 29 -0.98 5.86 -45.58
C LYS M 29 -1.74 5.68 -46.89
N SER M 30 -2.64 6.61 -47.16
CA SER M 30 -3.37 6.64 -48.43
C SER M 30 -2.80 7.65 -49.42
N GLY M 31 -1.92 8.54 -48.98
CA GLY M 31 -1.44 9.59 -49.87
C GLY M 31 -2.45 10.65 -50.24
N SER M 32 -3.32 11.02 -49.30
CA SER M 32 -4.41 11.95 -49.53
C SER M 32 -4.78 12.56 -48.19
N GLN M 33 -5.73 13.49 -48.21
CA GLN M 33 -6.14 14.17 -46.98
C GLN M 33 -6.74 13.22 -45.94
N ASP M 34 -7.10 12.00 -46.35
CA ASP M 34 -7.48 11.00 -45.34
C ASP M 34 -6.34 10.70 -44.39
N ASP M 35 -5.09 10.96 -44.80
CA ASP M 35 -3.96 10.77 -43.90
C ASP M 35 -3.94 11.78 -42.76
N GLU M 36 -4.81 12.78 -42.79
CA GLU M 36 -4.88 13.77 -41.72
C GLU M 36 -6.18 13.68 -40.93
N MET M 37 -6.91 12.57 -41.08
CA MET M 37 -8.18 12.36 -40.41
C MET M 37 -8.21 10.94 -39.83
N LEU M 38 -9.02 10.76 -38.80
CA LEU M 38 -9.02 9.51 -38.04
C LEU M 38 -10.33 9.34 -37.31
N VAL M 39 -10.84 8.12 -37.29
CA VAL M 39 -11.99 7.77 -36.45
C VAL M 39 -11.52 6.81 -35.37
N LYS M 40 -11.73 7.18 -34.11
CA LYS M 40 -11.38 6.35 -32.97
C LYS M 40 -12.66 5.87 -32.31
N VAL M 41 -12.73 4.56 -32.02
CA VAL M 41 -13.88 3.94 -31.37
C VAL M 41 -13.39 3.11 -30.20
N ALA M 42 -13.85 3.45 -29.00
CA ALA M 42 -13.56 2.69 -27.78
C ALA M 42 -14.88 2.28 -27.13
N SER M 43 -14.79 1.44 -26.11
CA SER M 43 -15.96 1.06 -25.31
C SER M 43 -15.58 1.28 -23.86
N THR M 44 -16.11 2.36 -23.27
CA THR M 44 -15.69 2.76 -21.94
C THR M 44 -16.89 2.94 -21.01
N LYS M 45 -16.65 2.75 -19.72
CA LYS M 45 -17.70 2.96 -18.74
C LYS M 45 -18.07 4.44 -18.69
N VAL M 46 -19.37 4.70 -18.60
CA VAL M 46 -19.91 6.05 -18.48
C VAL M 46 -20.20 6.31 -17.01
N THR M 47 -19.63 7.39 -16.49
CA THR M 47 -19.85 7.78 -15.10
C THR M 47 -20.15 9.27 -15.03
N VAL M 48 -21.03 9.62 -14.09
CA VAL M 48 -21.33 11.00 -13.75
C VAL M 48 -21.12 11.13 -12.25
N SER M 49 -20.30 12.09 -11.84
CA SER M 49 -20.05 12.21 -10.41
C SER M 49 -21.26 12.84 -9.71
N GLU M 50 -21.37 12.55 -8.41
CA GLU M 50 -22.43 13.17 -7.63
C GLU M 50 -22.24 14.67 -7.50
N ASP M 51 -20.98 15.14 -7.52
CA ASP M 51 -20.73 16.58 -7.54
C ASP M 51 -21.31 17.22 -8.80
N VAL M 52 -21.04 16.60 -9.94
CA VAL M 52 -21.61 17.08 -11.20
C VAL M 52 -23.13 17.07 -11.12
N ALA M 53 -23.70 15.99 -10.57
CA ALA M 53 -25.14 15.90 -10.43
C ALA M 53 -25.67 17.05 -9.59
N ALA M 54 -24.96 17.41 -8.51
CA ALA M 54 -25.36 18.56 -7.70
C ALA M 54 -25.34 19.85 -8.50
N LYS M 55 -24.28 20.06 -9.30
CA LYS M 55 -24.20 21.27 -10.10
C LYS M 55 -25.33 21.34 -11.12
N LYS M 56 -25.66 20.19 -11.71
CA LYS M 56 -26.77 20.15 -12.66
C LYS M 56 -28.10 20.35 -11.96
N LEU M 57 -28.26 19.79 -10.77
CA LEU M 57 -29.44 20.04 -9.96
C LEU M 57 -29.64 21.54 -9.79
N GLN M 58 -28.55 22.25 -9.48
CA GLN M 58 -28.63 23.69 -9.25
C GLN M 58 -28.97 24.44 -10.53
N GLU M 59 -28.53 23.93 -11.69
CA GLU M 59 -28.91 24.54 -12.97
C GLU M 59 -30.34 24.20 -13.39
N PHE M 60 -30.87 23.06 -12.96
CA PHE M 60 -32.17 22.54 -13.39
C PHE M 60 -33.34 23.09 -12.58
N ILE M 61 -33.10 23.47 -11.32
CA ILE M 61 -34.18 23.66 -10.37
C ILE M 61 -34.97 24.94 -10.62
N GLY M 62 -34.44 25.87 -11.43
CA GLY M 62 -35.25 27.02 -11.80
C GLY M 62 -36.54 26.66 -12.50
N PHE M 63 -36.54 25.56 -13.25
CA PHE M 63 -37.71 25.05 -13.97
C PHE M 63 -38.23 25.99 -15.04
N LYS M 64 -37.55 27.10 -15.30
CA LYS M 64 -38.04 28.10 -16.24
C LYS M 64 -37.13 28.28 -17.44
N GLU M 65 -35.82 28.31 -17.21
CA GLU M 65 -34.87 28.62 -18.27
C GLU M 65 -34.49 27.38 -19.06
N LYS M 66 -33.79 27.61 -20.16
CA LYS M 66 -33.52 26.62 -21.19
C LYS M 66 -32.40 27.16 -22.06
N GLY M 67 -31.96 26.35 -23.01
CA GLY M 67 -31.07 26.83 -24.04
C GLY M 67 -31.84 27.68 -25.02
N LEU M 68 -31.13 28.18 -26.03
CA LEU M 68 -31.80 28.95 -27.07
C LEU M 68 -32.80 28.09 -27.83
N ASP M 69 -32.40 26.87 -28.17
CA ASP M 69 -33.26 25.98 -28.95
C ASP M 69 -34.40 25.41 -28.11
N GLY M 70 -35.41 24.91 -28.83
CA GLY M 70 -36.51 24.20 -28.22
C GLY M 70 -37.70 25.04 -27.84
N SER M 71 -38.89 24.49 -28.03
CA SER M 71 -40.10 25.07 -27.47
C SER M 71 -40.10 24.94 -25.94
N VAL M 72 -41.04 25.62 -25.30
CA VAL M 72 -41.20 25.58 -23.86
C VAL M 72 -42.28 24.58 -23.53
N ILE M 73 -41.95 23.58 -22.71
CA ILE M 73 -42.89 22.49 -22.42
C ILE M 73 -43.26 22.49 -20.94
N ARG M 74 -43.58 23.66 -20.40
CA ARG M 74 -43.95 23.75 -19.00
C ARG M 74 -45.13 24.70 -18.78
N ALA N 1 -9.33 41.50 -2.29
CA ALA N 1 -8.51 40.92 -3.36
C ALA N 1 -8.85 39.44 -3.57
N MET N 2 -8.41 38.90 -4.71
CA MET N 2 -8.66 37.51 -5.03
C MET N 2 -7.95 36.60 -4.03
N ASP N 3 -8.73 35.82 -3.28
CA ASP N 3 -8.23 35.11 -2.12
C ASP N 3 -7.82 33.66 -2.42
N LYS N 4 -7.74 33.27 -3.69
CA LYS N 4 -7.21 31.97 -4.08
C LYS N 4 -7.92 30.82 -3.37
N SER N 5 -9.18 31.02 -3.01
CA SER N 5 -9.96 30.00 -2.33
C SER N 5 -10.86 29.21 -3.28
N ALA N 6 -10.93 29.60 -4.55
CA ALA N 6 -11.79 29.00 -5.56
C ALA N 6 -13.28 29.12 -5.20
N LYS N 7 -13.63 30.04 -4.31
CA LYS N 7 -15.01 30.22 -3.92
C LYS N 7 -15.62 31.35 -4.74
N ALA N 8 -16.88 31.20 -5.11
CA ALA N 8 -17.58 32.16 -5.95
C ALA N 8 -19.05 32.16 -5.57
N PRO N 9 -19.77 33.24 -5.89
CA PRO N 9 -21.21 33.32 -5.55
C PRO N 9 -22.03 32.52 -6.55
N VAL N 10 -22.74 31.51 -6.05
CA VAL N 10 -23.66 30.71 -6.84
C VAL N 10 -25.06 31.27 -6.61
N ILE N 11 -25.71 31.69 -7.70
CA ILE N 11 -27.01 32.36 -7.65
C ILE N 11 -28.03 31.41 -8.24
N THR N 12 -29.14 31.22 -7.53
CA THR N 12 -30.25 30.42 -7.98
C THR N 12 -31.51 31.27 -8.03
N ILE N 13 -32.19 31.25 -9.17
CA ILE N 13 -33.42 32.00 -9.37
C ILE N 13 -34.58 31.02 -9.42
N PHE N 14 -35.49 31.11 -8.44
CA PHE N 14 -36.69 30.26 -8.35
C PHE N 14 -37.90 31.12 -8.70
N ASP N 15 -38.30 31.15 -9.96
CA ASP N 15 -39.63 31.63 -10.31
C ASP N 15 -40.56 30.43 -10.24
N HIS N 16 -41.13 30.21 -9.07
CA HIS N 16 -41.98 29.05 -8.83
C HIS N 16 -43.44 29.47 -8.61
N ARG N 17 -43.90 30.51 -9.30
CA ARG N 17 -45.32 30.86 -9.24
C ARG N 17 -46.18 29.70 -9.68
N GLY N 18 -47.23 29.44 -8.91
CA GLY N 18 -48.12 28.33 -9.20
C GLY N 18 -47.64 26.98 -8.68
N CYS N 19 -46.53 26.95 -7.95
CA CYS N 19 -45.92 25.69 -7.55
C CYS N 19 -46.58 25.17 -6.29
N SER N 20 -46.94 23.89 -6.29
CA SER N 20 -47.59 23.26 -5.15
C SER N 20 -46.65 23.06 -3.97
N ARG N 21 -45.33 23.10 -4.19
CA ARG N 21 -44.38 22.93 -3.09
C ARG N 21 -44.35 24.22 -2.29
N ALA N 22 -44.69 24.13 -1.01
CA ALA N 22 -44.84 25.33 -0.20
C ALA N 22 -43.49 26.00 0.04
N PRO N 23 -43.40 27.32 -0.08
CA PRO N 23 -42.21 28.02 0.41
C PRO N 23 -42.00 27.76 1.89
N LYS N 24 -40.75 27.85 2.33
CA LYS N 24 -40.45 27.73 3.75
C LYS N 24 -39.05 28.26 4.08
N GLU N 25 -38.12 28.21 3.11
CA GLU N 25 -36.76 28.64 3.41
C GLU N 25 -36.69 30.15 3.64
N TYR N 26 -37.61 30.90 3.03
CA TYR N 26 -37.69 32.35 3.20
C TYR N 26 -38.57 32.63 4.41
N THR N 27 -37.98 33.19 5.46
CA THR N 27 -38.70 33.40 6.72
C THR N 27 -38.95 34.88 7.01
N GLY N 28 -38.80 35.75 6.01
CA GLY N 28 -39.17 37.14 6.14
C GLY N 28 -40.66 37.35 5.99
N SER N 29 -41.05 38.62 5.84
CA SER N 29 -42.46 38.96 5.74
C SER N 29 -43.01 38.67 4.35
N LYS N 30 -44.31 38.44 4.29
CA LYS N 30 -44.98 38.14 3.03
C LYS N 30 -45.35 39.42 2.28
N ALA N 31 -45.41 39.31 0.96
CA ALA N 31 -45.80 40.41 0.09
C ALA N 31 -47.29 40.39 -0.24
N SER N 32 -48.00 39.34 0.13
CA SER N 32 -49.39 39.15 -0.27
C SER N 32 -49.57 39.26 -1.79
N GLY N 33 -48.69 38.57 -2.50
CA GLY N 33 -48.69 38.60 -3.96
C GLY N 33 -47.80 37.51 -4.49
N GLN N 34 -47.67 37.48 -5.83
CA GLN N 34 -46.92 36.41 -6.47
C GLN N 34 -45.46 36.40 -6.05
N ASP N 35 -44.95 37.50 -5.50
CA ASP N 35 -43.59 37.49 -4.98
C ASP N 35 -43.42 36.47 -3.87
N ASP N 36 -44.51 36.04 -3.23
CA ASP N 36 -44.43 34.98 -2.23
C ASP N 36 -44.14 33.61 -2.82
N GLU N 37 -44.25 33.43 -4.14
CA GLU N 37 -43.93 32.14 -4.75
C GLU N 37 -42.61 32.17 -5.51
N MET N 38 -41.81 33.22 -5.34
CA MET N 38 -40.56 33.39 -6.05
C MET N 38 -39.45 33.75 -5.07
N MET N 39 -38.21 33.44 -5.47
CA MET N 39 -37.08 33.65 -4.57
C MET N 39 -35.77 33.76 -5.33
N VAL N 40 -34.88 34.60 -4.80
CA VAL N 40 -33.49 34.63 -5.23
C VAL N 40 -32.65 34.07 -4.09
N LYS N 41 -31.78 33.12 -4.41
CA LYS N 41 -30.87 32.55 -3.44
C LYS N 41 -29.44 32.80 -3.89
N ALA N 42 -28.55 33.07 -2.94
CA ALA N 42 -27.14 33.21 -3.23
C ALA N 42 -26.32 32.53 -2.15
N GLN N 43 -25.24 31.89 -2.56
CA GLN N 43 -24.43 31.10 -1.64
C GLN N 43 -22.98 31.08 -2.11
N SER N 44 -22.04 31.33 -1.20
CA SER N 44 -20.63 31.23 -1.54
C SER N 44 -20.24 29.75 -1.59
N VAL N 45 -19.78 29.30 -2.76
CA VAL N 45 -19.48 27.88 -2.96
C VAL N 45 -18.07 27.77 -3.55
N LYS N 46 -17.32 26.79 -3.08
CA LYS N 46 -16.02 26.48 -3.68
C LYS N 46 -16.23 25.76 -5.00
N ILE N 47 -15.74 26.36 -6.08
CA ILE N 47 -15.95 25.83 -7.43
C ILE N 47 -14.92 24.73 -7.71
N ALA N 48 -15.40 23.60 -8.22
CA ALA N 48 -14.54 22.47 -8.54
C ALA N 48 -15.08 21.78 -9.79
N VAL N 49 -14.17 21.13 -10.54
CA VAL N 49 -14.51 20.45 -11.78
C VAL N 49 -13.97 19.03 -11.74
N SER N 50 -14.84 18.06 -12.03
CA SER N 50 -14.44 16.66 -11.97
C SER N 50 -13.56 16.29 -13.17
N ASP N 51 -12.73 15.25 -12.97
CA ASP N 51 -11.91 14.74 -14.04
C ASP N 51 -12.74 14.25 -15.22
N GLY N 52 -13.94 13.73 -14.98
CA GLY N 52 -14.79 13.29 -16.07
C GLY N 52 -15.22 14.43 -16.97
N VAL N 53 -15.54 15.58 -16.37
CA VAL N 53 -15.91 16.75 -17.16
C VAL N 53 -14.71 17.26 -17.95
N ALA N 54 -13.54 17.34 -17.32
CA ALA N 54 -12.36 17.81 -18.03
C ALA N 54 -12.04 16.89 -19.20
N GLU N 55 -12.20 15.57 -19.00
CA GLU N 55 -11.95 14.62 -20.08
C GLU N 55 -12.94 14.81 -21.21
N SER N 56 -14.19 15.13 -20.89
CA SER N 56 -15.17 15.24 -21.96
C SER N 56 -15.04 16.56 -22.70
N VAL N 57 -14.60 17.62 -22.03
CA VAL N 57 -14.28 18.85 -22.75
C VAL N 57 -13.06 18.64 -23.65
N LEU N 58 -12.07 17.86 -23.18
CA LEU N 58 -10.96 17.46 -24.03
C LEU N 58 -11.45 16.71 -25.27
N LYS N 59 -12.26 15.68 -25.06
CA LYS N 59 -12.77 14.87 -26.17
C LYS N 59 -13.52 15.73 -27.17
N ASP N 60 -14.46 16.55 -26.69
CA ASP N 60 -15.25 17.40 -27.57
C ASP N 60 -14.40 18.45 -28.27
N SER N 61 -13.31 18.91 -27.65
CA SER N 61 -12.45 19.89 -28.31
C SER N 61 -11.64 19.25 -29.43
N LEU N 62 -11.13 18.04 -29.19
CA LEU N 62 -10.41 17.30 -30.22
C LEU N 62 -11.26 17.06 -31.47
N SER N 63 -12.54 16.76 -31.31
CA SER N 63 -13.37 16.38 -32.44
C SER N 63 -13.87 17.57 -33.24
N VAL N 64 -13.74 18.79 -32.74
CA VAL N 64 -14.14 19.97 -33.49
C VAL N 64 -12.96 20.75 -34.06
N MET N 65 -11.75 20.54 -33.55
CA MET N 65 -10.61 21.24 -34.10
C MET N 65 -10.18 20.63 -35.44
N HIS N 66 -9.48 21.43 -36.24
CA HIS N 66 -9.06 21.02 -37.58
C HIS N 66 -7.58 21.30 -37.79
N LYS N 67 -7.16 22.53 -37.46
CA LYS N 67 -5.77 22.94 -37.63
C LYS N 67 -5.39 23.95 -36.57
N ALA O 4 -14.69 -6.24 -37.09
CA ALA O 4 -13.79 -5.91 -36.00
C ALA O 4 -14.23 -4.63 -35.29
N PHE O 5 -14.94 -3.75 -36.00
CA PHE O 5 -15.46 -2.54 -35.38
C PHE O 5 -16.46 -2.88 -34.29
N SER O 6 -17.32 -3.87 -34.54
CA SER O 6 -18.26 -4.32 -33.51
C SER O 6 -17.58 -5.17 -32.46
N ARG O 7 -16.38 -5.70 -32.75
CA ARG O 7 -15.66 -6.49 -31.76
C ARG O 7 -15.13 -5.61 -30.63
N VAL O 8 -14.81 -4.35 -30.93
CA VAL O 8 -14.33 -3.43 -29.90
C VAL O 8 -15.45 -3.14 -28.90
N VAL O 9 -16.60 -2.73 -29.40
CA VAL O 9 -17.70 -2.23 -28.58
C VAL O 9 -18.47 -3.36 -27.90
N THR O 10 -17.89 -4.56 -27.86
CA THR O 10 -18.52 -5.67 -27.15
C THR O 10 -17.50 -6.39 -26.27
N ASN O 11 -16.45 -6.93 -26.89
CA ASN O 11 -15.38 -7.59 -26.15
C ASN O 11 -14.43 -6.54 -25.56
N LYS O 15 -8.61 -2.72 -26.39
CA LYS O 15 -7.93 -1.82 -27.29
C LYS O 15 -8.85 -1.12 -28.28
N ALA O 16 -8.82 0.21 -28.23
CA ALA O 16 -9.62 1.02 -29.13
C ALA O 16 -9.15 0.83 -30.58
N ALA O 17 -10.06 1.04 -31.51
CA ALA O 17 -9.72 1.00 -32.93
C ALA O 17 -9.43 2.40 -33.44
N TYR O 18 -8.35 2.51 -34.21
CA TYR O 18 -7.87 3.76 -34.79
C TYR O 18 -7.88 3.60 -36.30
N VAL O 19 -8.81 4.28 -36.96
CA VAL O 19 -9.10 4.05 -38.37
C VAL O 19 -8.77 5.35 -39.10
N GLY O 20 -7.56 5.40 -39.69
CA GLY O 20 -7.11 6.58 -40.39
C GLY O 20 -6.52 6.20 -41.74
N GLY O 21 -6.19 7.24 -42.51
CA GLY O 21 -5.49 7.04 -43.78
C GLY O 21 -6.24 6.11 -44.70
N ALA O 22 -5.51 5.12 -45.26
CA ALA O 22 -6.12 4.19 -46.20
C ALA O 22 -7.25 3.39 -45.56
N ASP O 23 -7.13 3.08 -44.27
CA ASP O 23 -8.19 2.37 -43.58
C ASP O 23 -9.46 3.22 -43.46
N LEU O 24 -9.32 4.51 -43.18
CA LEU O 24 -10.50 5.36 -43.15
C LEU O 24 -11.08 5.56 -44.55
N GLN O 25 -10.22 5.71 -45.55
CA GLN O 25 -10.70 5.84 -46.93
C GLN O 25 -11.51 4.63 -47.36
N ALA O 26 -11.01 3.43 -47.05
CA ALA O 26 -11.74 2.23 -47.42
C ALA O 26 -13.02 2.13 -46.62
N LEU O 27 -12.95 2.43 -45.31
CA LEU O 27 -14.16 2.39 -44.50
C LEU O 27 -15.22 3.28 -45.13
N LYS O 28 -14.81 4.48 -45.60
CA LYS O 28 -15.80 5.38 -46.17
C LYS O 28 -16.35 4.84 -47.47
N LYS O 29 -15.54 4.06 -48.19
CA LYS O 29 -16.09 3.38 -49.37
C LYS O 29 -17.00 2.21 -48.97
N PHE O 30 -16.85 1.68 -47.76
CA PHE O 30 -17.53 0.46 -47.34
C PHE O 30 -18.82 0.72 -46.58
N ILE O 31 -19.14 1.98 -46.30
CA ILE O 31 -20.39 2.32 -45.62
C ILE O 31 -21.15 3.32 -46.47
N SER O 32 -22.43 3.47 -46.15
CA SER O 32 -23.28 4.39 -46.89
C SER O 32 -22.95 5.83 -46.51
N GLU O 33 -22.69 6.65 -47.52
CA GLU O 33 -22.41 8.08 -47.37
C GLU O 33 -21.36 8.32 -46.28
N GLY O 34 -20.16 7.81 -46.53
CA GLY O 34 -19.13 7.78 -45.49
C GLY O 34 -18.83 9.15 -44.91
N ASN O 35 -18.61 10.14 -45.79
CA ASN O 35 -18.22 11.46 -45.32
C ASN O 35 -19.38 12.13 -44.60
N LYS O 36 -20.56 12.11 -45.20
CA LYS O 36 -21.73 12.71 -44.56
C LYS O 36 -22.05 12.02 -43.25
N ARG O 37 -21.93 10.69 -43.21
CA ARG O 37 -22.23 9.97 -41.99
C ARG O 37 -21.26 10.35 -40.87
N LEU O 38 -19.99 10.55 -41.21
CA LEU O 38 -19.03 10.97 -40.19
C LEU O 38 -19.30 12.40 -39.71
N ASP O 39 -19.69 13.30 -40.61
CA ASP O 39 -20.09 14.64 -40.16
C ASP O 39 -21.30 14.60 -39.23
N ALA O 40 -22.33 13.82 -39.58
CA ALA O 40 -23.52 13.72 -38.75
C ALA O 40 -23.16 13.19 -37.35
N VAL O 41 -22.37 12.12 -37.31
CA VAL O 41 -21.97 11.55 -36.03
C VAL O 41 -21.15 12.57 -35.24
N ASN O 42 -20.21 13.25 -35.90
CA ASN O 42 -19.36 14.17 -35.17
C ASN O 42 -20.17 15.32 -34.60
N SER O 43 -21.22 15.76 -35.32
CA SER O 43 -22.02 16.88 -34.83
C SER O 43 -22.88 16.46 -33.65
N ILE O 44 -23.33 15.20 -33.61
CA ILE O 44 -24.07 14.72 -32.44
C ILE O 44 -23.14 14.54 -31.25
N VAL O 45 -22.01 13.86 -31.47
CA VAL O 45 -21.13 13.48 -30.37
C VAL O 45 -20.48 14.71 -29.77
N SER O 46 -20.09 15.69 -30.60
CA SER O 46 -19.48 16.90 -30.09
C SER O 46 -20.47 17.76 -29.31
N ASN O 47 -21.77 17.50 -29.43
CA ASN O 47 -22.77 18.26 -28.69
C ASN O 47 -23.48 17.40 -27.67
N ALA O 48 -22.94 16.22 -27.37
CA ALA O 48 -23.63 15.26 -26.53
C ALA O 48 -23.86 15.80 -25.11
N SER O 49 -22.88 16.53 -24.57
CA SER O 49 -23.04 17.10 -23.23
C SER O 49 -24.27 17.99 -23.16
N CYS O 50 -24.43 18.87 -24.15
CA CYS O 50 -25.58 19.77 -24.15
C CYS O 50 -26.86 19.00 -24.42
N ILE O 51 -26.80 18.00 -25.30
CA ILE O 51 -27.99 17.22 -25.60
C ILE O 51 -28.50 16.52 -24.34
N VAL O 52 -27.60 15.86 -23.61
CA VAL O 52 -27.97 15.18 -22.37
C VAL O 52 -28.53 16.16 -21.36
N SER O 53 -27.81 17.27 -21.13
CA SER O 53 -28.24 18.23 -20.13
C SER O 53 -29.60 18.81 -20.47
N ASP O 54 -29.79 19.23 -21.73
CA ASP O 54 -31.04 19.80 -22.17
C ASP O 54 -32.19 18.79 -22.13
N ALA O 55 -31.92 17.52 -22.43
CA ALA O 55 -32.99 16.52 -22.41
C ALA O 55 -33.44 16.21 -20.99
N VAL O 56 -32.48 16.06 -20.07
CA VAL O 56 -32.86 15.78 -18.68
C VAL O 56 -33.52 17.01 -18.07
N SER O 57 -32.96 18.20 -18.31
CA SER O 57 -33.59 19.42 -17.83
C SER O 57 -35.01 19.59 -18.39
N GLY O 58 -35.24 19.20 -19.64
CA GLY O 58 -36.57 19.35 -20.20
C GLY O 58 -37.55 18.37 -19.58
N MET O 59 -37.13 17.11 -19.43
CA MET O 59 -37.89 16.14 -18.65
C MET O 59 -38.24 16.70 -17.27
N ILE O 60 -37.31 17.40 -16.63
CA ILE O 60 -37.53 17.80 -15.25
C ILE O 60 -38.41 19.05 -15.20
N CYS O 61 -38.23 19.99 -16.12
CA CYS O 61 -39.09 21.16 -16.15
C CYS O 61 -40.52 20.80 -16.53
N GLU O 62 -40.71 19.74 -17.34
CA GLU O 62 -42.06 19.25 -17.59
C GLU O 62 -42.68 18.66 -16.32
N ASN O 63 -41.87 17.97 -15.51
CA ASN O 63 -42.36 17.23 -14.35
C ASN O 63 -41.42 17.51 -13.17
N PRO O 64 -41.56 18.68 -12.53
CA PRO O 64 -40.63 19.03 -11.45
C PRO O 64 -40.60 18.03 -10.31
N SER O 65 -41.70 17.31 -10.12
CA SER O 65 -41.79 16.28 -9.08
C SER O 65 -40.71 15.21 -9.22
N LEU O 66 -40.06 15.13 -10.39
CA LEU O 66 -38.99 14.16 -10.56
C LEU O 66 -37.80 14.45 -9.66
N ILE O 67 -37.64 15.69 -9.17
CA ILE O 67 -36.59 15.98 -8.21
C ILE O 67 -37.17 16.44 -6.87
N SER O 68 -38.44 16.13 -6.62
CA SER O 68 -39.05 16.24 -5.31
C SER O 68 -38.56 15.08 -4.45
N PRO O 69 -38.76 15.14 -3.13
CA PRO O 69 -38.25 14.03 -2.29
C PRO O 69 -38.73 12.66 -2.72
N SER O 70 -39.90 12.58 -3.36
CA SER O 70 -40.46 11.31 -3.80
C SER O 70 -40.22 11.04 -5.28
N GLY O 71 -39.30 11.76 -5.91
CA GLY O 71 -39.04 11.60 -7.32
C GLY O 71 -37.78 10.81 -7.60
N ASN O 72 -37.75 10.16 -8.77
CA ASN O 72 -36.70 9.21 -9.11
C ASN O 72 -35.39 9.89 -9.47
N CYS O 73 -35.36 11.21 -9.59
CA CYS O 73 -34.09 11.91 -9.78
C CYS O 73 -33.63 12.61 -8.50
N TYR O 74 -34.33 12.39 -7.39
CA TYR O 74 -33.96 13.02 -6.14
C TYR O 74 -32.67 12.42 -5.60
N THR O 75 -31.85 13.28 -4.98
CA THR O 75 -30.49 13.00 -4.50
C THR O 75 -29.49 12.98 -5.65
N ASN O 76 -28.24 13.28 -5.31
CA ASN O 76 -27.19 13.33 -6.32
C ASN O 76 -26.92 11.97 -6.94
N ARG O 77 -27.04 10.88 -6.17
CA ARG O 77 -26.80 9.56 -6.73
C ARG O 77 -27.76 9.28 -7.87
N ARG O 78 -29.06 9.51 -7.64
CA ARG O 78 -30.06 9.23 -8.66
C ARG O 78 -29.93 10.20 -9.83
N MET O 79 -29.73 11.50 -9.56
CA MET O 79 -29.53 12.44 -10.66
C MET O 79 -28.34 12.04 -11.52
N ALA O 80 -27.23 11.63 -10.88
CA ALA O 80 -26.06 11.18 -11.62
C ALA O 80 -26.37 9.96 -12.47
N ALA O 81 -27.15 9.05 -11.92
CA ALA O 81 -27.51 7.85 -12.68
C ALA O 81 -28.39 8.19 -13.88
N CYS O 82 -29.29 9.17 -13.72
CA CYS O 82 -30.15 9.54 -14.84
C CYS O 82 -29.34 10.19 -15.95
N LEU O 83 -28.48 11.16 -15.59
CA LEU O 83 -27.60 11.76 -16.58
C LEU O 83 -26.73 10.70 -17.26
N ARG O 84 -26.27 9.71 -16.48
CA ARG O 84 -25.46 8.64 -17.05
C ARG O 84 -26.24 7.85 -18.07
N ASP O 85 -27.45 7.40 -17.71
CA ASP O 85 -28.26 6.61 -18.65
C ASP O 85 -28.54 7.40 -19.93
N ALA O 86 -28.89 8.68 -19.79
CA ALA O 86 -29.13 9.48 -20.98
C ALA O 86 -27.91 9.53 -21.87
N GLU O 87 -26.72 9.73 -21.29
CA GLU O 87 -25.51 9.75 -22.09
C GLU O 87 -25.21 8.39 -22.71
N ILE O 88 -25.41 7.31 -21.97
CA ILE O 88 -25.20 5.96 -22.51
C ILE O 88 -26.08 5.71 -23.72
N ILE O 89 -27.37 6.01 -23.60
CA ILE O 89 -28.29 5.82 -24.72
C ILE O 89 -27.84 6.67 -25.91
N LEU O 90 -27.48 7.92 -25.65
CA LEU O 90 -27.02 8.78 -26.73
C LEU O 90 -25.78 8.21 -27.41
N ARG O 91 -24.84 7.67 -26.63
CA ARG O 91 -23.63 7.14 -27.23
C ARG O 91 -23.89 5.87 -28.02
N TYR O 92 -24.85 5.06 -27.58
CA TYR O 92 -25.20 3.88 -28.36
C TYR O 92 -25.92 4.26 -29.65
N VAL O 93 -26.80 5.25 -29.60
CA VAL O 93 -27.42 5.73 -30.84
C VAL O 93 -26.36 6.31 -31.76
N SER O 94 -25.40 7.04 -31.20
CA SER O 94 -24.32 7.60 -32.00
C SER O 94 -23.51 6.49 -32.67
N TYR O 95 -23.26 5.39 -31.95
CA TYR O 95 -22.53 4.29 -32.58
C TYR O 95 -23.39 3.59 -33.63
N ALA O 96 -24.70 3.53 -33.40
CA ALA O 96 -25.61 2.98 -34.40
C ALA O 96 -25.57 3.81 -35.68
N LEU O 97 -25.52 5.14 -35.54
CA LEU O 97 -25.41 5.99 -36.72
C LEU O 97 -24.06 5.78 -37.40
N LEU O 98 -22.99 5.65 -36.60
CA LEU O 98 -21.68 5.36 -37.16
C LEU O 98 -21.67 4.05 -37.94
N SER O 99 -22.36 3.03 -37.43
CA SER O 99 -22.27 1.70 -38.01
C SER O 99 -23.38 1.40 -39.02
N GLY O 100 -24.43 2.22 -39.06
CA GLY O 100 -25.48 2.05 -40.04
C GLY O 100 -26.46 0.94 -39.76
N ASP O 101 -26.53 0.47 -38.51
CA ASP O 101 -27.53 -0.52 -38.13
C ASP O 101 -27.69 -0.47 -36.62
N SER O 102 -28.79 -1.05 -36.15
CA SER O 102 -29.18 -0.98 -34.75
C SER O 102 -28.89 -2.27 -33.99
N SER O 103 -28.01 -3.12 -34.53
CA SER O 103 -27.78 -4.44 -33.94
C SER O 103 -27.15 -4.32 -32.56
N VAL O 104 -26.02 -3.62 -32.47
CA VAL O 104 -25.35 -3.44 -31.19
C VAL O 104 -26.24 -2.65 -30.25
N LEU O 105 -26.91 -1.62 -30.78
CA LEU O 105 -27.80 -0.79 -29.98
C LEU O 105 -28.90 -1.64 -29.36
N GLU O 106 -29.52 -2.50 -30.16
CA GLU O 106 -30.61 -3.34 -29.67
C GLU O 106 -30.10 -4.41 -28.71
N ASP O 107 -28.98 -5.06 -29.05
CA ASP O 107 -28.50 -6.19 -28.26
C ASP O 107 -27.89 -5.77 -26.92
N ARG O 108 -27.14 -4.66 -26.89
CA ARG O 108 -26.40 -4.28 -25.69
C ARG O 108 -27.04 -3.19 -24.86
N CYS O 109 -27.95 -2.41 -25.44
CA CYS O 109 -28.61 -1.33 -24.71
C CYS O 109 -30.08 -1.60 -24.42
N LEU O 110 -30.85 -2.03 -25.41
CA LEU O 110 -32.30 -2.08 -25.25
C LEU O 110 -32.80 -3.42 -24.72
N ASN O 111 -32.15 -4.52 -25.09
CA ASN O 111 -32.64 -5.83 -24.68
C ASN O 111 -32.51 -5.94 -23.16
N GLY O 112 -33.64 -6.08 -22.48
CA GLY O 112 -33.66 -6.13 -21.04
C GLY O 112 -33.67 -4.79 -20.34
N LEU O 113 -33.63 -3.68 -21.09
CA LEU O 113 -33.56 -2.38 -20.44
C LEU O 113 -34.88 -2.06 -19.76
N LYS O 114 -35.99 -2.28 -20.47
CA LYS O 114 -37.31 -2.06 -19.88
C LYS O 114 -37.50 -2.90 -18.62
N GLU O 115 -36.97 -4.12 -18.62
CA GLU O 115 -37.09 -4.97 -17.43
C GLU O 115 -36.41 -4.31 -16.23
N THR O 116 -35.18 -3.84 -16.43
CA THR O 116 -34.44 -3.17 -15.38
C THR O 116 -35.15 -1.89 -14.91
N TYR O 117 -35.60 -1.07 -15.85
CA TYR O 117 -36.29 0.16 -15.44
C TYR O 117 -37.60 -0.12 -14.73
N SER O 118 -38.38 -1.10 -15.20
CA SER O 118 -39.62 -1.44 -14.51
C SER O 118 -39.35 -2.00 -13.13
N SER O 119 -38.23 -2.72 -12.98
CA SER O 119 -37.83 -3.24 -11.68
C SER O 119 -37.44 -2.11 -10.72
N LEU O 120 -36.66 -1.15 -11.21
CA LEU O 120 -36.14 -0.08 -10.38
C LEU O 120 -37.19 0.99 -10.06
N GLY O 121 -38.27 1.05 -10.83
CA GLY O 121 -39.23 2.13 -10.71
C GLY O 121 -38.88 3.39 -11.47
N VAL O 122 -38.03 3.29 -12.49
CA VAL O 122 -37.68 4.40 -13.36
C VAL O 122 -38.89 4.78 -14.22
N PRO O 123 -39.34 6.03 -14.20
CA PRO O 123 -40.66 6.35 -14.75
C PRO O 123 -40.61 6.36 -16.28
N ALA O 124 -41.51 5.59 -16.90
CA ALA O 124 -41.46 5.39 -18.34
C ALA O 124 -41.66 6.69 -19.12
N ASN O 125 -42.64 7.51 -18.73
CA ASN O 125 -42.93 8.72 -19.52
C ASN O 125 -41.90 9.82 -19.32
N GLY O 126 -41.20 9.85 -18.20
CA GLY O 126 -40.06 10.74 -18.07
C GLY O 126 -38.95 10.31 -19.01
N ASN O 127 -38.69 9.00 -19.07
CA ASN O 127 -37.74 8.50 -20.06
C ASN O 127 -38.20 8.88 -21.47
N ALA O 128 -39.51 8.75 -21.72
CA ALA O 128 -40.06 9.09 -23.04
C ALA O 128 -39.74 10.54 -23.39
N ARG O 129 -39.91 11.46 -22.44
CA ARG O 129 -39.65 12.87 -22.75
C ARG O 129 -38.16 13.12 -22.96
N ALA O 130 -37.31 12.60 -22.07
CA ALA O 130 -35.88 12.80 -22.22
C ALA O 130 -35.37 12.28 -23.56
N VAL O 131 -35.73 11.02 -23.88
CA VAL O 131 -35.37 10.41 -25.16
C VAL O 131 -35.92 11.21 -26.34
N SER O 132 -37.16 11.70 -26.22
CA SER O 132 -37.76 12.45 -27.33
C SER O 132 -36.98 13.73 -27.59
N ILE O 133 -36.51 14.37 -26.52
CA ILE O 133 -35.71 15.58 -26.71
C ILE O 133 -34.36 15.23 -27.32
N MET O 134 -33.72 14.17 -26.83
CA MET O 134 -32.44 13.76 -27.42
C MET O 134 -32.59 13.47 -28.91
N LYS O 135 -33.73 12.86 -29.30
CA LYS O 135 -34.04 12.62 -30.70
C LYS O 135 -34.13 13.94 -31.48
N ALA O 136 -34.94 14.87 -30.98
CA ALA O 136 -35.08 16.15 -31.66
C ALA O 136 -33.74 16.87 -31.79
N CYS O 137 -32.93 16.84 -30.73
CA CYS O 137 -31.61 17.45 -30.77
C CYS O 137 -30.76 16.82 -31.86
N SER O 138 -30.74 15.49 -31.91
CA SER O 138 -29.83 14.81 -32.81
C SER O 138 -30.26 15.05 -34.26
N VAL O 139 -31.56 14.96 -34.52
CA VAL O 139 -32.10 15.26 -35.83
C VAL O 139 -31.70 16.66 -36.26
N ALA O 140 -31.84 17.63 -35.35
CA ALA O 140 -31.48 19.01 -35.68
C ALA O 140 -29.99 19.16 -35.97
N PHE O 141 -29.14 18.43 -35.23
CA PHE O 141 -27.70 18.52 -35.46
C PHE O 141 -27.28 17.85 -36.76
N VAL O 142 -27.95 16.77 -37.15
CA VAL O 142 -27.65 16.14 -38.43
C VAL O 142 -27.94 17.10 -39.57
N ASN O 143 -29.03 17.87 -39.46
CA ASN O 143 -29.40 18.83 -40.49
C ASN O 143 -28.74 20.19 -40.30
N ASN O 144 -27.94 20.37 -39.26
CA ASN O 144 -27.24 21.64 -38.96
C ASN O 144 -28.22 22.80 -38.88
N THR O 145 -29.36 22.58 -38.22
CA THR O 145 -30.34 23.63 -37.99
C THR O 145 -30.41 24.05 -36.54
N ALA O 146 -29.45 23.61 -35.72
CA ALA O 146 -29.39 23.96 -34.31
C ALA O 146 -28.75 25.34 -34.12
N SER O 147 -28.95 25.91 -32.94
CA SER O 147 -28.53 27.29 -32.70
C SER O 147 -27.01 27.41 -32.61
N GLN O 148 -26.32 26.35 -32.22
CA GLN O 148 -24.86 26.35 -32.13
C GLN O 148 -24.32 25.53 -33.29
N LYS O 149 -23.88 26.22 -34.33
CA LYS O 149 -23.22 25.60 -35.48
C LYS O 149 -21.73 25.89 -35.35
N LYS O 150 -21.05 25.01 -34.62
CA LYS O 150 -19.61 25.13 -34.39
C LYS O 150 -18.80 24.22 -35.29
N LEU O 151 -19.45 23.42 -36.14
CA LEU O 151 -18.79 22.53 -37.08
C LEU O 151 -19.25 22.89 -38.48
N SER O 152 -18.30 23.08 -39.39
CA SER O 152 -18.60 23.48 -40.76
C SER O 152 -18.55 22.27 -41.68
N THR O 153 -19.55 22.16 -42.55
CA THR O 153 -19.67 21.06 -43.50
C THR O 153 -19.98 21.60 -44.89
N PRO O 154 -19.50 20.91 -45.93
CA PRO O 154 -19.98 21.20 -47.29
C PRO O 154 -21.50 21.08 -47.37
N GLN O 155 -22.12 21.97 -48.14
CA GLN O 155 -23.57 21.99 -48.23
C GLN O 155 -24.12 20.78 -48.97
N GLY O 156 -25.22 20.24 -48.46
CA GLY O 156 -25.85 19.08 -49.08
C GLY O 156 -27.13 18.68 -48.37
N ASP O 157 -27.66 17.53 -48.79
CA ASP O 157 -28.93 16.98 -48.33
C ASP O 157 -28.62 15.81 -47.40
N CYS O 158 -28.95 15.95 -46.13
CA CYS O 158 -28.74 14.89 -45.15
C CYS O 158 -30.04 14.30 -44.60
N SER O 159 -31.13 14.37 -45.36
CA SER O 159 -32.44 13.93 -44.85
C SER O 159 -32.48 12.43 -44.56
N GLY O 160 -31.75 11.63 -45.34
CA GLY O 160 -31.68 10.20 -45.08
C GLY O 160 -31.05 9.87 -43.75
N LEU O 161 -29.92 10.50 -43.46
CA LEU O 161 -29.24 10.26 -42.19
C LEU O 161 -30.10 10.69 -41.01
N ALA O 162 -30.84 11.78 -41.18
CA ALA O 162 -31.73 12.26 -40.12
C ALA O 162 -32.86 11.28 -39.88
N SER O 163 -33.46 10.74 -40.94
CA SER O 163 -34.45 9.68 -40.77
C SER O 163 -33.84 8.45 -40.10
N GLU O 164 -32.59 8.12 -40.43
CA GLU O 164 -31.94 6.96 -39.83
C GLU O 164 -31.79 7.14 -38.31
N VAL O 165 -31.27 8.30 -37.89
CA VAL O 165 -31.07 8.49 -36.46
C VAL O 165 -32.41 8.65 -35.75
N ALA O 166 -33.39 9.25 -36.41
CA ALA O 166 -34.73 9.31 -35.85
C ALA O 166 -35.29 7.92 -35.61
N GLY O 167 -35.07 7.01 -36.56
CA GLY O 167 -35.52 5.64 -36.38
C GLY O 167 -34.81 4.91 -35.25
N TYR O 168 -33.52 5.19 -35.06
CA TYR O 168 -32.83 4.58 -33.92
C TYR O 168 -33.39 5.08 -32.61
N PHE O 169 -33.68 6.39 -32.52
CA PHE O 169 -34.31 6.91 -31.32
C PHE O 169 -35.71 6.35 -31.13
N ASP O 170 -36.45 6.17 -32.22
CA ASP O 170 -37.77 5.59 -32.14
C ASP O 170 -37.72 4.15 -31.65
N LYS O 171 -36.63 3.44 -31.98
CA LYS O 171 -36.44 2.08 -31.45
C LYS O 171 -36.14 2.12 -29.95
N VAL O 172 -35.36 3.11 -29.52
CA VAL O 172 -35.11 3.25 -28.09
C VAL O 172 -36.42 3.52 -27.35
N THR O 173 -37.21 4.47 -27.87
CA THR O 173 -38.51 4.78 -27.27
C THR O 173 -39.43 3.56 -27.26
N SER O 174 -39.41 2.76 -28.31
CA SER O 174 -40.19 1.52 -28.37
C SER O 174 -39.77 0.56 -27.25
N ALA O 175 -38.47 0.33 -27.10
CA ALA O 175 -38.00 -0.69 -26.17
C ALA O 175 -38.37 -0.35 -24.73
N ILE O 176 -38.34 0.93 -24.35
CA ILE O 176 -38.66 1.34 -22.99
C ILE O 176 -39.88 2.26 -22.96
N LEU P 2 -26.29 49.41 -1.14
CA LEU P 2 -27.41 48.46 -1.11
C LEU P 2 -27.11 47.26 -2.01
N ASP P 3 -26.58 46.19 -1.40
CA ASP P 3 -26.17 45.00 -2.13
C ASP P 3 -26.93 43.73 -1.76
N ALA P 4 -27.71 43.75 -0.67
CA ALA P 4 -28.50 42.61 -0.23
C ALA P 4 -27.63 41.40 0.13
N PHE P 5 -27.10 40.73 -0.89
CA PHE P 5 -26.32 39.51 -0.74
C PHE P 5 -24.86 39.76 -0.39
N SER P 6 -24.53 40.94 0.15
CA SER P 6 -23.16 41.22 0.55
C SER P 6 -22.72 40.28 1.67
N ARG P 7 -23.67 39.76 2.44
CA ARG P 7 -23.35 38.81 3.50
C ARG P 7 -22.77 37.51 2.96
N VAL P 8 -22.98 37.22 1.68
CA VAL P 8 -22.53 35.96 1.11
C VAL P 8 -21.07 36.01 0.70
N VAL P 9 -20.62 37.16 0.19
CA VAL P 9 -19.31 37.25 -0.45
C VAL P 9 -18.24 37.76 0.51
N THR P 10 -18.19 37.21 1.72
CA THR P 10 -17.12 37.53 2.64
C THR P 10 -16.60 36.28 3.34
N ASP P 13 -17.88 32.95 5.26
CA ASP P 13 -18.96 32.04 5.59
C ASP P 13 -19.63 31.51 4.34
N SER P 14 -20.34 30.37 4.48
CA SER P 14 -21.00 29.74 3.34
C SER P 14 -22.51 29.59 3.57
N LYS P 15 -23.09 30.33 4.52
CA LYS P 15 -24.53 30.26 4.71
C LYS P 15 -25.24 30.96 3.56
N ALA P 16 -26.26 30.32 3.02
CA ALA P 16 -27.00 30.90 1.90
C ALA P 16 -27.88 32.06 2.36
N ALA P 17 -28.11 33.00 1.45
CA ALA P 17 -29.07 34.09 1.63
C ALA P 17 -30.33 33.82 0.83
N TYR P 18 -31.49 34.09 1.43
CA TYR P 18 -32.77 33.82 0.79
C TYR P 18 -33.58 35.09 0.72
N VAL P 19 -33.97 35.49 -0.49
CA VAL P 19 -34.71 36.73 -0.72
C VAL P 19 -35.96 36.36 -1.51
N GLY P 20 -37.10 36.28 -0.83
CA GLY P 20 -38.37 36.01 -1.47
C GLY P 20 -39.41 36.95 -0.91
N GLY P 21 -40.65 36.77 -1.37
CA GLY P 21 -41.76 37.51 -0.79
C GLY P 21 -41.55 39.02 -0.80
N ALA P 22 -41.87 39.65 0.34
CA ALA P 22 -41.76 41.10 0.44
C ALA P 22 -40.32 41.59 0.32
N ASP P 23 -39.36 40.81 0.80
CA ASP P 23 -37.96 41.19 0.60
C ASP P 23 -37.61 41.27 -0.88
N LEU P 24 -38.08 40.30 -1.66
CA LEU P 24 -37.83 40.30 -3.09
C LEU P 24 -38.55 41.44 -3.78
N GLN P 25 -39.79 41.71 -3.37
CA GLN P 25 -40.53 42.85 -3.90
C GLN P 25 -39.76 44.14 -3.68
N ALA P 26 -39.22 44.32 -2.47
CA ALA P 26 -38.46 45.54 -2.19
C ALA P 26 -37.17 45.57 -2.98
N LEU P 27 -36.45 44.44 -3.04
CA LEU P 27 -35.23 44.38 -3.83
C LEU P 27 -35.50 44.86 -5.24
N LYS P 28 -36.61 44.39 -5.83
CA LYS P 28 -36.91 44.72 -7.22
C LYS P 28 -37.33 46.18 -7.34
N LYS P 29 -37.86 46.76 -6.26
CA LYS P 29 -38.10 48.20 -6.28
C LYS P 29 -36.79 48.97 -6.20
N PHE P 30 -35.76 48.39 -5.59
CA PHE P 30 -34.51 49.09 -5.34
C PHE P 30 -33.53 49.08 -6.51
N ILE P 31 -33.62 48.09 -7.40
CA ILE P 31 -32.67 47.95 -8.49
C ILE P 31 -33.33 48.26 -9.82
N SER P 32 -32.49 48.55 -10.82
CA SER P 32 -32.99 48.86 -12.15
C SER P 32 -33.57 47.59 -12.78
N GLU P 33 -34.78 47.70 -13.31
CA GLU P 33 -35.45 46.64 -14.08
C GLU P 33 -35.34 45.29 -13.38
N GLY P 34 -35.86 45.23 -12.16
CA GLY P 34 -35.63 44.07 -11.30
C GLY P 34 -36.06 42.76 -11.92
N ASN P 35 -37.28 42.72 -12.44
CA ASN P 35 -37.80 41.47 -13.01
C ASN P 35 -36.96 41.00 -14.20
N LYS P 36 -36.73 41.89 -15.16
CA LYS P 36 -35.94 41.52 -16.33
C LYS P 36 -34.51 41.15 -15.92
N ARG P 37 -33.96 41.86 -14.93
CA ARG P 37 -32.63 41.56 -14.43
C ARG P 37 -32.57 40.13 -13.88
N LEU P 38 -33.62 39.73 -13.16
CA LEU P 38 -33.64 38.39 -12.60
C LEU P 38 -33.83 37.33 -13.69
N ASP P 39 -34.60 37.63 -14.74
CA ASP P 39 -34.64 36.73 -15.89
C ASP P 39 -33.27 36.59 -16.53
N ALA P 40 -32.55 37.70 -16.70
CA ALA P 40 -31.20 37.64 -17.28
C ALA P 40 -30.28 36.76 -16.44
N VAL P 41 -30.24 37.01 -15.14
CA VAL P 41 -29.40 36.19 -14.26
C VAL P 41 -29.79 34.73 -14.36
N ASN P 42 -31.10 34.44 -14.34
CA ASN P 42 -31.57 33.06 -14.41
C ASN P 42 -31.08 32.37 -15.67
N SER P 43 -31.15 33.10 -16.80
CA SER P 43 -30.69 32.59 -18.09
C SER P 43 -29.20 32.28 -18.06
N ILE P 44 -28.41 33.12 -17.38
CA ILE P 44 -26.98 32.88 -17.35
C ILE P 44 -26.66 31.68 -16.46
N VAL P 45 -27.14 31.71 -15.22
CA VAL P 45 -26.70 30.70 -14.26
C VAL P 45 -27.29 29.34 -14.62
N SER P 46 -28.50 29.30 -15.19
CA SER P 46 -29.10 28.02 -15.55
C SER P 46 -28.38 27.36 -16.72
N ASN P 47 -27.57 28.13 -17.47
CA ASN P 47 -26.80 27.61 -18.60
C ASN P 47 -25.30 27.68 -18.36
N ALA P 48 -24.90 27.85 -17.10
CA ALA P 48 -23.51 28.10 -16.75
C ALA P 48 -22.58 27.00 -17.26
N SER P 49 -22.96 25.72 -17.06
CA SER P 49 -22.10 24.63 -17.49
C SER P 49 -21.79 24.72 -18.98
N CYS P 50 -22.83 24.98 -19.78
CA CYS P 50 -22.64 25.04 -21.23
C CYS P 50 -21.84 26.26 -21.63
N ILE P 51 -22.13 27.42 -21.03
CA ILE P 51 -21.37 28.63 -21.34
C ILE P 51 -19.89 28.43 -21.04
N VAL P 52 -19.58 27.83 -19.89
CA VAL P 52 -18.19 27.63 -19.49
C VAL P 52 -17.49 26.67 -20.43
N SER P 53 -18.13 25.53 -20.72
CA SER P 53 -17.46 24.52 -21.52
C SER P 53 -17.33 24.97 -22.98
N ASP P 54 -18.35 25.68 -23.50
CA ASP P 54 -18.27 26.20 -24.85
C ASP P 54 -17.16 27.24 -24.97
N ALA P 55 -16.92 28.02 -23.91
CA ALA P 55 -15.90 29.05 -24.00
C ALA P 55 -14.50 28.46 -23.92
N VAL P 56 -14.27 27.51 -23.02
CA VAL P 56 -12.97 26.84 -22.97
C VAL P 56 -12.72 26.05 -24.25
N SER P 57 -13.73 25.31 -24.72
CA SER P 57 -13.57 24.54 -25.95
C SER P 57 -13.32 25.45 -27.14
N GLY P 58 -13.95 26.62 -27.20
CA GLY P 58 -13.72 27.53 -28.30
C GLY P 58 -12.33 28.13 -28.25
N MET P 59 -11.89 28.52 -27.05
CA MET P 59 -10.51 28.95 -26.87
C MET P 59 -9.54 27.90 -27.36
N ILE P 60 -9.83 26.62 -27.10
CA ILE P 60 -8.91 25.55 -27.46
C ILE P 60 -8.97 25.26 -28.96
N CYS P 61 -10.17 25.27 -29.54
CA CYS P 61 -10.28 24.96 -30.96
C CYS P 61 -9.74 26.08 -31.83
N GLU P 62 -9.65 27.29 -31.30
CA GLU P 62 -8.96 28.34 -32.04
C GLU P 62 -7.45 28.31 -31.83
N ASN P 63 -6.98 27.76 -30.71
CA ASN P 63 -5.55 27.57 -30.47
C ASN P 63 -5.36 26.16 -29.91
N PRO P 64 -5.32 25.15 -30.79
CA PRO P 64 -5.24 23.76 -30.31
C PRO P 64 -4.00 23.47 -29.50
N SER P 65 -2.93 24.25 -29.68
CA SER P 65 -1.70 24.02 -28.96
C SER P 65 -1.87 24.09 -27.46
N LEU P 66 -2.99 24.66 -26.99
CA LEU P 66 -3.26 24.74 -25.56
C LEU P 66 -3.46 23.35 -24.96
N ILE P 67 -3.91 22.37 -25.74
CA ILE P 67 -4.00 21.01 -25.24
C ILE P 67 -2.92 20.10 -25.85
N SER P 68 -1.89 20.70 -26.44
CA SER P 68 -0.71 19.93 -26.79
C SER P 68 0.07 19.65 -25.50
N PRO P 69 0.98 18.68 -25.52
CA PRO P 69 1.75 18.37 -24.29
C PRO P 69 2.46 19.57 -23.71
N SER P 70 2.75 20.58 -24.53
CA SER P 70 3.40 21.80 -24.08
CA SER P 70 3.40 21.80 -24.07
C SER P 70 2.41 22.90 -23.74
N GLY P 71 1.10 22.60 -23.73
CA GLY P 71 0.09 23.60 -23.47
C GLY P 71 -0.37 23.63 -22.03
N ASN P 72 -0.91 24.77 -21.63
CA ASN P 72 -1.30 25.01 -20.24
C ASN P 72 -2.66 24.41 -19.91
N CYS P 73 -3.32 23.77 -20.88
CA CYS P 73 -4.53 22.99 -20.59
C CYS P 73 -4.27 21.50 -20.68
N TYR P 74 -3.02 21.09 -20.86
CA TYR P 74 -2.70 19.67 -20.99
C TYR P 74 -2.82 18.98 -19.63
N THR P 75 -3.39 17.77 -19.66
CA THR P 75 -3.77 16.95 -18.49
C THR P 75 -5.08 17.43 -17.85
N ASN P 76 -5.78 16.47 -17.21
CA ASN P 76 -7.05 16.80 -16.57
C ASN P 76 -6.88 17.83 -15.48
N ARG P 77 -5.75 17.82 -14.77
CA ARG P 77 -5.57 18.78 -13.67
C ARG P 77 -5.67 20.21 -14.18
N ARG P 78 -4.92 20.51 -15.25
CA ARG P 78 -4.90 21.87 -15.76
C ARG P 78 -6.20 22.21 -16.49
N MET P 79 -6.74 21.26 -17.27
CA MET P 79 -8.04 21.51 -17.89
C MET P 79 -9.12 21.80 -16.85
N ALA P 80 -9.15 21.03 -15.76
CA ALA P 80 -10.13 21.24 -14.70
C ALA P 80 -9.93 22.58 -14.03
N ALA P 81 -8.67 23.00 -13.84
CA ALA P 81 -8.41 24.30 -13.24
C ALA P 81 -8.89 25.41 -14.16
N CYS P 82 -8.71 25.26 -15.47
CA CYS P 82 -9.15 26.30 -16.39
C CYS P 82 -10.67 26.41 -16.44
N LEU P 83 -11.35 25.27 -16.57
CA LEU P 83 -12.81 25.26 -16.51
C LEU P 83 -13.31 25.88 -15.20
N ARG P 84 -12.65 25.56 -14.09
CA ARG P 84 -13.03 26.14 -12.80
C ARG P 84 -12.89 27.65 -12.83
N ASP P 85 -11.76 28.16 -13.31
CA ASP P 85 -11.57 29.61 -13.39
C ASP P 85 -12.63 30.26 -14.25
N ALA P 86 -12.96 29.63 -15.38
CA ALA P 86 -14.00 30.17 -16.25
C ALA P 86 -15.34 30.25 -15.53
N GLU P 87 -15.67 29.22 -14.74
CA GLU P 87 -16.91 29.25 -13.97
C GLU P 87 -16.87 30.33 -12.90
N ILE P 88 -15.75 30.44 -12.19
CA ILE P 88 -15.59 31.47 -11.15
C ILE P 88 -15.87 32.85 -11.73
N ILE P 89 -15.20 33.17 -12.85
CA ILE P 89 -15.40 34.46 -13.50
C ILE P 89 -16.86 34.64 -13.89
N LEU P 90 -17.44 33.64 -14.57
CA LEU P 90 -18.85 33.72 -14.97
C LEU P 90 -19.76 34.02 -13.79
N ARG P 91 -19.51 33.36 -12.65
CA ARG P 91 -20.41 33.50 -11.51
C ARG P 91 -20.25 34.87 -10.86
N TYR P 92 -19.01 35.38 -10.79
CA TYR P 92 -18.82 36.72 -10.28
C TYR P 92 -19.45 37.77 -11.19
N VAL P 93 -19.37 37.56 -12.52
CA VAL P 93 -20.08 38.44 -13.45
C VAL P 93 -21.57 38.37 -13.19
N SER P 94 -22.11 37.16 -13.01
CA SER P 94 -23.54 37.04 -12.77
C SER P 94 -23.91 37.74 -11.47
N TYR P 95 -23.01 37.76 -10.50
CA TYR P 95 -23.28 38.46 -9.24
C TYR P 95 -23.27 39.97 -9.44
N ALA P 96 -22.36 40.45 -10.31
CA ALA P 96 -22.35 41.87 -10.66
C ALA P 96 -23.66 42.27 -11.31
N LEU P 97 -24.19 41.40 -12.19
CA LEU P 97 -25.47 41.67 -12.84
C LEU P 97 -26.61 41.66 -11.83
N LEU P 98 -26.61 40.69 -10.92
CA LEU P 98 -27.61 40.64 -9.85
C LEU P 98 -27.60 41.92 -9.03
N SER P 99 -26.43 42.41 -8.67
CA SER P 99 -26.32 43.54 -7.76
C SER P 99 -26.35 44.89 -8.45
N GLY P 100 -26.13 44.93 -9.76
CA GLY P 100 -26.20 46.17 -10.48
C GLY P 100 -24.96 47.02 -10.38
N ASP P 101 -23.83 46.43 -9.99
CA ASP P 101 -22.55 47.12 -9.97
C ASP P 101 -21.43 46.09 -10.00
N SER P 102 -20.21 46.58 -10.20
CA SER P 102 -19.05 45.73 -10.41
C SER P 102 -18.12 45.75 -9.21
N SER P 103 -18.58 46.28 -8.07
CA SER P 103 -17.69 46.42 -6.92
C SER P 103 -17.19 45.05 -6.47
N VAL P 104 -18.12 44.11 -6.22
CA VAL P 104 -17.71 42.80 -5.74
C VAL P 104 -16.89 42.08 -6.80
N LEU P 105 -17.32 42.16 -8.07
CA LEU P 105 -16.57 41.58 -9.17
C LEU P 105 -15.13 42.09 -9.20
N GLU P 106 -14.95 43.41 -9.21
CA GLU P 106 -13.61 43.98 -9.28
C GLU P 106 -12.80 43.68 -8.02
N ASP P 107 -13.43 43.61 -6.86
CA ASP P 107 -12.73 43.50 -5.57
C ASP P 107 -12.40 42.07 -5.19
N ARG P 108 -13.30 41.12 -5.43
CA ARG P 108 -13.17 39.73 -4.99
C ARG P 108 -12.62 38.79 -6.05
N CYS P 109 -12.68 39.17 -7.32
CA CYS P 109 -12.26 38.29 -8.40
C CYS P 109 -11.06 38.81 -9.18
N LEU P 110 -11.06 40.10 -9.54
CA LEU P 110 -10.08 40.65 -10.46
C LEU P 110 -8.86 41.25 -9.76
N ASN P 111 -9.02 41.81 -8.56
CA ASN P 111 -7.91 42.44 -7.87
C ASN P 111 -6.83 41.41 -7.53
N GLY P 112 -5.65 41.58 -8.11
CA GLY P 112 -4.56 40.64 -7.96
C GLY P 112 -4.60 39.44 -8.89
N LEU P 113 -5.58 39.36 -9.78
CA LEU P 113 -5.75 38.16 -10.60
C LEU P 113 -4.74 38.10 -11.74
N LYS P 114 -4.50 39.21 -12.43
CA LYS P 114 -3.53 39.24 -13.52
C LYS P 114 -2.13 38.88 -13.04
N GLU P 115 -1.71 39.39 -11.89
CA GLU P 115 -0.41 39.03 -11.34
C GLU P 115 -0.31 37.54 -11.06
N THR P 116 -1.40 36.95 -10.55
CA THR P 116 -1.41 35.52 -10.28
C THR P 116 -1.31 34.72 -11.57
N TYR P 117 -2.05 35.12 -12.60
CA TYR P 117 -1.96 34.40 -13.87
C TYR P 117 -0.59 34.56 -14.51
N SER P 118 0.01 35.74 -14.38
CA SER P 118 1.36 35.95 -14.89
C SER P 118 2.35 35.03 -14.19
N SER P 119 2.18 34.83 -12.88
CA SER P 119 3.10 33.97 -12.13
C SER P 119 2.88 32.50 -12.45
N LEU P 120 1.61 32.08 -12.61
CA LEU P 120 1.31 30.70 -12.94
C LEU P 120 1.64 30.36 -14.39
N GLY P 121 1.84 31.36 -15.25
CA GLY P 121 2.03 31.10 -16.67
C GLY P 121 0.77 30.80 -17.44
N VAL P 122 -0.39 31.16 -16.92
CA VAL P 122 -1.64 31.02 -17.67
C VAL P 122 -1.64 32.01 -18.82
N PRO P 123 -1.87 31.56 -20.07
CA PRO P 123 -1.67 32.45 -21.22
C PRO P 123 -2.76 33.51 -21.30
N ALA P 124 -2.32 34.75 -21.57
CA ALA P 124 -3.24 35.88 -21.62
C ALA P 124 -4.22 35.78 -22.78
N ASN P 125 -3.78 35.32 -23.96
CA ASN P 125 -4.67 35.31 -25.12
C ASN P 125 -5.77 34.26 -24.95
N GLY P 126 -5.44 33.11 -24.37
CA GLY P 126 -6.47 32.12 -24.10
C GLY P 126 -7.51 32.62 -23.12
N ASN P 127 -7.06 33.25 -22.04
CA ASN P 127 -8.00 33.76 -21.06
C ASN P 127 -8.90 34.81 -21.69
N ALA P 128 -8.31 35.73 -22.47
CA ALA P 128 -9.09 36.76 -23.14
C ALA P 128 -10.15 36.14 -24.04
N ARG P 129 -9.79 35.09 -24.79
CA ARG P 129 -10.74 34.48 -25.72
C ARG P 129 -11.85 33.76 -24.98
N ALA P 130 -11.51 33.04 -23.90
CA ALA P 130 -12.54 32.38 -23.11
C ALA P 130 -13.53 33.40 -22.55
N VAL P 131 -13.02 34.52 -22.03
CA VAL P 131 -13.91 35.54 -21.50
C VAL P 131 -14.76 36.12 -22.62
N SER P 132 -14.17 36.39 -23.78
CA SER P 132 -14.92 36.98 -24.89
C SER P 132 -16.04 36.06 -25.36
N ILE P 133 -15.78 34.75 -25.33
CA ILE P 133 -16.83 33.81 -25.70
C ILE P 133 -17.93 33.78 -24.64
N MET P 134 -17.54 33.77 -23.36
CA MET P 134 -18.56 33.82 -22.30
C MET P 134 -19.40 35.09 -22.44
N LYS P 135 -18.76 36.20 -22.81
CA LYS P 135 -19.47 37.43 -23.09
C LYS P 135 -20.52 37.20 -24.17
N ALA P 136 -20.09 36.63 -25.30
CA ALA P 136 -21.04 36.40 -26.39
C ALA P 136 -22.20 35.51 -25.94
N CYS P 137 -21.89 34.46 -25.18
CA CYS P 137 -22.95 33.60 -24.64
C CYS P 137 -23.97 34.41 -23.85
N SER P 138 -23.48 35.23 -22.94
CA SER P 138 -24.39 35.92 -22.04
C SER P 138 -25.20 36.96 -22.80
N VAL P 139 -24.55 37.67 -23.73
CA VAL P 139 -25.26 38.62 -24.58
C VAL P 139 -26.37 37.92 -25.37
N ALA P 140 -26.08 36.75 -25.95
CA ALA P 140 -27.09 36.06 -26.73
C ALA P 140 -28.27 35.62 -25.86
N PHE P 141 -27.99 35.23 -24.61
CA PHE P 141 -29.08 34.83 -23.73
C PHE P 141 -29.90 36.00 -23.21
N VAL P 142 -29.26 37.13 -22.93
CA VAL P 142 -30.02 38.26 -22.39
C VAL P 142 -30.82 38.94 -23.51
N ASN P 143 -30.16 39.28 -24.61
CA ASN P 143 -30.88 39.82 -25.76
C ASN P 143 -31.28 38.69 -26.70
N ASN P 144 -32.15 37.81 -26.20
CA ASN P 144 -32.55 36.64 -26.96
C ASN P 144 -33.63 37.05 -27.95
N THR P 145 -33.27 37.04 -29.24
CA THR P 145 -34.16 37.45 -30.32
C THR P 145 -34.89 36.26 -30.95
N ALA P 146 -35.21 35.23 -30.17
CA ALA P 146 -35.90 34.06 -30.70
C ALA P 146 -37.42 34.25 -30.62
N SER P 147 -38.14 33.36 -31.30
CA SER P 147 -39.60 33.45 -31.31
C SER P 147 -40.16 33.20 -29.91
N GLN P 148 -41.43 33.55 -29.73
CA GLN P 148 -42.06 33.43 -28.42
C GLN P 148 -42.25 31.97 -28.02
N LYS P 149 -42.52 31.08 -28.99
CA LYS P 149 -42.66 29.67 -28.69
C LYS P 149 -41.39 29.09 -28.08
N LYS P 150 -40.22 29.63 -28.45
CA LYS P 150 -38.94 29.20 -27.91
C LYS P 150 -38.46 30.06 -26.75
N LEU P 151 -39.23 31.06 -26.34
CA LEU P 151 -38.82 31.99 -25.30
C LEU P 151 -39.41 31.58 -23.96
N SER P 152 -38.58 31.60 -22.92
CA SER P 152 -38.99 31.29 -21.56
C SER P 152 -39.63 32.47 -20.85
N THR P 153 -39.47 33.68 -21.38
CA THR P 153 -39.89 34.92 -20.76
C THR P 153 -40.85 35.66 -21.70
N PRO P 154 -41.62 36.63 -21.17
CA PRO P 154 -42.36 37.52 -22.06
C PRO P 154 -41.41 38.29 -22.97
N GLN P 155 -41.71 38.30 -24.26
CA GLN P 155 -40.86 38.99 -25.23
C GLN P 155 -40.79 40.49 -24.97
N GLY P 156 -39.57 41.01 -24.92
CA GLY P 156 -39.36 42.44 -24.83
C GLY P 156 -37.90 42.79 -25.01
N ASP P 157 -37.55 44.01 -24.62
CA ASP P 157 -36.24 44.58 -24.92
C ASP P 157 -35.38 44.51 -23.66
N CYS P 158 -34.35 43.65 -23.71
CA CYS P 158 -33.36 43.52 -22.64
C CYS P 158 -31.99 44.01 -23.07
N SER P 159 -31.92 44.84 -24.11
CA SER P 159 -30.64 45.28 -24.62
C SER P 159 -29.84 46.09 -23.59
N GLY P 160 -30.53 46.86 -22.74
CA GLY P 160 -29.80 47.58 -21.69
C GLY P 160 -29.04 46.66 -20.75
N LEU P 161 -29.71 45.60 -20.27
CA LEU P 161 -29.05 44.61 -19.43
C LEU P 161 -27.98 43.85 -20.21
N ALA P 162 -28.18 43.64 -21.50
CA ALA P 162 -27.14 42.98 -22.28
C ALA P 162 -25.89 43.84 -22.34
N SER P 163 -26.06 45.15 -22.59
CA SER P 163 -24.92 46.06 -22.57
C SER P 163 -24.25 46.06 -21.21
N GLU P 164 -25.04 46.01 -20.14
CA GLU P 164 -24.46 46.07 -18.79
C GLU P 164 -23.59 44.84 -18.52
N VAL P 165 -24.10 43.65 -18.85
CA VAL P 165 -23.31 42.45 -18.59
C VAL P 165 -22.11 42.43 -19.53
N ALA P 166 -22.26 42.97 -20.76
CA ALA P 166 -21.12 43.08 -21.66
C ALA P 166 -20.04 43.94 -21.04
N GLY P 167 -20.44 45.07 -20.42
CA GLY P 167 -19.47 45.91 -19.74
C GLY P 167 -18.78 45.20 -18.60
N TYR P 168 -19.49 44.29 -17.92
CA TYR P 168 -18.83 43.54 -16.84
C TYR P 168 -17.80 42.58 -17.41
N PHE P 169 -18.14 41.90 -18.51
CA PHE P 169 -17.16 41.03 -19.17
C PHE P 169 -15.98 41.85 -19.66
N ASP P 170 -16.25 43.04 -20.19
CA ASP P 170 -15.18 43.94 -20.63
C ASP P 170 -14.29 44.32 -19.45
N LYS P 171 -14.88 44.44 -18.27
CA LYS P 171 -14.08 44.69 -17.07
C LYS P 171 -13.17 43.51 -16.78
N VAL P 172 -13.69 42.30 -16.97
CA VAL P 172 -12.84 41.11 -16.84
C VAL P 172 -11.69 41.16 -17.84
N THR P 173 -12.01 41.46 -19.10
CA THR P 173 -11.01 41.54 -20.16
C THR P 173 -9.93 42.56 -19.81
N SER P 174 -10.36 43.76 -19.38
CA SER P 174 -9.43 44.83 -19.06
C SER P 174 -8.52 44.44 -17.90
N ALA P 175 -9.04 43.68 -16.93
CA ALA P 175 -8.23 43.38 -15.75
C ALA P 175 -7.10 42.40 -16.05
N ILE P 176 -7.30 41.50 -17.00
CA ILE P 176 -6.30 40.46 -17.27
C ILE P 176 -5.92 40.48 -18.75
NA DBV Q . 8.86 -5.35 13.07
C1A DBV Q . 8.95 -5.14 11.73
C2A DBV Q . 10.02 -4.24 11.38
C3A DBV Q . 10.62 -3.90 12.63
C4A DBV Q . 9.88 -4.63 13.65
CMA DBV Q . 10.31 -3.84 9.98
CBA DBV Q . 12.93 -3.50 13.32
OA DBV Q . 8.17 -5.63 10.92
CHA DBV Q . 10.05 -4.65 14.98
CAA DBV Q . 11.79 -2.99 12.83
NB DBV Q . 9.12 -4.95 17.32
C1B DBV Q . 9.25 -5.47 15.98
C2B DBV Q . 8.59 -6.79 15.96
C3B DBV Q . 8.02 -7.03 17.21
C4B DBV Q . 8.43 -5.79 18.06
CHB DBV Q . 8.08 -5.52 19.52
CMB DBV Q . 8.48 -7.70 14.81
CAB DBV Q . 7.25 -8.20 17.65
CBB DBV Q . 5.78 -8.15 17.18
CGB DBV Q . 4.92 -6.83 17.47
O1B DBV Q . 4.48 -6.61 18.59
O2B DBV Q . 4.77 -6.06 16.46
CHC DBV Q . 10.89 -1.79 21.13
NC DBV Q . 9.53 -3.66 20.04
C1C DBV Q . 8.68 -4.63 20.37
C2C DBV Q . 8.46 -4.63 21.82
C3C DBV Q . 9.25 -3.59 22.27
C4C DBV Q . 9.92 -2.97 21.13
CMC DBV Q . 9.44 -3.12 23.65
CAC DBV Q . 7.59 -5.58 22.57
CBC DBV Q . 8.13 -7.01 22.80
CGC DBV Q . 9.22 -7.16 23.95
O1C DBV Q . 9.12 -6.36 24.91
O2C DBV Q . 10.07 -8.06 23.84
ND DBV Q . 9.26 0.12 21.28
C1D DBV Q . 10.48 -0.39 20.68
C2D DBV Q . 11.40 0.74 20.61
C3D DBV Q . 10.83 1.85 21.16
C4D DBV Q . 9.50 1.43 21.53
CMD DBV Q . 12.76 0.64 20.07
CAD DBV Q . 11.41 3.23 21.30
CBD DBV Q . 10.82 4.13 22.08
OD DBV Q . 8.66 2.17 22.06
CHC PEB R . 34.84 -23.34 26.03
NC PEB R . 35.23 -20.92 25.28
C1C PEB R . 36.12 -19.96 25.50
C2C PEB R . 37.16 -20.39 26.37
C3C PEB R . 36.86 -21.69 26.70
C4C PEB R . 35.63 -22.07 26.03
CMC PEB R . 37.58 -22.62 27.58
CAC PEB R . 38.32 -19.60 26.85
CBC PEB R . 38.21 -19.12 28.31
CGC PEB R . 39.41 -18.47 28.82
O1C PEB R . 40.07 -17.80 27.98
O2C PEB R . 39.69 -18.65 30.02
ND PEB R . 36.65 -24.74 25.14
C1D PEB R . 35.25 -24.37 25.03
C2D PEB R . 34.55 -25.62 25.37
C3D PEB R . 35.41 -26.61 25.67
C4D PEB R . 36.72 -26.04 25.53
CMD PEB R . 33.07 -25.63 25.36
CAD PEB R . 35.18 -28.04 26.09
CBD PEB R . 35.49 -29.01 25.25
OD PEB R . 37.78 -26.66 25.72
NA PEB R . 31.67 -17.16 20.56
C1A PEB R . 30.74 -17.03 19.56
C2A PEB R . 29.37 -17.54 20.00
C3A PEB R . 29.64 -17.99 21.47
C4A PEB R . 31.11 -17.73 21.71
CMA PEB R . 28.19 -16.57 19.80
CBA PEB R . 30.09 -20.50 21.28
OA PEB R . 31.00 -16.57 18.47
CHA PEB R . 31.77 -17.99 22.85
CAA PEB R . 29.17 -19.39 21.80
NB PEB R . 33.83 -18.59 23.95
C1B PEB R . 33.08 -17.68 23.26
C2B PEB R . 33.85 -16.45 23.15
C3B PEB R . 35.05 -16.67 23.79
C4B PEB R . 35.00 -18.02 24.25
CHB PEB R . 36.03 -18.64 24.90
CMB PEB R . 33.38 -15.22 22.52
CAB PEB R . 36.24 -15.78 23.94
CBB PEB R . 36.90 -15.46 22.62
CGB PEB R . 38.15 -16.16 22.51
O1B PEB R . 38.36 -17.06 23.37
O2B PEB R . 38.97 -15.82 21.50
CHC PEB S . 23.35 2.67 19.75
NC PEB S . 25.75 3.51 19.46
C1C PEB S . 26.33 4.64 19.05
C2C PEB S . 25.37 5.62 18.69
C3C PEB S . 24.15 5.06 18.88
C4C PEB S . 24.34 3.71 19.38
CMC PEB S . 22.82 5.64 18.67
CAC PEB S . 25.67 6.99 18.19
CBC PEB S . 25.97 7.15 16.71
CGC PEB S . 24.81 6.84 15.91
O1C PEB S . 23.87 7.67 15.95
O2C PEB S . 24.84 5.80 15.25
ND PEB S . 22.37 3.81 21.73
C1D PEB S . 23.05 2.63 21.22
C2D PEB S . 22.03 1.58 21.41
C3D PEB S . 20.88 2.07 21.96
C4D PEB S . 21.13 3.49 22.15
CMD PEB S . 22.34 0.20 21.01
CAD PEB S . 19.61 1.34 22.27
CBD PEB S . 18.75 1.76 23.17
OD PEB S . 20.32 4.31 22.62
NA PEB S . 32.13 0.12 18.82
C1A PEB S . 33.05 -0.87 18.83
C2A PEB S . 32.76 -1.85 19.94
C3A PEB S . 31.47 -1.25 20.62
C4A PEB S . 31.18 0.02 19.84
CMA PEB S . 32.60 -3.29 19.47
CBA PEB S . 30.32 -1.17 22.90
OA PEB S . 33.97 -0.95 18.03
CHA PEB S . 30.15 0.87 20.03
CAA PEB S . 31.60 -1.08 22.10
NB PEB S . 28.72 2.76 19.56
C1B PEB S . 29.97 2.23 19.64
C2B PEB S . 30.93 3.30 19.28
C3B PEB S . 30.17 4.43 18.98
C4B PEB S . 28.82 4.02 19.17
CHB PEB S . 27.76 4.85 18.99
CMB PEB S . 32.41 3.21 19.23
CAB PEB S . 30.61 5.80 18.56
CBB PEB S . 31.34 6.56 19.69
CGB PEB S . 30.46 7.31 20.55
O1B PEB S . 29.30 7.51 20.11
O2B PEB S . 30.94 7.72 21.72
CHC PEB T . 21.51 -20.03 43.48
NC PEB T . 21.52 -22.55 43.00
C1C PEB T . 20.90 -23.62 43.50
C2C PEB T . 20.03 -23.30 44.58
C3C PEB T . 20.12 -21.93 44.71
C4C PEB T . 21.05 -21.42 43.72
CMC PEB T . 19.45 -21.05 45.65
CAC PEB T . 19.18 -24.25 45.35
CBC PEB T . 17.64 -24.10 45.19
CGC PEB T . 17.17 -24.14 43.82
O1C PEB T . 17.65 -25.05 43.10
O2C PEB T . 16.32 -23.29 43.48
ND PEB T . 19.24 -19.15 42.95
C1D PEB T . 20.60 -19.37 42.51
C2D PEB T . 21.07 -17.99 42.28
C3D PEB T . 20.12 -17.07 42.54
C4D PEB T . 18.97 -17.84 42.95
CMD PEB T . 22.46 -17.79 41.82
CAD PEB T . 20.19 -15.56 42.41
CBD PEB T . 19.18 -14.74 42.76
OD PEB T . 17.88 -17.38 43.28
NA PEB T . 26.42 -26.87 39.78
C1A PEB T . 27.62 -27.11 39.20
C2A PEB T . 28.15 -25.87 38.50
C3A PEB T . 27.00 -24.83 38.76
C4A PEB T . 25.98 -25.56 39.60
CMA PEB T . 29.51 -25.41 39.00
CBA PEB T . 27.27 -23.41 36.67
OA PEB T . 28.19 -28.17 39.25
CHA PEB T . 24.83 -25.02 40.03
CAA PEB T . 26.40 -24.40 37.45
NB PEB T . 22.99 -24.71 41.57
C1B PEB T . 23.76 -25.54 40.80
C2B PEB T . 23.19 -26.90 40.91
C3B PEB T . 22.13 -26.82 41.77
C4B PEB T . 22.03 -25.43 42.16
CHB PEB T . 21.11 -24.95 43.01
CMB PEB T . 23.62 -28.13 40.27
CAB PEB T . 21.25 -27.93 42.21
CBB PEB T . 21.86 -28.73 43.38
CGB PEB T . 21.16 -29.96 43.68
O1B PEB T . 19.96 -29.87 44.04
O2B PEB T . 21.86 -31.07 43.54
NA DBV U . 33.57 -39.62 33.07
C1A DBV U . 34.66 -39.27 33.81
C2A DBV U . 35.89 -39.32 33.07
C3A DBV U . 35.48 -39.73 31.76
C4A DBV U . 34.04 -39.89 31.80
CMA DBV U . 37.22 -39.00 33.64
CBA DBV U . 36.34 -39.03 29.61
OA DBV U . 34.57 -38.96 35.01
CHA DBV U . 33.19 -40.27 30.81
CAA DBV U . 36.39 -39.95 30.59
NB DBV U . 30.96 -41.33 30.05
C1B DBV U . 31.65 -40.36 30.89
C2B DBV U . 30.59 -39.65 31.67
C3B DBV U . 29.35 -40.16 31.31
C4B DBV U . 29.67 -41.26 30.26
CHB DBV U . 28.60 -42.10 29.58
CMB DBV U . 30.81 -38.58 32.64
CAB DBV U . 27.99 -39.82 31.79
CBB DBV U . 27.56 -40.68 32.99
CGB DBV U . 28.02 -42.21 32.90
O1B DBV U . 27.26 -43.02 32.36
O2B DBV U . 29.15 -42.49 33.41
CHC DBV U . 30.44 -44.02 25.47
NC DBV U . 29.75 -42.94 27.64
C1C DBV U . 28.67 -42.77 28.40
C2C DBV U . 27.50 -43.41 27.79
C3C DBV U . 28.02 -43.96 26.63
C4C DBV U . 29.44 -43.65 26.55
CMC DBV U . 27.31 -44.72 25.60
CAC DBV U . 26.12 -43.43 28.35
CBC DBV U . 25.18 -42.22 28.07
CGC DBV U . 25.03 -41.69 26.57
O1C DBV U . 24.61 -42.52 25.72
O2C DBV U . 25.30 -40.50 26.32
ND DBV U . 30.52 -46.45 25.74
C1D DBV U . 31.29 -45.26 25.60
C2D DBV U . 32.52 -45.60 24.86
C3D DBV U . 32.49 -46.92 24.56
C4D DBV U . 31.24 -47.41 25.11
CMD DBV U . 33.59 -44.64 24.50
CAD DBV U . 33.47 -47.79 23.81
CBD DBV U . 33.03 -48.55 22.83
OD DBV U . 30.88 -48.59 25.03
CHC PEB V . 23.75 -14.82 11.43
NC PEB V . 25.80 -16.38 10.98
C1C PEB V . 26.56 -16.67 9.89
C2C PEB V . 26.15 -15.91 8.75
C3C PEB V . 25.08 -15.17 9.16
C4C PEB V . 24.81 -15.42 10.56
CMC PEB V . 24.26 -14.23 8.38
CAC PEB V . 26.71 -15.96 7.37
CBC PEB V . 26.04 -16.98 6.44
CGC PEB V . 26.43 -16.78 5.04
O1C PEB V . 27.64 -16.50 4.83
O2C PEB V . 25.53 -16.83 4.18
ND PEB V . 24.40 -12.51 11.12
C1D PEB V . 24.14 -13.52 12.11
C2D PEB V . 22.85 -13.04 12.68
C3D PEB V . 22.41 -11.91 12.05
C4D PEB V . 23.41 -11.60 11.08
CMD PEB V . 22.20 -13.79 13.76
CAD PEB V . 21.18 -11.07 12.24
CBD PEB V . 21.30 -9.82 12.68
OD PEB V . 23.36 -10.63 10.31
NA PEB V . 30.03 -19.92 15.48
C1A PEB V . 30.38 -20.35 16.75
C2A PEB V . 29.19 -20.94 17.48
C3A PEB V . 28.07 -20.80 16.42
C4A PEB V . 28.67 -20.13 15.22
CMA PEB V . 29.39 -22.34 18.01
CBA PEB V . 26.77 -18.77 17.26
OA PEB V . 31.48 -20.26 17.23
CHA PEB V . 27.98 -19.86 14.11
CAA PEB V . 26.77 -20.26 16.95
NB PEB V . 27.59 -18.56 12.11
C1B PEB V . 28.34 -19.49 12.80
C2B PEB V . 29.42 -19.93 11.92
C3B PEB V . 29.28 -19.26 10.73
C4B PEB V . 28.13 -18.43 10.89
CHB PEB V . 27.68 -17.59 9.91
CMB PEB V . 30.46 -20.92 12.24
CAB PEB V . 30.12 -19.33 9.51
CBB PEB V . 31.35 -18.44 9.50
CGB PEB V . 31.05 -17.19 8.84
O1B PEB V . 30.31 -17.28 7.83
O2B PEB V . 31.57 -16.06 9.33
CHC PEB W . 39.13 -38.90 15.74
NC PEB W . 40.83 -38.04 14.00
C1C PEB W . 42.04 -38.41 13.57
C2C PEB W . 42.53 -39.56 14.29
C3C PEB W . 41.53 -39.89 15.17
C4C PEB W . 40.42 -38.97 15.01
CMC PEB W . 41.46 -40.98 16.16
CAC PEB W . 43.86 -40.21 14.07
CBC PEB W . 45.05 -39.53 14.78
CGC PEB W . 44.79 -39.27 16.19
O1C PEB W . 44.80 -40.29 16.92
O2C PEB W . 44.61 -38.09 16.56
ND PEB W . 38.33 -41.09 14.97
C1D PEB W . 38.06 -39.69 15.08
C2D PEB W . 36.89 -39.66 15.96
C3D PEB W . 36.47 -40.90 16.32
C4D PEB W . 37.41 -41.79 15.67
CMD PEB W . 36.29 -38.38 16.33
CAD PEB W . 35.33 -41.31 17.20
CBD PEB W . 34.73 -42.49 17.10
OD PEB W . 37.39 -43.04 15.74
NA PEB W . 41.43 -31.77 10.46
C1A PEB W . 41.16 -30.48 10.14
C2A PEB W . 39.65 -30.26 10.08
C3A PEB W . 39.08 -31.67 10.42
C4A PEB W . 40.29 -32.56 10.63
CMA PEB W . 39.12 -29.15 10.98
CBA PEB W . 36.92 -32.80 9.80
OA PEB W . 42.01 -29.64 9.94
CHA PEB W . 40.28 -33.90 10.96
CAA PEB W . 38.19 -32.12 9.29
NB PEB W . 41.33 -35.90 11.94
C1B PEB W . 41.38 -34.85 11.05
C2B PEB W . 42.66 -34.98 10.32
C3B PEB W . 43.32 -36.08 10.82
C4B PEB W . 42.46 -36.61 11.84
CHB PEB W . 42.77 -37.71 12.55
CMB PEB W . 43.17 -34.10 9.25
CAB PEB W . 44.65 -36.65 10.45
CBB PEB W . 44.83 -37.17 8.99
CGB PEB W . 44.17 -38.43 8.73
O1B PEB W . 43.85 -39.10 9.74
O2B PEB W . 44.00 -38.78 7.46
CHC PEB X . 7.96 -30.48 8.81
NC PEB X . 6.74 -28.41 9.78
C1C PEB X . 5.50 -28.10 10.19
C2C PEB X . 4.61 -29.23 10.06
C3C PEB X . 5.39 -30.25 9.55
C4C PEB X . 6.73 -29.77 9.35
CMC PEB X . 5.02 -31.63 9.23
CAC PEB X . 3.16 -29.29 10.43
CBC PEB X . 2.78 -30.12 11.68
CGC PEB X . 3.50 -29.75 12.87
O1C PEB X . 3.36 -28.56 13.26
O2C PEB X . 4.21 -30.61 13.40
ND PEB X . 8.20 -32.26 10.47
C1D PEB X . 8.85 -31.12 9.85
C2D PEB X . 9.95 -31.75 9.09
C3D PEB X . 9.95 -33.10 9.21
C4D PEB X . 8.83 -33.40 10.09
CMD PEB X . 10.85 -30.91 8.31
CAD PEB X . 10.88 -34.09 8.58
CBD PEB X . 10.95 -35.37 8.95
OD PEB X . 8.47 -34.54 10.48
NA PEB X . 8.24 -21.07 9.45
C1A PEB X . 9.01 -20.02 8.99
C2A PEB X . 10.45 -20.46 8.77
C3A PEB X . 10.41 -21.95 9.21
C4A PEB X . 8.98 -22.24 9.61
CMA PEB X . 10.92 -20.32 7.33
CBA PEB X . 12.82 -22.36 9.79
OA PEB X . 8.59 -18.89 8.77
CHA PEB X . 8.57 -23.46 10.03
CAA PEB X . 11.39 -22.24 10.31
NB PEB X . 7.03 -25.33 10.22
C1B PEB X . 7.32 -24.00 10.42
C2B PEB X . 6.18 -23.39 11.10
C3B PEB X . 5.24 -24.37 11.26
C4B PEB X . 5.79 -25.56 10.71
CHB PEB X . 5.14 -26.77 10.68
CMB PEB X . 6.03 -22.00 11.53
CAB PEB X . 3.92 -24.23 11.88
CBB PEB X . 2.91 -23.71 10.86
CGB PEB X . 1.67 -23.38 11.46
O1B PEB X . 0.74 -23.09 10.65
O2B PEB X . 1.60 -23.43 12.78
NA DBV Y . -36.33 26.89 16.10
C1A DBV Y . -36.34 27.03 14.76
C2A DBV Y . -35.32 27.92 14.26
C3A DBV Y . -34.64 28.34 15.44
C4A DBV Y . -35.29 27.68 16.56
CMA DBV Y . -35.12 28.26 12.83
CBA DBV Y . -32.29 28.79 15.82
OA DBV Y . -37.16 26.45 14.06
CHA DBV Y . -35.01 27.73 17.88
CAA DBV Y . -33.48 29.30 15.48
NB DBV Y . -35.93 27.56 20.25
C1B DBV Y . -35.77 26.96 18.96
C2B DBV Y . -36.35 25.59 19.05
C3B DBV Y . -36.88 25.41 20.33
C4B DBV Y . -36.59 26.75 21.04
CHB DBV Y . -36.98 27.06 22.48
CMB DBV Y . -36.39 24.59 17.98
CAB DBV Y . -37.60 24.26 20.91
CBB DBV Y . -39.06 24.29 20.43
CGB DBV Y . -39.77 25.70 20.66
O1B DBV Y . -40.07 26.04 21.80
O2B DBV Y . -39.96 26.41 19.61
CHC DBV Y . -34.22 30.80 24.03
NC DBV Y . -35.53 28.92 22.96
C1C DBV Y . -36.40 27.96 23.30
C2C DBV Y . -36.69 28.01 24.72
C3C DBV Y . -35.92 29.07 25.17
C4C DBV Y . -35.20 29.65 24.03
CMC DBV Y . -35.79 29.60 26.53
CAC DBV Y . -37.61 27.10 25.43
CBC DBV Y . -37.09 25.68 25.76
CGC DBV Y . -36.08 25.51 26.95
O1C DBV Y . -36.24 26.24 27.96
O2C DBV Y . -35.21 24.62 26.83
ND DBV Y . -35.88 32.65 24.21
C1D DBV Y . -34.66 32.19 23.59
C2D DBV Y . -33.75 33.35 23.56
C3D DBV Y . -34.32 34.42 24.15
C4D DBV Y . -35.65 33.97 24.52
CMD DBV Y . -32.38 33.29 23.02
CAD DBV Y . -33.78 35.81 24.35
CBD DBV Y . -34.28 36.60 25.30
OD DBV Y . -36.49 34.70 25.07
NA DBV Z . -12.36 -8.05 35.38
C1A DBV Z . -11.30 -7.70 36.17
C2A DBV Z . -10.05 -7.72 35.49
C3A DBV Z . -10.39 -8.12 34.16
C4A DBV Z . -11.83 -8.33 34.14
CMA DBV Z . -8.75 -7.37 36.14
CBA DBV Z . -9.58 -7.48 31.97
OA DBV Z . -11.45 -7.42 37.35
CHA DBV Z . -12.66 -8.68 33.11
CAA DBV Z . -9.41 -8.29 33.03
NB DBV Z . -14.88 -9.79 32.42
C1B DBV Z . -14.18 -8.79 33.21
C2B DBV Z . -15.24 -8.03 33.95
C3B DBV Z . -16.48 -8.58 33.64
C4B DBV Z . -16.17 -9.71 32.65
CHB DBV Z . -17.26 -10.53 32.01
CMB DBV Z . -15.02 -6.91 34.89
CAB DBV Z . -17.84 -8.24 34.07
CBB DBV Z . -18.07 -8.84 35.45
CGB DBV Z . -17.65 -10.35 35.58
O1B DBV Z . -18.39 -11.24 35.17
O2B DBV Z . -16.51 -10.51 36.15
CHC DBV Z . -15.37 -12.43 27.89
NC DBV Z . -16.04 -11.37 30.10
C1C DBV Z . -17.15 -11.18 30.82
C2C DBV Z . -18.32 -11.75 30.14
C3C DBV Z . -17.79 -12.26 28.95
C4C DBV Z . -16.36 -12.04 28.95
CMC DBV Z . -18.47 -12.97 27.86
CAC DBV Z . -19.73 -11.68 30.61
CBC DBV Z . -20.30 -10.27 30.40
CGC DBV Z . -20.65 -9.94 28.88
O1C DBV Z . -21.09 -10.92 28.22
O2C DBV Z . -20.46 -8.80 28.44
ND DBV Z . -15.25 -14.87 28.33
C1D DBV Z . -14.51 -13.67 28.03
C2D DBV Z . -13.37 -14.03 27.20
C3D DBV Z . -13.40 -15.35 26.94
C4D DBV Z . -14.58 -15.85 27.67
CMD DBV Z . -12.38 -13.04 26.70
CAD DBV Z . -12.41 -16.15 26.09
CBD DBV Z . -12.56 -17.44 25.88
OD DBV Z . -14.95 -17.04 27.69
CHC PEB AA . -9.87 8.29 28.56
NC PEB AA . -9.56 10.80 27.76
C1C PEB AA . -8.63 11.76 27.89
C2C PEB AA . -7.51 11.28 28.59
C3C PEB AA . -7.79 9.98 28.94
C4C PEB AA . -9.09 9.60 28.42
CMC PEB AA . -6.97 9.01 29.69
CAC PEB AA . -6.31 12.06 28.93
CBC PEB AA . -6.46 12.68 30.32
CGC PEB AA . -5.32 13.39 30.80
O1C PEB AA . -4.71 14.11 29.98
O2C PEB AA . -5.01 13.20 31.99
ND PEB AA . -8.19 6.71 27.62
C1D PEB AA . -9.54 7.22 27.54
C2D PEB AA . -10.35 6.00 27.87
C3D PEB AA . -9.54 4.91 28.10
C4D PEB AA . -8.20 5.40 27.93
CMD PEB AA . -11.83 6.07 27.90
CAD PEB AA . -9.84 3.49 28.47
CBD PEB AA . -9.61 2.53 27.54
OD PEB AA . -7.17 4.71 28.06
NA PEB AA . -13.14 14.99 23.06
C1A PEB AA . -14.12 15.17 22.10
C2A PEB AA . -15.45 14.62 22.58
C3A PEB AA . -15.09 14.08 24.01
C4A PEB AA . -13.62 14.33 24.20
CMA PEB AA . -16.67 15.56 22.45
CBA PEB AA . -14.69 11.58 23.64
OA PEB AA . -13.94 15.71 21.02
CHA PEB AA . -12.96 14.01 25.32
CAA PEB AA . -15.54 12.68 24.30
NB PEB AA . -10.92 13.32 26.40
C1B PEB AA . -11.64 14.26 25.74
C2B PEB AA . -10.84 15.47 25.67
C3B PEB AA . -9.63 15.19 26.27
C4B PEB AA . -9.71 13.81 26.68
CHB PEB AA . -8.72 13.14 27.34
CMB PEB AA . -11.26 16.75 25.08
CAB PEB AA . -8.45 16.07 26.45
CBB PEB AA . -7.62 16.28 25.23
CGB PEB AA . -6.61 15.26 25.12
O1B PEB AA . -6.10 14.86 26.21
O2B PEB AA . -6.28 14.84 23.91
CHC PEB BA . -21.18 34.68 22.42
NC PEB BA . -18.75 35.50 22.14
C1C PEB BA . -18.15 36.64 21.81
C2C PEB BA . -19.09 37.68 21.54
C3C PEB BA . -20.33 37.12 21.72
C4C PEB BA . -20.17 35.74 22.12
CMC PEB BA . -21.66 37.73 21.57
CAC PEB BA . -18.74 39.07 21.13
CBC PEB BA . -18.55 39.29 19.62
CGC PEB BA . -19.78 38.98 18.90
O1C PEB BA . -20.67 39.87 18.93
O2C PEB BA . -19.85 37.88 18.31
ND PEB BA . -22.10 35.89 24.35
C1D PEB BA . -21.53 34.66 23.86
C2D PEB BA . -22.59 33.68 24.09
C3D PEB BA . -23.69 34.25 24.66
C4D PEB BA . -23.34 35.66 24.82
CMD PEB BA . -22.35 32.29 23.70
CAD PEB BA . -25.00 33.63 25.07
CBD PEB BA . -25.79 34.16 26.00
OD PEB BA . -24.06 36.55 25.29
NA PEB BA . -12.32 32.20 21.40
C1A PEB BA . -11.42 31.18 21.28
C2A PEB BA . -11.62 30.17 22.39
C3A PEB BA . -12.81 30.77 23.20
C4A PEB BA . -13.15 32.07 22.51
CMA PEB BA . -11.84 28.74 21.91
CBA PEB BA . -13.81 30.69 25.55
OA PEB BA . -10.59 31.10 20.37
CHA PEB BA . -14.13 32.93 22.86
CAA PEB BA . -12.55 30.81 24.68
NB PEB BA . -15.68 34.76 22.33
C1B PEB BA . -14.40 34.29 22.44
C2B PEB BA . -13.49 35.41 22.10
C3B PEB BA . -14.30 36.49 21.77
C4B PEB BA . -15.64 36.03 21.94
CHB PEB BA . -16.71 36.82 21.72
CMB PEB BA . -12.01 35.37 22.08
CAB PEB BA . -13.95 37.87 21.34
CBB PEB BA . -13.30 38.77 22.40
CGB PEB BA . -14.24 39.30 23.38
O1B PEB BA . -15.38 39.57 22.94
O2B PEB BA . -13.82 39.44 24.63
CHC PEB CA . -22.86 12.27 46.07
NC PEB CA . -23.05 9.76 45.59
C1C PEB CA . -23.69 8.70 46.10
C2C PEB CA . -24.43 9.05 47.24
C3C PEB CA . -24.28 10.41 47.40
C4C PEB CA . -23.40 10.90 46.37
CMC PEB CA . -24.84 11.29 48.42
CAC PEB CA . -25.25 8.10 48.03
CBC PEB CA . -26.76 8.15 47.80
CGC PEB CA . -27.15 8.08 46.42
O1C PEB CA . -26.83 7.05 45.77
O2C PEB CA . -27.79 9.05 45.97
ND PEB CA . -25.02 13.37 45.63
C1D PEB CA . -23.72 13.05 45.13
C2D PEB CA . -23.10 14.37 44.93
C3D PEB CA . -23.94 15.37 45.28
C4D PEB CA . -25.15 14.71 45.73
CMD PEB CA . -21.73 14.47 44.40
CAD PEB CA . -23.68 16.86 45.23
CBD PEB CA . -24.65 17.77 45.38
OD PEB CA . -26.17 15.28 46.14
NA PEB CA . -18.37 4.93 42.49
C1A PEB CA . -17.18 4.61 41.91
C2A PEB CA . -16.59 5.79 41.18
C3A PEB CA . -17.68 6.88 41.39
C4A PEB CA . -18.74 6.25 42.26
CMA PEB CA . -15.20 6.16 41.71
CBA PEB CA . -17.30 8.37 39.35
OA PEB CA . -16.65 3.52 42.00
CHA PEB CA . -19.85 6.89 42.66
CAA PEB CA . -18.25 7.42 40.11
NB PEB CA . -21.68 7.37 44.17
C1B PEB CA . -20.98 6.47 43.42
C2B PEB CA . -21.62 5.19 43.60
C3B PEB CA . -22.69 5.37 44.43
C4B PEB CA . -22.68 6.75 44.77
CHB PEB CA . -23.58 7.34 45.60
CMB PEB CA . -21.24 3.91 43.01
CAB PEB CA . -23.62 4.32 44.91
CBB PEB CA . -23.05 3.54 46.12
CGB PEB CA . -23.82 2.37 46.53
O1B PEB CA . -25.00 2.55 46.92
O2B PEB CA . -23.19 1.20 46.46
CHC PEB DA . -21.82 17.00 14.45
NC PEB DA . -19.72 15.59 13.92
C1C PEB DA . -18.93 15.38 12.87
C2C PEB DA . -19.37 16.11 11.71
C3C PEB DA . -20.48 16.80 12.13
C4C PEB DA . -20.74 16.51 13.53
CMC PEB DA . -21.36 17.72 11.37
CAC PEB DA . -18.75 16.11 10.34
CBC PEB DA . -19.45 15.13 9.35
CGC PEB DA . -18.97 15.19 7.97
O1C PEB DA . -17.72 15.23 7.81
O2C PEB DA . -19.82 15.20 7.08
ND PEB DA . -21.04 19.33 14.09
C1D PEB DA . -21.41 18.32 15.08
C2D PEB DA . -22.63 18.91 15.69
C3D PEB DA . -22.94 20.11 15.10
C4D PEB DA . -21.92 20.34 14.11
CMD PEB DA . -23.33 18.18 16.75
CAD PEB DA . -24.04 21.07 15.33
CBD PEB DA . -23.72 22.32 15.66
OD PEB DA . -21.88 21.33 13.38
NA PEB DA . -15.81 11.70 18.39
C1A PEB DA . -15.48 11.22 19.63
C2A PEB DA . -16.71 10.72 20.36
C3A PEB DA . -17.85 11.01 19.33
C4A PEB DA . -17.18 11.63 18.14
CMA PEB DA . -16.60 9.25 20.78
CBA PEB DA . -18.80 13.28 20.11
OA PEB DA . -14.35 11.18 20.07
CHA PEB DA . -17.81 12.02 17.03
CAA PEB DA . -19.01 11.77 19.90
NB PEB DA . -18.05 13.41 15.04
C1B PEB DA . -17.34 12.47 15.77
C2B PEB DA . -16.19 12.08 14.95
C3B PEB DA . -16.24 12.80 13.79
C4B PEB DA . -17.41 13.60 13.88
CHB PEB DA . -17.79 14.49 12.93
CMB PEB DA . -15.15 11.10 15.32
CAB PEB DA . -15.30 12.81 12.67
CBB PEB DA . -14.16 13.78 13.01
CGB PEB DA . -13.06 13.74 12.12
O1B PEB DA . -13.32 13.37 10.94
O2B PEB DA . -11.89 14.11 12.61
CHC PEB EA . -7.19 -7.39 18.47
NC PEB EA . -5.50 -6.45 16.80
C1C PEB EA . -4.34 -6.82 16.26
C2C PEB EA . -3.94 -8.11 16.75
C3C PEB EA . -4.93 -8.51 17.61
C4C PEB EA . -5.94 -7.49 17.69
CMC PEB EA . -5.02 -9.75 18.40
CAC PEB EA . -2.71 -8.86 16.37
CBC PEB EA . -1.32 -8.31 16.72
CGC PEB EA . -1.21 -7.47 17.88
O1C PEB EA . -1.37 -8.02 18.99
O2C PEB EA . -0.91 -6.28 17.69
ND PEB EA . -8.19 -9.43 17.58
C1D PEB EA . -8.34 -8.02 17.82
C2D PEB EA . -9.47 -7.97 18.75
C3D PEB EA . -9.96 -9.18 19.03
C4D PEB EA . -9.13 -10.11 18.28
CMD PEB EA . -9.92 -6.67 19.22
CAD PEB EA . -11.11 -9.53 19.95
CBD PEB EA . -11.79 -10.68 19.88
OD PEB EA . -9.24 -11.34 18.28
NA PEB EA . -4.63 0.06 13.34
C1A PEB EA . -4.87 1.36 13.01
C2A PEB EA . -6.34 1.61 12.84
C3A PEB EA . -6.97 0.22 13.13
C4A PEB EA . -5.80 -0.70 13.42
CMA PEB EA . -6.90 2.75 13.69
CBA PEB EA . -8.96 -1.15 12.31
OA PEB EA . -3.99 2.20 12.88
CHA PEB EA . -5.87 -2.02 13.74
CAA PEB EA . -7.81 -0.20 11.96
NB PEB EA . -4.95 -4.10 14.73
C1B PEB EA . -4.85 -3.03 13.84
C2B PEB EA . -3.59 -3.21 13.10
C3B PEB EA . -2.99 -4.34 13.58
C4B PEB EA . -3.86 -4.86 14.60
CHB PEB EA . -3.60 -6.01 15.29
CMB PEB EA . -3.04 -2.34 12.05
CAB PEB EA . -1.69 -4.94 13.17
CBB PEB EA . -1.80 -5.89 11.95
CGB PEB EA . -0.51 -6.45 11.54
O1B PEB EA . 0.51 -5.76 11.79
O2B PEB EA . -0.53 -7.65 10.95
CHC PEB FA . -37.71 1.83 11.84
NC PEB FA . -38.82 3.91 12.88
C1C PEB FA . -40.02 4.23 13.37
C2C PEB FA . -40.94 3.13 13.27
C3C PEB FA . -40.23 2.09 12.70
C4C PEB FA . -38.88 2.54 12.44
CMC PEB FA . -40.65 0.72 12.37
CAC PEB FA . -42.34 3.12 13.72
CBC PEB FA . -42.54 2.15 14.90
CGC PEB FA . -41.64 2.45 16.00
O1C PEB FA . -41.49 3.66 16.28
O2C PEB FA . -41.07 1.49 16.55
ND PEB FA . -37.71 -0.05 13.46
C1D PEB FA . -36.97 1.05 12.88
C2D PEB FA . -35.81 0.38 12.27
C3D PEB FA . -35.84 -0.96 12.45
C4D PEB FA . -37.06 -1.20 13.20
CMD PEB FA . -34.79 1.19 11.57
CAD PEB FA . -34.88 -2.02 11.98
CBD PEB FA . -34.97 -3.30 12.34
OD PEB FA . -37.47 -2.30 13.58
NA PEB FA . -37.18 11.24 12.60
C1A PEB FA . -36.39 12.26 12.13
C2A PEB FA . -34.97 11.77 11.92
C3A PEB FA . -35.06 10.28 12.36
C4A PEB FA . -36.49 10.04 12.77
CMA PEB FA . -34.47 11.93 10.48
CBA PEB FA . -32.69 9.55 12.75
OA PEB FA . -36.78 13.40 11.90
CHA PEB FA . -36.94 8.84 13.20
CAA PEB FA . -34.05 9.88 13.38
NB PEB FA . -38.50 7.00 13.44
C1B PEB FA . -38.18 8.32 13.61
C2B PEB FA . -39.33 8.96 14.27
C3B PEB FA . -40.28 7.99 14.47
C4B PEB FA . -39.71 6.77 13.93
CHB PEB FA . -40.37 5.56 13.93
CMB PEB FA . -39.45 10.37 14.66
CAB PEB FA . -41.62 8.16 15.09
CBB PEB FA . -42.66 8.63 14.06
CGB PEB FA . -43.88 9.10 14.65
O1B PEB FA . -44.10 8.69 15.82
O2B PEB FA . -44.65 9.92 13.94
NA DBV GA . 43.31 -12.46 -34.00
C1A DBV GA . 43.77 -11.25 -34.44
C2A DBV GA . 43.26 -10.91 -35.73
C3A DBV GA . 42.41 -11.98 -36.08
C4A DBV GA . 42.46 -12.92 -34.97
CMA DBV GA . 43.63 -9.65 -36.43
CBA DBV GA . 40.29 -11.95 -37.29
OA DBV GA . 44.56 -10.54 -33.82
CHA DBV GA . 41.80 -14.11 -34.86
CAA DBV GA . 41.62 -12.11 -37.36
NB DBV GA . 41.83 -16.53 -33.93
C1B DBV GA . 41.86 -15.09 -33.67
C2B DBV GA . 41.92 -14.91 -32.21
C3B DBV GA . 41.93 -16.15 -31.58
C4B DBV GA . 41.90 -17.17 -32.78
CHB DBV GA . 41.87 -18.70 -32.62
CMB DBV GA . 41.96 -13.60 -31.52
CAB DBV GA . 42.01 -16.50 -30.15
CBB DBV GA . 43.46 -16.49 -29.66
CGB DBV GA . 44.49 -17.27 -30.60
O1B DBV GA . 44.49 -18.50 -30.63
O2B DBV GA . 45.25 -16.51 -31.29
CHC DBV GA . 39.83 -20.51 -36.71
NC DBV GA . 40.90 -19.33 -34.72
C1C DBV GA . 41.29 -19.58 -33.49
C2C DBV GA . 41.01 -20.99 -33.15
C3C DBV GA . 40.45 -21.49 -34.32
C4C DBV GA . 40.39 -20.45 -35.30
CMC DBV GA . 39.95 -22.85 -34.59
CAC DBV GA . 41.28 -21.67 -31.85
CBC DBV GA . 40.28 -21.27 -30.72
CGC DBV GA . 38.92 -22.11 -30.59
O1C DBV GA . 38.85 -23.22 -31.17
O2C DBV GA . 38.00 -21.58 -29.90
ND DBV GA . 41.73 -21.77 -37.74
C1D DBV GA . 40.77 -20.72 -37.89
C2D DBV GA . 40.43 -20.62 -39.31
C3D DBV GA . 41.11 -21.54 -40.01
C4D DBV GA . 41.92 -22.23 -39.00
CMD DBV GA . 39.45 -19.67 -39.88
CAD DBV GA . 41.06 -21.79 -41.49
CBD DBV GA . 41.46 -22.95 -41.97
OD DBV GA . 42.71 -23.16 -39.25
NA DBV HA . 3.87 -11.97 -9.40
C1A DBV HA . 2.70 -12.52 -9.90
C2A DBV HA . 1.89 -11.56 -10.60
C3A DBV HA . 2.61 -10.35 -10.50
C4A DBV HA . 3.83 -10.63 -9.75
CMA DBV HA . 0.59 -11.89 -11.23
CBA DBV HA . 2.81 -8.60 -12.17
OA DBV HA . 2.41 -13.70 -9.77
CHA DBV HA . 4.85 -9.78 -9.40
CAA DBV HA . 2.15 -9.05 -11.10
NB DBV HA . 6.75 -9.22 -7.76
C1B DBV HA . 6.13 -10.17 -8.68
C2B DBV HA . 7.05 -11.34 -8.75
C3B DBV HA . 8.12 -11.15 -7.88
C4B DBV HA . 7.85 -9.73 -7.27
CHB DBV HA . 8.76 -9.07 -6.24
CMB DBV HA . 6.84 -12.54 -9.57
CAB DBV HA . 9.28 -12.00 -7.56
CBB DBV HA . 8.91 -13.05 -6.52
CGB DBV HA . 8.26 -12.46 -5.23
O1B DBV HA . 8.96 -11.92 -4.37
O2B DBV HA . 6.98 -12.58 -5.22
CHC DBV HA . 7.95 -4.24 -6.02
NC DBV HA . 8.11 -6.77 -6.31
C1C DBV HA . 8.90 -7.78 -5.94
C2C DBV HA . 10.01 -7.30 -5.12
C3C DBV HA . 9.79 -5.92 -5.04
C4C DBV HA . 8.58 -5.60 -5.79
CMC DBV HA . 10.60 -4.90 -4.34
CAC DBV HA . 11.08 -8.18 -4.54
CBC DBV HA . 12.18 -8.60 -5.53
CGC DBV HA . 13.20 -7.50 -5.97
O1C DBV HA . 13.50 -6.61 -5.11
O2C DBV HA . 13.65 -7.55 -7.13
ND DBV HA . 6.76 -3.76 -3.87
C1D DBV HA . 6.68 -3.79 -5.30
C2D DBV HA . 5.84 -2.67 -5.74
C3D DBV HA . 5.45 -1.97 -4.65
C4D DBV HA . 6.02 -2.68 -3.51
CMD DBV HA . 5.50 -2.36 -7.14
CAD DBV HA . 4.56 -0.73 -4.61
CBD DBV HA . 4.74 0.17 -3.66
OD DBV HA . 5.87 -2.32 -2.34
CHC PEB IA . 9.59 -10.94 -26.60
NC PEB IA . 10.42 -11.03 -29.10
C1C PEB IA . 9.87 -11.28 -30.30
C2C PEB IA . 8.47 -11.53 -30.19
C3C PEB IA . 8.19 -11.44 -28.85
C4C PEB IA . 9.38 -11.15 -28.09
CMC PEB IA . 6.89 -11.62 -28.19
CAC PEB IA . 7.53 -11.84 -31.26
CBC PEB IA . 7.30 -13.34 -31.50
CGC PEB IA . 6.31 -13.61 -32.51
O1C PEB IA . 6.26 -12.81 -33.49
O2C PEB IA . 5.56 -14.59 -32.32
ND PEB IA . 7.83 -9.30 -26.20
C1D PEB IA . 9.25 -9.57 -26.06
C2D PEB IA . 9.43 -9.55 -24.58
C3D PEB IA . 8.26 -9.30 -23.94
C4D PEB IA . 7.27 -9.16 -24.97
CMD PEB IA . 10.77 -9.77 -23.97
CAD PEB IA . 7.93 -9.18 -22.48
CBD PEB IA . 7.68 -7.96 -21.98
OD PEB IA . 6.06 -8.93 -24.74
NA PEB IA . 16.63 -8.96 -31.97
C1A PEB IA . 17.89 -8.41 -31.93
C2A PEB IA . 18.71 -9.03 -30.81
C3A PEB IA . 17.73 -10.07 -30.19
C4A PEB IA . 16.44 -9.92 -30.97
CMA PEB IA . 20.11 -9.53 -31.17
CBA PEB IA . 16.84 -9.01 -28.02
OA PEB IA . 18.27 -7.54 -32.69
CHA PEB IA . 15.31 -10.64 -30.76
CAA PEB IA . 17.66 -10.11 -28.68
NB PEB IA . 12.90 -10.94 -30.88
C1B PEB IA . 14.11 -10.80 -31.50
C2B PEB IA . 13.90 -10.96 -32.93
C3B PEB IA . 12.55 -11.17 -33.13
C4B PEB IA . 11.95 -11.13 -31.82
CHB PEB IA . 10.62 -11.27 -31.56
CMB PEB IA . 14.96 -10.91 -33.94
CAB PEB IA . 11.82 -11.36 -34.42
CBB PEB IA . 11.43 -10.13 -35.20
CGB PEB IA . 10.30 -9.44 -34.60
O1B PEB IA . 10.39 -8.18 -34.52
O2B PEB IA . 9.27 -10.18 -34.22
CHC PEB JA . 30.40 -17.12 -46.06
NC PEB JA . 28.70 -16.56 -47.93
C1C PEB JA . 28.68 -16.49 -49.25
C2C PEB JA . 29.95 -16.81 -49.81
C3C PEB JA . 30.77 -17.07 -48.75
C4C PEB JA . 30.02 -16.95 -47.52
CMC PEB JA . 32.19 -17.45 -48.73
CAC PEB JA . 30.28 -16.82 -51.27
CBC PEB JA . 30.74 -15.51 -51.91
CGC PEB JA . 31.94 -14.97 -51.27
O1C PEB JA . 33.03 -15.22 -51.85
O2C PEB JA . 31.79 -14.30 -50.22
ND PEB JA . 31.01 -19.51 -46.29
C1D PEB JA . 30.23 -18.54 -45.55
C2D PEB JA . 30.79 -18.61 -44.19
C3D PEB JA . 31.81 -19.49 -44.12
C4D PEB JA . 31.95 -20.05 -45.45
CMD PEB JA . 30.24 -17.76 -43.14
CAD PEB JA . 32.66 -19.82 -42.94
CBD PEB JA . 33.31 -20.98 -42.83
OD PEB JA . 32.77 -20.90 -45.81
NA PEB JA . 22.17 -13.44 -48.05
C1A PEB JA . 21.12 -12.71 -47.62
C2A PEB JA . 20.55 -13.30 -46.36
C3A PEB JA . 21.48 -14.53 -46.08
C4A PEB JA . 22.45 -14.53 -47.24
CMA PEB JA . 20.38 -12.33 -45.20
CBA PEB JA . 21.46 -16.91 -45.17
OA PEB JA . 20.70 -11.71 -48.19
CHA PEB JA . 23.48 -15.40 -47.46
CAA PEB JA . 20.70 -15.79 -45.87
NB PEB JA . 25.66 -15.82 -48.48
C1B PEB JA . 24.32 -15.53 -48.59
C2B PEB JA . 24.03 -15.38 -50.01
C3B PEB JA . 25.20 -15.59 -50.67
C4B PEB JA . 26.20 -15.87 -49.71
CHB PEB JA . 27.50 -16.13 -50.04
CMB PEB JA . 22.73 -15.06 -50.64
CAB PEB JA . 25.39 -15.57 -52.12
CBB PEB JA . 25.08 -16.92 -52.75
CGB PEB JA . 25.38 -16.93 -54.14
O1B PEB JA . 26.43 -17.52 -54.50
O2B PEB JA . 24.50 -16.29 -54.92
CHC PEB KA . 16.18 -31.19 -20.11
NC PEB KA . 15.67 -29.93 -18.00
C1C PEB KA . 15.74 -30.13 -16.68
C2C PEB KA . 16.22 -31.45 -16.38
C3C PEB KA . 16.47 -32.03 -17.59
C4C PEB KA . 16.12 -31.10 -18.64
CMC PEB KA . 16.98 -33.36 -17.90
CAC PEB KA . 16.45 -32.05 -15.04
CBC PEB KA . 17.92 -32.23 -14.62
CGC PEB KA . 18.74 -31.04 -14.66
O1C PEB KA . 18.27 -30.02 -14.10
O2C PEB KA . 19.83 -31.13 -15.23
ND PEB KA . 18.57 -31.64 -20.26
C1D PEB KA . 17.48 -30.77 -20.63
C2D PEB KA . 17.43 -30.87 -22.09
C3D PEB KA . 18.38 -31.72 -22.57
C4D PEB KA . 19.08 -32.20 -21.38
CMD PEB KA . 16.41 -30.08 -22.82
CAD PEB KA . 18.66 -32.11 -24.00
CBD PEB KA . 19.70 -32.89 -24.35
OD PEB KA . 20.03 -33.00 -21.37
NA PEB KA . 10.99 -24.15 -16.71
C1A PEB KA . 10.07 -23.21 -17.13
C2A PEB KA . 10.26 -22.87 -18.58
C3A PEB KA . 11.49 -23.75 -18.97
C4A PEB KA . 11.86 -24.53 -17.74
CMA PEB KA . 9.02 -23.13 -19.42
CBA PEB KA . 12.36 -22.30 -20.85
OA PEB KA . 9.22 -22.72 -16.42
CHA PEB KA . 12.90 -25.43 -17.68
CAA PEB KA . 12.62 -22.90 -19.47
NB PEB KA . 14.15 -27.41 -16.99
C1B PEB KA . 13.49 -26.25 -16.67
C2B PEB KA . 13.55 -26.11 -15.21
C3B PEB KA . 14.25 -27.18 -14.72
C4B PEB KA . 14.60 -27.97 -15.85
CHB PEB KA . 15.33 -29.12 -15.73
CMB PEB KA . 12.98 -25.02 -14.40
CAB PEB KA . 14.61 -27.54 -13.31
CBB PEB KA . 13.54 -28.29 -12.51
CGB PEB KA . 13.94 -28.50 -11.14
O1B PEB KA . 14.96 -29.23 -10.97
O2B PEB KA . 13.23 -27.94 -10.17
CHC PEB LA . 28.23 -3.88 -32.12
NC PEB LA . 26.15 -2.43 -31.82
C1C PEB LA . 25.76 -1.19 -32.13
C2C PEB LA . 26.78 -0.49 -32.87
C3C PEB LA . 27.84 -1.36 -32.97
C4C PEB LA . 27.49 -2.60 -32.30
CMC PEB LA . 29.15 -1.18 -33.61
CAC PEB LA . 26.68 0.91 -33.40
CBC PEB LA . 27.58 1.95 -32.73
CGC PEB LA . 27.30 3.32 -33.13
O1C PEB LA . 26.13 3.55 -33.52
O2C PEB LA . 28.23 4.14 -33.04
ND PEB LA . 28.54 -4.24 -34.53
C1D PEB LA . 28.14 -4.85 -33.28
C2D PEB LA . 29.13 -5.91 -33.06
C3D PEB LA . 30.05 -5.91 -34.06
C4D PEB LA . 29.66 -4.87 -34.96
CMD PEB LA . 29.02 -6.75 -31.86
CAD PEB LA . 31.26 -6.75 -34.31
CBD PEB LA . 31.24 -7.56 -35.37
OD PEB LA . 30.28 -4.59 -35.99
NA PEB LA . 19.50 -4.11 -29.25
C1A PEB LA . 18.57 -5.03 -28.82
C2A PEB LA . 19.15 -5.98 -27.80
C3A PEB LA . 20.61 -5.44 -27.69
C4A PEB LA . 20.74 -4.28 -28.64
CMA PEB LA . 18.33 -6.01 -26.47
CBA PEB LA . 21.86 -7.15 -29.14
OA PEB LA . 17.39 -5.09 -29.20
CHA PEB LA . 21.88 -3.56 -28.85
CAA PEB LA . 21.71 -6.47 -27.79
NB PEB LA . 23.41 -2.28 -30.31
C1B PEB LA . 22.18 -2.43 -29.68
C2B PEB LA . 21.37 -1.25 -30.03
C3B PEB LA . 22.14 -0.47 -30.86
C4B PEB LA . 23.40 -1.13 -31.01
CHB PEB LA . 24.43 -0.66 -31.78
CMB PEB LA . 19.99 -0.96 -29.58
CAB PEB LA . 21.77 0.83 -31.47
CBB PEB LA . 20.98 0.65 -32.77
CGB PEB LA . 20.42 1.90 -33.24
O1B PEB LA . 21.22 2.87 -33.28
O2B PEB LA . 19.13 1.92 -33.58
CHC PEB MA . 5.69 4.61 -16.29
NC PEB MA . 5.19 6.26 -18.20
C1C PEB MA . 4.26 7.18 -18.49
C2C PEB MA . 3.25 7.23 -17.49
C3C PEB MA . 3.62 6.31 -16.53
C4C PEB MA . 4.87 5.68 -16.93
CMC PEB MA . 2.96 5.94 -15.27
CAC PEB MA . 2.07 8.11 -17.49
CBC PEB MA . 0.84 7.58 -18.26
CGC PEB MA . 0.27 6.35 -17.72
O1C PEB MA . -0.51 6.50 -16.75
O2C PEB MA . 0.56 5.27 -18.27
ND PEB MA . 6.25 5.87 -14.26
C1D PEB MA . 6.75 5.13 -15.39
C2D PEB MA . 7.38 3.97 -14.74
C3D PEB MA . 7.28 3.99 -13.40
C4D PEB MA . 6.55 5.22 -13.11
CMD PEB MA . 8.02 2.94 -15.57
CAD PEB MA . 7.78 3.00 -12.39
CBD PEB MA . 7.88 3.25 -11.10
OD PEB MA . 6.24 5.64 -11.98
NA PEB MA . 7.64 6.89 -25.17
C1A PEB MA . 8.37 6.66 -26.30
C2A PEB MA . 9.82 6.42 -25.93
C3A PEB MA . 9.82 6.52 -24.37
C4A PEB MA . 8.39 6.84 -23.98
CMA PEB MA . 10.45 5.15 -26.50
CBA PEB MA . 11.36 7.26 -22.46
OA PEB MA . 7.92 6.67 -27.43
CHA PEB MA . 7.90 7.03 -22.70
CAA PEB MA . 10.85 7.52 -23.89
NB PEB MA . 6.15 7.33 -21.01
C1B PEB MA . 6.70 7.67 -22.23
C2B PEB MA . 5.87 8.74 -22.77
C3B PEB MA . 4.84 8.97 -21.90
C4B PEB MA . 5.05 8.06 -20.82
CHB PEB MA . 4.25 7.99 -19.72
CMB PEB MA . 6.07 9.43 -24.05
CAB PEB MA . 3.72 9.97 -22.00
CBB PEB MA . 4.09 11.46 -21.73
CGB PEB MA . 3.75 11.90 -20.38
O1B PEB MA . 2.57 11.63 -20.01
O2B PEB MA . 4.67 12.52 -19.65
CHC PEB NA . 37.90 -0.55 -12.45
NC PEB NA . 39.09 -2.56 -13.50
C1C PEB NA . 40.07 -3.41 -13.13
C2C PEB NA . 40.56 -3.16 -11.83
C3C PEB NA . 39.84 -2.07 -11.37
C4C PEB NA . 38.91 -1.65 -12.40
CMC PEB NA . 39.92 -1.37 -10.08
CAC PEB NA . 41.62 -3.94 -11.13
CBC PEB NA . 41.15 -4.83 -9.97
CGC PEB NA . 40.03 -5.69 -10.28
O1C PEB NA . 40.20 -6.52 -11.21
O2C PEB NA . 38.99 -5.55 -9.60
ND PEB NA . 36.55 -1.24 -10.53
C1D PEB NA . 36.58 -0.97 -11.96
C2D PEB NA . 35.66 0.15 -12.13
C3D PEB NA . 35.12 0.55 -10.93
C4D PEB NA . 35.71 -0.36 -9.93
CMD PEB NA . 35.46 0.67 -13.49
CAD PEB NA . 34.15 1.66 -10.65
CBD PEB NA . 33.49 1.77 -9.51
OD PEB NA . 35.49 -0.35 -8.71
NA PEB NA . 40.28 -4.45 -20.55
C1A PEB NA . 40.20 -4.21 -21.89
C2A PEB NA . 38.95 -3.43 -22.23
C3A PEB NA . 38.29 -3.26 -20.83
C4A PEB NA . 39.21 -3.93 -19.84
CMA PEB NA . 39.26 -2.11 -22.95
CBA PEB NA . 35.89 -2.78 -21.52
OA PEB NA . 41.03 -4.58 -22.71
CHA PEB NA . 38.99 -3.99 -18.50
CAA PEB NA . 36.87 -3.70 -20.77
NB PEB NA . 39.62 -4.00 -16.15
C1B PEB NA . 39.72 -4.55 -17.41
C2B PEB NA . 40.65 -5.68 -17.32
C3B PEB NA . 41.05 -5.77 -16.00
C4B PEB NA . 40.38 -4.72 -15.32
CHB PEB NA . 40.55 -4.48 -13.99
CMB PEB NA . 41.06 -6.57 -18.41
CAB PEB NA . 42.00 -6.73 -15.37
CBB PEB NA . 43.46 -6.21 -15.50
CGB PEB NA . 44.47 -7.15 -15.04
O1B PEB NA . 44.06 -8.15 -14.40
O2B PEB NA . 45.74 -6.84 -15.30
NA DBV OA . -2.40 19.92 -31.70
C1A DBV OA . -1.96 21.13 -32.14
C2A DBV OA . -2.49 21.52 -33.40
C3A DBV OA . -3.36 20.44 -33.76
C4A DBV OA . -3.28 19.49 -32.66
CMA DBV OA . -2.15 22.80 -34.08
CBA DBV OA . -5.51 20.47 -34.89
OA DBV OA . -1.15 21.80 -31.50
CHA DBV OA . -3.88 18.30 -32.54
CAA DBV OA . -4.17 20.36 -35.02
NB DBV OA . -3.84 15.92 -31.58
C1B DBV OA . -3.77 17.37 -31.34
C2B DBV OA . -3.62 17.58 -29.89
C3B DBV OA . -3.59 16.34 -29.25
C4B DBV OA . -3.70 15.29 -30.44
CHB DBV OA . -3.74 13.77 -30.28
CMB DBV OA . -3.55 18.89 -29.21
CAB DBV OA . -3.44 16.04 -27.79
CBB DBV OA . -1.98 16.10 -27.34
CGB DBV OA . -0.97 15.37 -28.32
O1B DBV OA . -1.00 14.14 -28.39
O2B DBV OA . -0.21 16.12 -29.02
CHC DBV OA . -5.74 11.78 -34.32
NC DBV OA . -4.68 13.07 -32.38
C1C DBV OA . -4.27 12.86 -31.13
C2C DBV OA . -4.54 11.48 -30.75
C3C DBV OA . -5.10 10.93 -31.89
C4C DBV OA . -5.20 11.93 -32.91
CMC DBV OA . -5.56 9.56 -32.10
CAC DBV OA . -4.24 10.87 -29.42
CBC DBV OA . -5.20 11.30 -28.28
CGC DBV OA . -6.58 10.54 -28.13
O1C DBV OA . -6.67 9.39 -28.67
O2C DBV OA . -7.49 11.13 -27.50
ND DBV OA . -3.83 10.64 -35.32
C1D DBV OA . -4.81 11.66 -35.49
C2D DBV OA . -5.15 11.74 -36.90
C3D DBV OA . -4.46 10.81 -37.58
C4D DBV OA . -3.64 10.13 -36.57
CMD DBV OA . -6.14 12.70 -37.43
CAD DBV OA . -4.49 10.50 -39.06
CBD DBV OA . -4.16 9.30 -39.50
OD DBV OA . -2.84 9.21 -36.80
NA DBV PA . -41.47 20.46 -6.41
C1A DBV PA . -42.61 19.89 -6.93
C2A DBV PA . -43.45 20.82 -7.61
C3A DBV PA . -42.76 22.05 -7.50
C4A DBV PA . -41.54 21.78 -6.76
CMA DBV PA . -44.75 20.48 -8.27
CBA DBV PA . -42.52 23.86 -9.08
OA DBV PA . -42.87 18.68 -6.79
CHA DBV PA . -40.55 22.64 -6.38
CAA DBV PA . -43.25 23.34 -8.07
NB DBV PA . -38.61 23.23 -4.76
C1B DBV PA . -39.24 22.27 -5.67
C2B DBV PA . -38.33 21.10 -5.76
C3B DBV PA . -37.25 21.31 -4.90
C4B DBV PA . -37.53 22.70 -4.24
CHB DBV PA . -36.55 23.34 -3.27
CMB DBV PA . -38.54 19.90 -6.59
CAB DBV PA . -36.07 20.45 -4.59
CBB DBV PA . -36.40 19.38 -3.56
CGB DBV PA . -37.11 19.95 -2.30
O1B DBV PA . -36.47 20.57 -1.45
O2B DBV PA . -38.37 19.75 -2.31
CHC DBV PA . -37.28 28.14 -3.15
NC DBV PA . -37.12 25.65 -3.33
C1C DBV PA . -36.36 24.64 -2.96
C2C DBV PA . -35.22 25.11 -2.17
C3C DBV PA . -35.41 26.49 -2.12
C4C DBV PA . -36.63 26.82 -2.84
CMC DBV PA . -34.56 27.48 -1.45
CAC DBV PA . -34.15 24.27 -1.57
CBC DBV PA . -33.15 23.72 -2.61
CGC DBV PA . -32.06 24.70 -3.11
O1C DBV PA . -31.67 25.59 -2.30
O2C DBV PA . -31.65 24.53 -4.28
ND DBV PA . -38.40 28.76 -0.98
C1D DBV PA . -38.49 28.68 -2.41
C2D DBV PA . -39.30 29.78 -2.90
C3D DBV PA . -39.67 30.57 -1.87
C4D DBV PA . -39.11 29.90 -0.68
CMD DBV PA . -39.60 30.01 -4.33
CAD DBV PA . -40.51 31.84 -1.90
CBD DBV PA . -40.44 32.75 -0.94
OD DBV PA . -39.25 30.32 0.48
CHC PEB QA . -35.91 21.39 -23.62
NC PEB QA . -35.12 21.25 -26.09
C1C PEB QA . -35.70 21.03 -27.28
C2C PEB QA . -37.09 20.81 -27.14
C3C PEB QA . -37.37 20.91 -25.81
C4C PEB QA . -36.15 21.21 -25.09
CMC PEB QA . -38.66 20.77 -25.12
CAC PEB QA . -38.04 20.52 -28.24
CBC PEB QA . -38.22 19.02 -28.50
CGC PEB QA . -39.28 18.69 -29.44
O1C PEB QA . -39.40 19.44 -30.43
O2C PEB QA . -39.98 17.69 -29.17
ND PEB QA . -37.57 23.13 -23.21
C1D PEB QA . -36.17 22.76 -23.12
C2D PEB QA . -35.99 22.69 -21.64
C3D PEB QA . -37.15 22.96 -20.98
C4D PEB QA . -38.12 23.25 -21.98
CMD PEB QA . -34.68 22.34 -21.07
CAD PEB QA . -37.48 23.03 -19.54
CBD PEB QA . -37.69 24.23 -18.99
OD PEB QA . -39.30 23.55 -21.75
NA PEB QA . -28.98 23.12 -29.06
C1A PEB QA . -27.74 23.68 -29.04
C2A PEB QA . -26.92 23.15 -27.89
C3A PEB QA . -27.92 22.15 -27.20
C4A PEB QA . -29.19 22.24 -28.02
CMA PEB QA . -25.58 22.55 -28.30
CBA PEB QA . -28.88 23.46 -25.17
OA PEB QA . -27.34 24.49 -29.86
CHA PEB QA . -30.29 21.52 -27.79
CAA PEB QA . -28.03 22.27 -25.70
NB PEB QA . -32.73 21.30 -27.87
C1B PEB QA . -31.51 21.38 -28.50
C2B PEB QA . -31.74 21.25 -29.93
C3B PEB QA . -33.10 21.09 -30.10
C4B PEB QA . -33.67 21.15 -28.80
CHB PEB QA . -34.98 21.02 -28.54
CMB PEB QA . -30.70 21.26 -30.96
CAB PEB QA . -33.86 20.92 -31.37
CBB PEB QA . -34.07 22.21 -32.15
CGB PEB QA . -35.19 23.00 -31.67
O1B PEB QA . -36.21 22.36 -31.30
O2B PEB QA . -35.04 24.33 -31.69
CHC PEB RA . -15.69 15.03 -43.18
NC PEB RA . -17.33 15.57 -45.08
C1C PEB RA . -17.29 15.68 -46.40
C2C PEB RA . -15.97 15.44 -46.91
C3C PEB RA . -15.20 15.15 -45.82
C4C PEB RA . -16.02 15.22 -44.62
CMC PEB RA . -13.77 14.83 -45.75
CAC PEB RA . -15.58 15.47 -48.33
CBC PEB RA . -15.21 16.82 -48.95
CGC PEB RA . -14.07 17.48 -48.31
O1C PEB RA . -12.93 17.17 -48.77
O2C PEB RA . -14.30 18.30 -47.41
ND PEB RA . -14.98 12.74 -43.45
C1D PEB RA . -15.82 13.62 -42.69
C2D PEB RA . -15.19 13.60 -41.36
C3D PEB RA . -14.09 12.83 -41.33
C4D PEB RA . -13.97 12.30 -42.68
CMD PEB RA . -15.80 14.38 -40.28
CAD PEB RA . -13.16 12.56 -40.20
CBD PEB RA . -12.46 11.42 -40.13
OD PEB RA . -13.08 11.54 -43.09
NA PEB RA . -23.66 18.72 -45.19
C1A PEB RA . -24.74 19.43 -44.78
C2A PEB RA . -25.38 18.76 -43.58
C3A PEB RA . -24.47 17.51 -43.33
C4A PEB RA . -23.42 17.59 -44.43
CMA PEB RA . -25.52 19.67 -42.40
CBA PEB RA . -24.51 15.13 -42.38
OA PEB RA . -25.13 20.46 -45.32
CHA PEB RA . -22.43 16.75 -44.62
CAA PEB RA . -25.20 16.21 -43.22
NB PEB RA . -20.27 16.34 -45.63
C1B PEB RA . -21.61 16.63 -45.74
C2B PEB RA . -21.92 16.76 -47.16
C3B PEB RA . -20.76 16.56 -47.83
C4B PEB RA . -19.76 16.27 -46.87
CHB PEB RA . -18.45 16.03 -47.20
CMB PEB RA . -23.22 17.07 -47.78
CAB PEB RA . -20.56 16.56 -49.27
CBB PEB RA . -20.89 15.19 -49.84
CGB PEB RA . -20.55 15.11 -51.20
O1B PEB RA . -19.47 14.51 -51.46
O2B PEB RA . -21.39 15.69 -52.04
CHC PEB SA . -29.45 0.94 -17.20
NC PEB SA . -29.85 2.27 -15.06
C1C PEB SA . -29.75 2.06 -13.75
C2C PEB SA . -29.29 0.73 -13.47
C3C PEB SA . -29.11 0.15 -14.69
C4C PEB SA . -29.44 1.09 -15.73
CMC PEB SA . -28.65 -1.20 -15.03
CAC PEB SA . -29.03 0.14 -12.13
CBC PEB SA . -27.55 -0.16 -11.81
CGC PEB SA . -26.66 0.99 -11.85
O1C PEB SA . -27.11 2.06 -11.37
O2C PEB SA . -25.54 0.83 -12.39
ND PEB SA . -26.98 0.62 -17.36
C1D PEB SA . -28.14 1.40 -17.74
C2D PEB SA . -28.15 1.30 -19.20
C3D PEB SA . -27.11 0.57 -19.67
C4D PEB SA . -26.38 0.15 -18.47
CMD PEB SA . -29.23 1.99 -19.94
CAD PEB SA . -26.76 0.23 -21.10
CBD PEB SA . -25.61 -0.35 -21.44
OD PEB SA . -25.35 -0.55 -18.44
NA PEB SA . -34.22 8.08 -13.72
C1A PEB SA . -35.17 8.99 -14.11
C2A PEB SA . -35.00 9.35 -15.57
C3A PEB SA . -33.77 8.49 -15.99
C4A PEB SA . -33.37 7.71 -14.76
CMA PEB SA . -36.23 9.12 -16.44
CBA PEB SA . -33.00 10.00 -17.86
OA PEB SA . -36.02 9.44 -13.37
CHA PEB SA . -32.33 6.84 -14.71
CAA PEB SA . -32.68 9.39 -16.48
NB PEB SA . -31.17 4.82 -13.98
C1B PEB SA . -31.79 6.00 -13.68
C2B PEB SA . -31.71 6.18 -12.23
C3B PEB SA . -31.06 5.09 -11.71
C4B PEB SA . -30.72 4.28 -12.84
CHB PEB SA . -30.08 3.08 -12.75
CMB PEB SA . -32.23 7.30 -11.42
CAB PEB SA . -30.74 4.81 -10.28
CBB PEB SA . -31.90 4.20 -9.47
CGB PEB SA . -31.57 4.00 -8.08
O1B PEB SA . -30.50 3.37 -7.86
O2B PEB SA . -32.40 4.48 -7.16
CHC PEB TA . -17.30 28.28 -29.59
NC PEB TA . -19.39 29.77 -29.22
C1C PEB TA . -19.78 31.01 -29.51
C2C PEB TA . -18.73 31.72 -30.23
C3C PEB TA . -17.68 30.83 -30.36
C4C PEB TA . -18.05 29.58 -29.73
CMC PEB TA . -16.36 30.98 -31.00
CAC PEB TA . -18.86 33.14 -30.71
CBC PEB TA . -18.01 34.18 -29.95
CGC PEB TA . -18.14 35.54 -30.48
O1C PEB TA . -19.28 35.85 -30.92
O2C PEB TA . -17.15 36.28 -30.43
ND PEB TA . -17.12 27.94 -31.98
C1D PEB TA . -17.49 27.32 -30.74
C2D PEB TA . -16.49 26.25 -30.60
C3D PEB TA . -15.61 26.26 -31.62
C4D PEB TA . -16.02 27.33 -32.47
CMD PEB TA . -16.54 25.36 -29.42
CAD PEB TA . -14.42 25.39 -31.88
CBD PEB TA . -14.41 24.63 -32.96
OD PEB TA . -15.45 27.66 -33.51
NA PEB TA . -25.97 28.15 -26.57
C1A PEB TA . -26.90 27.27 -26.10
C2A PEB TA . -26.32 26.37 -25.02
C3A PEB TA . -24.86 26.88 -24.95
C4A PEB TA . -24.73 28.01 -25.94
CMA PEB TA . -27.07 26.37 -23.68
CBA PEB TA . -23.59 25.19 -26.45
OA PEB TA . -28.05 27.24 -26.52
CHA PEB TA . -23.60 28.70 -26.19
CAA PEB TA . -23.84 25.77 -25.04
NB PEB TA . -22.13 29.98 -27.66
C1B PEB TA . -23.34 29.84 -27.01
C2B PEB TA . -24.13 31.02 -27.35
C3B PEB TA . -23.38 31.79 -28.20
C4B PEB TA . -22.12 31.12 -28.35
CHB PEB TA . -21.10 31.56 -29.14
CMB PEB TA . -25.51 31.30 -26.88
CAB PEB TA . -23.75 33.10 -28.81
CBB PEB TA . -24.68 32.96 -30.02
CGB PEB TA . -24.97 34.22 -30.67
O1B PEB TA . -24.04 35.06 -30.73
O2B PEB TA . -26.21 34.38 -31.13
CHC PEB UA . -39.65 36.81 -13.40
NC PEB UA . -40.14 38.47 -15.33
C1C PEB UA . -41.05 39.43 -15.58
C2C PEB UA . -42.00 39.52 -14.52
C3C PEB UA . -41.63 38.60 -13.58
C4C PEB UA . -40.45 37.91 -14.03
CMC PEB UA . -42.27 38.30 -12.28
CAC PEB UA . -43.15 40.43 -14.45
CBC PEB UA . -44.36 39.96 -15.27
CGC PEB UA . -45.02 38.84 -14.64
O1C PEB UA . -45.60 39.11 -13.56
O2C PEB UA . -44.96 37.74 -15.22
ND PEB UA . -39.05 38.08 -11.42
C1D PEB UA . -38.56 37.32 -12.54
C2D PEB UA . -37.86 36.19 -11.91
C3D PEB UA . -37.91 36.26 -10.55
C4D PEB UA . -38.68 37.47 -10.27
CMD PEB UA . -37.21 35.18 -12.75
CAD PEB UA . -37.34 35.32 -9.54
CBD PEB UA . -37.07 35.67 -8.29
OD PEB UA . -38.97 37.89 -9.14
NA PEB UA . -37.82 39.11 -22.44
C1A PEB UA . -37.06 38.82 -23.55
C2A PEB UA . -35.63 38.54 -23.13
C3A PEB UA . -35.68 38.68 -21.57
C4A PEB UA . -37.10 39.05 -21.23
CMA PEB UA . -35.09 37.20 -23.64
CBA PEB UA . -34.20 39.36 -19.64
OA PEB UA . -37.44 38.80 -24.70
CHA PEB UA . -37.59 39.27 -19.97
CAA PEB UA . -34.64 39.63 -21.08
NB PEB UA . -39.27 39.58 -18.22
C1B PEB UA . -38.75 39.92 -19.45
C2B PEB UA . -39.57 41.00 -19.97
C3B PEB UA . -40.58 41.25 -19.06
C4B PEB UA . -40.34 40.31 -17.96
CHB PEB UA . -41.10 40.25 -16.82
CMB PEB UA . -39.38 41.69 -21.25
CAB PEB UA . -41.68 42.26 -19.14
CBB PEB UA . -41.25 43.71 -18.80
CGB PEB UA . -41.13 43.96 -17.37
O1B PEB UA . -41.91 43.30 -16.64
O2B PEB UA . -40.23 44.85 -16.95
CHC PEB VA . -7.63 31.74 -9.97
NC PEB VA . -6.37 29.77 -11.06
C1C PEB VA . -5.40 28.92 -10.71
C2C PEB VA . -4.93 29.17 -9.39
C3C PEB VA . -5.70 30.22 -8.92
C4C PEB VA . -6.61 30.64 -9.95
CMC PEB VA . -5.68 30.91 -7.61
CAC PEB VA . -3.88 28.40 -8.66
CBC PEB VA . -4.38 27.53 -7.47
CGC PEB VA . -5.49 26.62 -7.74
O1C PEB VA . -5.33 25.78 -8.67
O2C PEB VA . -6.52 26.75 -7.05
ND PEB VA . -8.95 30.97 -8.06
C1D PEB VA . -8.97 31.33 -9.46
C2D PEB VA . -9.86 32.50 -9.48
C3D PEB VA . -10.32 32.82 -8.24
C4D PEB VA . -9.72 31.83 -7.36
CMD PEB VA . -10.14 33.17 -10.74
CAD PEB VA . -11.22 33.94 -7.83
CBD PEB VA . -11.70 34.09 -6.60
OD PEB VA . -9.88 31.77 -6.14
NA PEB VA . -5.20 27.92 -18.19
C1A PEB VA . -5.30 28.17 -19.52
C2A PEB VA . -6.54 29.00 -19.83
C3A PEB VA . -7.17 29.18 -18.41
C4A PEB VA . -6.25 28.45 -17.46
CMA PEB VA . -6.24 30.34 -20.52
CBA PEB VA . -9.53 29.69 -19.17
OA PEB VA . -4.49 27.80 -20.35
CHA PEB VA . -6.46 28.39 -16.11
CAA PEB VA . -8.61 28.77 -18.35
NB PEB VA . -5.80 28.37 -13.78
C1B PEB VA . -5.72 27.83 -15.04
C2B PEB VA . -4.80 26.69 -14.97
C3B PEB VA . -4.37 26.58 -13.67
C4B PEB VA . -5.03 27.64 -12.94
CHB PEB VA . -4.86 27.89 -11.61
CMB PEB VA . -4.39 25.80 -16.07
CAB PEB VA . -3.42 25.60 -13.10
CBB PEB VA . -1.97 26.11 -13.33
CGB PEB VA . -0.92 25.44 -12.60
O1B PEB VA . -1.24 24.39 -11.99
O2B PEB VA . 0.30 25.99 -12.63
#